data_1RXI
# 
_entry.id   1RXI 
# 
_audit_conform.dict_name       mmcif_pdbx.dic 
_audit_conform.dict_version    5.386 
_audit_conform.dict_location   http://mmcif.pdb.org/dictionaries/ascii/mmcif_pdbx.dic 
# 
loop_
_database_2.database_id 
_database_2.database_code 
_database_2.pdbx_database_accession 
_database_2.pdbx_DOI 
PDB   1RXI         pdb_00001rxi 10.2210/pdb1rxi/pdb 
RCSB  RCSB021118   ?            ?                   
WWPDB D_1000021118 ?            ?                   
# 
loop_
_pdbx_audit_revision_history.ordinal 
_pdbx_audit_revision_history.data_content_type 
_pdbx_audit_revision_history.major_revision 
_pdbx_audit_revision_history.minor_revision 
_pdbx_audit_revision_history.revision_date 
1 'Structure model' 1 0 2004-06-01 
2 'Structure model' 1 1 2008-04-29 
3 'Structure model' 1 2 2011-07-13 
4 'Structure model' 1 3 2021-10-27 
5 'Structure model' 1 4 2024-02-14 
# 
_pdbx_audit_revision_details.ordinal             1 
_pdbx_audit_revision_details.revision_ordinal    1 
_pdbx_audit_revision_details.data_content_type   'Structure model' 
_pdbx_audit_revision_details.provider            repository 
_pdbx_audit_revision_details.type                'Initial release' 
_pdbx_audit_revision_details.description         ? 
_pdbx_audit_revision_details.details             ? 
# 
loop_
_pdbx_audit_revision_group.ordinal 
_pdbx_audit_revision_group.revision_ordinal 
_pdbx_audit_revision_group.data_content_type 
_pdbx_audit_revision_group.group 
1 2 'Structure model' 'Version format compliance' 
2 3 'Structure model' 'Version format compliance' 
3 4 'Structure model' 'Database references'       
4 4 'Structure model' 'Derived calculations'      
5 5 'Structure model' 'Data collection'           
# 
loop_
_pdbx_audit_revision_category.ordinal 
_pdbx_audit_revision_category.revision_ordinal 
_pdbx_audit_revision_category.data_content_type 
_pdbx_audit_revision_category.category 
1 4 'Structure model' database_2             
2 4 'Structure model' pdbx_struct_conn_angle 
3 4 'Structure model' struct_conn            
4 4 'Structure model' struct_ref_seq_dif     
5 4 'Structure model' struct_site            
6 5 'Structure model' chem_comp_atom         
7 5 'Structure model' chem_comp_bond         
# 
loop_
_pdbx_audit_revision_item.ordinal 
_pdbx_audit_revision_item.revision_ordinal 
_pdbx_audit_revision_item.data_content_type 
_pdbx_audit_revision_item.item 
1  4 'Structure model' '_database_2.pdbx_DOI'                        
2  4 'Structure model' '_database_2.pdbx_database_accession'         
3  4 'Structure model' '_pdbx_struct_conn_angle.ptnr1_auth_comp_id'  
4  4 'Structure model' '_pdbx_struct_conn_angle.ptnr1_auth_seq_id'   
5  4 'Structure model' '_pdbx_struct_conn_angle.ptnr1_label_asym_id' 
6  4 'Structure model' '_pdbx_struct_conn_angle.ptnr1_label_atom_id' 
7  4 'Structure model' '_pdbx_struct_conn_angle.ptnr1_label_comp_id' 
8  4 'Structure model' '_pdbx_struct_conn_angle.ptnr1_label_seq_id'  
9  4 'Structure model' '_pdbx_struct_conn_angle.ptnr3_auth_comp_id'  
10 4 'Structure model' '_pdbx_struct_conn_angle.ptnr3_auth_seq_id'   
11 4 'Structure model' '_pdbx_struct_conn_angle.ptnr3_label_asym_id' 
12 4 'Structure model' '_pdbx_struct_conn_angle.ptnr3_label_atom_id' 
13 4 'Structure model' '_pdbx_struct_conn_angle.ptnr3_label_comp_id' 
14 4 'Structure model' '_pdbx_struct_conn_angle.ptnr3_label_seq_id'  
15 4 'Structure model' '_pdbx_struct_conn_angle.value'               
16 4 'Structure model' '_struct_conn.pdbx_dist_value'                
17 4 'Structure model' '_struct_conn.ptnr1_auth_comp_id'             
18 4 'Structure model' '_struct_conn.ptnr1_auth_seq_id'              
19 4 'Structure model' '_struct_conn.ptnr1_label_asym_id'            
20 4 'Structure model' '_struct_conn.ptnr1_label_atom_id'            
21 4 'Structure model' '_struct_conn.ptnr1_label_comp_id'            
22 4 'Structure model' '_struct_conn.ptnr1_label_seq_id'             
23 4 'Structure model' '_struct_conn.ptnr2_auth_comp_id'             
24 4 'Structure model' '_struct_conn.ptnr2_auth_seq_id'              
25 4 'Structure model' '_struct_conn.ptnr2_label_asym_id'            
26 4 'Structure model' '_struct_conn.ptnr2_label_atom_id'            
27 4 'Structure model' '_struct_conn.ptnr2_label_comp_id'            
28 4 'Structure model' '_struct_conn.ptnr2_label_seq_id'             
29 4 'Structure model' '_struct_ref_seq_dif.details'                 
30 4 'Structure model' '_struct_site.pdbx_auth_asym_id'              
31 4 'Structure model' '_struct_site.pdbx_auth_comp_id'              
32 4 'Structure model' '_struct_site.pdbx_auth_seq_id'               
# 
_pdbx_database_status.status_code                     REL 
_pdbx_database_status.entry_id                        1RXI 
_pdbx_database_status.recvd_initial_deposition_date   2003-12-18 
_pdbx_database_status.deposit_site                    RCSB 
_pdbx_database_status.process_site                    RCSB 
_pdbx_database_status.status_code_sf                  REL 
_pdbx_database_status.SG_entry                        . 
_pdbx_database_status.pdb_format_compatible           Y 
_pdbx_database_status.status_code_mr                  ? 
_pdbx_database_status.status_code_cs                  ? 
_pdbx_database_status.status_code_nmr_data            ? 
_pdbx_database_status.methods_development_category    ? 
# 
loop_
_pdbx_database_related.db_name 
_pdbx_database_related.db_id 
_pdbx_database_related.details 
_pdbx_database_related.content_type 
PDB 1rxe 'C10S/C15A/C82S mutant of ArsC complexed with MNB (TNB)' unspecified 
PDB 1ljl 'wild-type ArsC in its reduced state'                    unspecified 
# 
loop_
_audit_author.name 
_audit_author.pdbx_ordinal 
'Messens, J.'        1 
'Van Molle, I.'      2 
'Vanhaesebrouck, P.' 3 
'Limbourg, M.'       4 
'Van Belle, K.'      5 
'Wahni, K.'          6 
'Martins, J.C.'      7 
'Loris, R.'          8 
'Wyns, L.'           9 
# 
_citation.id                        primary 
_citation.title                     
'The structure of a triple mutant of pI258 arsenate reductase from Staphylococcus aureus and its 5-thio-2-nitrobenzoic acid adduct.' 
_citation.journal_abbrev            'Acta Crystallogr.,Sect.D' 
_citation.journal_volume            60 
_citation.page_first                1180 
_citation.page_last                 1184 
_citation.year                      2004 
_citation.journal_id_ASTM           ABCRE6 
_citation.country                   DK 
_citation.journal_id_ISSN           0907-4449 
_citation.journal_id_CSD            0766 
_citation.book_publisher            ? 
_citation.pdbx_database_id_PubMed   15159594 
_citation.pdbx_database_id_DOI      10.1107/S0907444904007334 
# 
loop_
_citation_author.citation_id 
_citation_author.name 
_citation_author.ordinal 
_citation_author.identifier_ORCID 
primary 'Messens, J.'        1 ? 
primary 'Van Molle, I.'      2 ? 
primary 'Vanhaesebrouck, P.' 3 ? 
primary 'Van Belle, K.'      4 ? 
primary 'Wahni, K.'          5 ? 
primary 'Martins, J.C.'      6 ? 
primary 'Wyns, L.'           7 ? 
primary 'Loris, R.'          8 ? 
# 
loop_
_entity.id 
_entity.type 
_entity.src_method 
_entity.pdbx_description 
_entity.formula_weight 
_entity.pdbx_number_of_molecules 
_entity.pdbx_ec 
_entity.pdbx_mutation 
_entity.pdbx_fragment 
_entity.details 
1 polymer     man 'Arsenate reductase' 14767.542 1   1.20.4.1 'C10S, C15A, C82S' ? ? 
2 non-polymer syn 'POTASSIUM ION'      39.098    1   ?        ?                  ? ? 
3 non-polymer syn 'PERCHLORATE ION'    99.451    1   ?        ?                  ? ? 
4 non-polymer syn 'CHLORIDE ION'       35.453    1   ?        ?                  ? ? 
5 water       nat water                18.015    199 ?        ?                  ? ? 
# 
_entity_name_com.entity_id   1 
_entity_name_com.name        'ARSC, Arsenical pump modifier' 
# 
_entity_poly.entity_id                      1 
_entity_poly.type                           'polypeptide(L)' 
_entity_poly.nstd_linkage                   no 
_entity_poly.nstd_monomer                   no 
_entity_poly.pdbx_seq_one_letter_code       
;MDKKTIYFISTGNSARSQMAEGWGKEILGEGWNVYSAGIETHGVNPKAIEAMKEVDIDISNHTSDLIDNDILKQSDLVVT
LSSDADNNCPILPPNVKKEHWGFDDPAGKEWSEFQRVRDEIKLAIEKFKLR
;
_entity_poly.pdbx_seq_one_letter_code_can   
;MDKKTIYFISTGNSARSQMAEGWGKEILGEGWNVYSAGIETHGVNPKAIEAMKEVDIDISNHTSDLIDNDILKQSDLVVT
LSSDADNNCPILPPNVKKEHWGFDDPAGKEWSEFQRVRDEIKLAIEKFKLR
;
_entity_poly.pdbx_strand_id                 A 
_entity_poly.pdbx_target_identifier         ? 
# 
loop_
_pdbx_entity_nonpoly.entity_id 
_pdbx_entity_nonpoly.name 
_pdbx_entity_nonpoly.comp_id 
2 'POTASSIUM ION'   K   
3 'PERCHLORATE ION' LCP 
4 'CHLORIDE ION'    CL  
5 water             HOH 
# 
loop_
_entity_poly_seq.entity_id 
_entity_poly_seq.num 
_entity_poly_seq.mon_id 
_entity_poly_seq.hetero 
1 1   MET n 
1 2   ASP n 
1 3   LYS n 
1 4   LYS n 
1 5   THR n 
1 6   ILE n 
1 7   TYR n 
1 8   PHE n 
1 9   ILE n 
1 10  SER n 
1 11  THR n 
1 12  GLY n 
1 13  ASN n 
1 14  SER n 
1 15  ALA n 
1 16  ARG n 
1 17  SER n 
1 18  GLN n 
1 19  MET n 
1 20  ALA n 
1 21  GLU n 
1 22  GLY n 
1 23  TRP n 
1 24  GLY n 
1 25  LYS n 
1 26  GLU n 
1 27  ILE n 
1 28  LEU n 
1 29  GLY n 
1 30  GLU n 
1 31  GLY n 
1 32  TRP n 
1 33  ASN n 
1 34  VAL n 
1 35  TYR n 
1 36  SER n 
1 37  ALA n 
1 38  GLY n 
1 39  ILE n 
1 40  GLU n 
1 41  THR n 
1 42  HIS n 
1 43  GLY n 
1 44  VAL n 
1 45  ASN n 
1 46  PRO n 
1 47  LYS n 
1 48  ALA n 
1 49  ILE n 
1 50  GLU n 
1 51  ALA n 
1 52  MET n 
1 53  LYS n 
1 54  GLU n 
1 55  VAL n 
1 56  ASP n 
1 57  ILE n 
1 58  ASP n 
1 59  ILE n 
1 60  SER n 
1 61  ASN n 
1 62  HIS n 
1 63  THR n 
1 64  SER n 
1 65  ASP n 
1 66  LEU n 
1 67  ILE n 
1 68  ASP n 
1 69  ASN n 
1 70  ASP n 
1 71  ILE n 
1 72  LEU n 
1 73  LYS n 
1 74  GLN n 
1 75  SER n 
1 76  ASP n 
1 77  LEU n 
1 78  VAL n 
1 79  VAL n 
1 80  THR n 
1 81  LEU n 
1 82  SER n 
1 83  SER n 
1 84  ASP n 
1 85  ALA n 
1 86  ASP n 
1 87  ASN n 
1 88  ASN n 
1 89  CYS n 
1 90  PRO n 
1 91  ILE n 
1 92  LEU n 
1 93  PRO n 
1 94  PRO n 
1 95  ASN n 
1 96  VAL n 
1 97  LYS n 
1 98  LYS n 
1 99  GLU n 
1 100 HIS n 
1 101 TRP n 
1 102 GLY n 
1 103 PHE n 
1 104 ASP n 
1 105 ASP n 
1 106 PRO n 
1 107 ALA n 
1 108 GLY n 
1 109 LYS n 
1 110 GLU n 
1 111 TRP n 
1 112 SER n 
1 113 GLU n 
1 114 PHE n 
1 115 GLN n 
1 116 ARG n 
1 117 VAL n 
1 118 ARG n 
1 119 ASP n 
1 120 GLU n 
1 121 ILE n 
1 122 LYS n 
1 123 LEU n 
1 124 ALA n 
1 125 ILE n 
1 126 GLU n 
1 127 LYS n 
1 128 PHE n 
1 129 LYS n 
1 130 LEU n 
1 131 ARG n 
# 
_entity_src_gen.entity_id                          1 
_entity_src_gen.pdbx_src_id                        1 
_entity_src_gen.pdbx_alt_source_flag               sample 
_entity_src_gen.pdbx_seq_type                      ? 
_entity_src_gen.pdbx_beg_seq_num                   ? 
_entity_src_gen.pdbx_end_seq_num                   ? 
_entity_src_gen.gene_src_common_name               ? 
_entity_src_gen.gene_src_genus                     Staphylococcus 
_entity_src_gen.pdbx_gene_src_gene                 'ARSC, SAP018' 
_entity_src_gen.gene_src_species                   ? 
_entity_src_gen.gene_src_strain                    ? 
_entity_src_gen.gene_src_tissue                    ? 
_entity_src_gen.gene_src_tissue_fraction           ? 
_entity_src_gen.gene_src_details                   ? 
_entity_src_gen.pdbx_gene_src_fragment             ? 
_entity_src_gen.pdbx_gene_src_scientific_name      'Staphylococcus aureus' 
_entity_src_gen.pdbx_gene_src_ncbi_taxonomy_id     1280 
_entity_src_gen.pdbx_gene_src_variant              ? 
_entity_src_gen.pdbx_gene_src_cell_line            ? 
_entity_src_gen.pdbx_gene_src_atcc                 ? 
_entity_src_gen.pdbx_gene_src_organ                ? 
_entity_src_gen.pdbx_gene_src_organelle            ? 
_entity_src_gen.pdbx_gene_src_cell                 ? 
_entity_src_gen.pdbx_gene_src_cellular_location    ? 
_entity_src_gen.host_org_common_name               ? 
_entity_src_gen.pdbx_host_org_scientific_name      'Escherichia coli' 
_entity_src_gen.pdbx_host_org_ncbi_taxonomy_id     562 
_entity_src_gen.host_org_genus                     Escherichia 
_entity_src_gen.pdbx_host_org_gene                 ? 
_entity_src_gen.pdbx_host_org_organ                ? 
_entity_src_gen.host_org_species                   ? 
_entity_src_gen.pdbx_host_org_tissue               ? 
_entity_src_gen.pdbx_host_org_tissue_fraction      ? 
_entity_src_gen.pdbx_host_org_strain               ? 
_entity_src_gen.pdbx_host_org_variant              ? 
_entity_src_gen.pdbx_host_org_cell_line            ? 
_entity_src_gen.pdbx_host_org_atcc                 ? 
_entity_src_gen.pdbx_host_org_culture_collection   ? 
_entity_src_gen.pdbx_host_org_cell                 ? 
_entity_src_gen.pdbx_host_org_organelle            ? 
_entity_src_gen.pdbx_host_org_cellular_location    ? 
_entity_src_gen.pdbx_host_org_vector_type          ? 
_entity_src_gen.pdbx_host_org_vector               ? 
_entity_src_gen.host_org_details                   ? 
_entity_src_gen.expression_system_id               ? 
_entity_src_gen.plasmid_name                       ? 
_entity_src_gen.plasmid_details                    ? 
_entity_src_gen.pdbx_description                   ? 
# 
loop_
_chem_comp.id 
_chem_comp.type 
_chem_comp.mon_nstd_flag 
_chem_comp.name 
_chem_comp.pdbx_synonyms 
_chem_comp.formula 
_chem_comp.formula_weight 
ALA 'L-peptide linking' y ALANINE           ? 'C3 H7 N O2'     89.093  
ARG 'L-peptide linking' y ARGININE          ? 'C6 H15 N4 O2 1' 175.209 
ASN 'L-peptide linking' y ASPARAGINE        ? 'C4 H8 N2 O3'    132.118 
ASP 'L-peptide linking' y 'ASPARTIC ACID'   ? 'C4 H7 N O4'     133.103 
CL  non-polymer         . 'CHLORIDE ION'    ? 'Cl -1'          35.453  
CYS 'L-peptide linking' y CYSTEINE          ? 'C3 H7 N O2 S'   121.158 
GLN 'L-peptide linking' y GLUTAMINE         ? 'C5 H10 N2 O3'   146.144 
GLU 'L-peptide linking' y 'GLUTAMIC ACID'   ? 'C5 H9 N O4'     147.129 
GLY 'peptide linking'   y GLYCINE           ? 'C2 H5 N O2'     75.067  
HIS 'L-peptide linking' y HISTIDINE         ? 'C6 H10 N3 O2 1' 156.162 
HOH non-polymer         . WATER             ? 'H2 O'           18.015  
ILE 'L-peptide linking' y ISOLEUCINE        ? 'C6 H13 N O2'    131.173 
K   non-polymer         . 'POTASSIUM ION'   ? 'K 1'            39.098  
LCP non-polymer         . 'PERCHLORATE ION' ? 'Cl O4 -1'       99.451  
LEU 'L-peptide linking' y LEUCINE           ? 'C6 H13 N O2'    131.173 
LYS 'L-peptide linking' y LYSINE            ? 'C6 H15 N2 O2 1' 147.195 
MET 'L-peptide linking' y METHIONINE        ? 'C5 H11 N O2 S'  149.211 
PHE 'L-peptide linking' y PHENYLALANINE     ? 'C9 H11 N O2'    165.189 
PRO 'L-peptide linking' y PROLINE           ? 'C5 H9 N O2'     115.130 
SER 'L-peptide linking' y SERINE            ? 'C3 H7 N O3'     105.093 
THR 'L-peptide linking' y THREONINE         ? 'C4 H9 N O3'     119.119 
TRP 'L-peptide linking' y TRYPTOPHAN        ? 'C11 H12 N2 O2'  204.225 
TYR 'L-peptide linking' y TYROSINE          ? 'C9 H11 N O3'    181.189 
VAL 'L-peptide linking' y VALINE            ? 'C5 H11 N O2'    117.146 
# 
loop_
_pdbx_poly_seq_scheme.asym_id 
_pdbx_poly_seq_scheme.entity_id 
_pdbx_poly_seq_scheme.seq_id 
_pdbx_poly_seq_scheme.mon_id 
_pdbx_poly_seq_scheme.ndb_seq_num 
_pdbx_poly_seq_scheme.pdb_seq_num 
_pdbx_poly_seq_scheme.auth_seq_num 
_pdbx_poly_seq_scheme.pdb_mon_id 
_pdbx_poly_seq_scheme.auth_mon_id 
_pdbx_poly_seq_scheme.pdb_strand_id 
_pdbx_poly_seq_scheme.pdb_ins_code 
_pdbx_poly_seq_scheme.hetero 
A 1 1   MET 1   1   1   MET MET A . n 
A 1 2   ASP 2   2   2   ASP ASP A . n 
A 1 3   LYS 3   3   3   LYS LYS A . n 
A 1 4   LYS 4   4   4   LYS LYS A . n 
A 1 5   THR 5   5   5   THR THR A . n 
A 1 6   ILE 6   6   6   ILE ILE A . n 
A 1 7   TYR 7   7   7   TYR TYR A . n 
A 1 8   PHE 8   8   8   PHE PHE A . n 
A 1 9   ILE 9   9   9   ILE ILE A . n 
A 1 10  SER 10  10  10  SER SER A . n 
A 1 11  THR 11  11  11  THR THR A . n 
A 1 12  GLY 12  12  12  GLY GLY A . n 
A 1 13  ASN 13  13  13  ASN ASN A . n 
A 1 14  SER 14  14  14  SER SER A . n 
A 1 15  ALA 15  15  15  ALA ALA A . n 
A 1 16  ARG 16  16  16  ARG ARG A . n 
A 1 17  SER 17  17  17  SER SER A . n 
A 1 18  GLN 18  18  18  GLN GLN A . n 
A 1 19  MET 19  19  19  MET MET A . n 
A 1 20  ALA 20  20  20  ALA ALA A . n 
A 1 21  GLU 21  21  21  GLU GLU A . n 
A 1 22  GLY 22  22  22  GLY GLY A . n 
A 1 23  TRP 23  23  23  TRP TRP A . n 
A 1 24  GLY 24  24  24  GLY GLY A . n 
A 1 25  LYS 25  25  25  LYS LYS A . n 
A 1 26  GLU 26  26  26  GLU GLU A . n 
A 1 27  ILE 27  27  27  ILE ILE A . n 
A 1 28  LEU 28  28  28  LEU LEU A . n 
A 1 29  GLY 29  29  29  GLY GLY A . n 
A 1 30  GLU 30  30  30  GLU GLU A . n 
A 1 31  GLY 31  31  31  GLY GLY A . n 
A 1 32  TRP 32  32  32  TRP TRP A . n 
A 1 33  ASN 33  33  33  ASN ASN A . n 
A 1 34  VAL 34  34  34  VAL VAL A . n 
A 1 35  TYR 35  35  35  TYR TYR A . n 
A 1 36  SER 36  36  36  SER SER A . n 
A 1 37  ALA 37  37  37  ALA ALA A . n 
A 1 38  GLY 38  38  38  GLY GLY A . n 
A 1 39  ILE 39  39  39  ILE ILE A . n 
A 1 40  GLU 40  40  40  GLU GLU A . n 
A 1 41  THR 41  41  41  THR THR A . n 
A 1 42  HIS 42  42  42  HIS HIS A . n 
A 1 43  GLY 43  43  43  GLY GLY A . n 
A 1 44  VAL 44  44  44  VAL VAL A . n 
A 1 45  ASN 45  45  45  ASN ASN A . n 
A 1 46  PRO 46  46  46  PRO PRO A . n 
A 1 47  LYS 47  47  47  LYS LYS A . n 
A 1 48  ALA 48  48  48  ALA ALA A . n 
A 1 49  ILE 49  49  49  ILE ILE A . n 
A 1 50  GLU 50  50  50  GLU GLU A . n 
A 1 51  ALA 51  51  51  ALA ALA A . n 
A 1 52  MET 52  52  52  MET MET A . n 
A 1 53  LYS 53  53  53  LYS LYS A . n 
A 1 54  GLU 54  54  54  GLU GLU A . n 
A 1 55  VAL 55  55  55  VAL VAL A . n 
A 1 56  ASP 56  56  56  ASP ASP A . n 
A 1 57  ILE 57  57  57  ILE ILE A . n 
A 1 58  ASP 58  58  58  ASP ASP A . n 
A 1 59  ILE 59  59  59  ILE ILE A . n 
A 1 60  SER 60  60  60  SER SER A . n 
A 1 61  ASN 61  61  61  ASN ASN A . n 
A 1 62  HIS 62  62  62  HIS HIS A . n 
A 1 63  THR 63  63  63  THR THR A . n 
A 1 64  SER 64  64  64  SER SER A . n 
A 1 65  ASP 65  65  65  ASP ASP A . n 
A 1 66  LEU 66  66  66  LEU LEU A . n 
A 1 67  ILE 67  67  67  ILE ILE A . n 
A 1 68  ASP 68  68  68  ASP ASP A . n 
A 1 69  ASN 69  69  69  ASN ASN A . n 
A 1 70  ASP 70  70  70  ASP ASP A . n 
A 1 71  ILE 71  71  71  ILE ILE A . n 
A 1 72  LEU 72  72  72  LEU LEU A . n 
A 1 73  LYS 73  73  73  LYS LYS A . n 
A 1 74  GLN 74  74  74  GLN GLN A . n 
A 1 75  SER 75  75  75  SER SER A . n 
A 1 76  ASP 76  76  76  ASP ASP A . n 
A 1 77  LEU 77  77  77  LEU LEU A . n 
A 1 78  VAL 78  78  78  VAL VAL A . n 
A 1 79  VAL 79  79  79  VAL VAL A . n 
A 1 80  THR 80  80  80  THR THR A . n 
A 1 81  LEU 81  81  81  LEU LEU A . n 
A 1 82  SER 82  82  82  SER SER A . n 
A 1 83  SER 83  83  83  SER SER A . n 
A 1 84  ASP 84  84  84  ASP ASP A . n 
A 1 85  ALA 85  85  85  ALA ALA A . n 
A 1 86  ASP 86  86  86  ASP ASP A . n 
A 1 87  ASN 87  87  87  ASN ASN A . n 
A 1 88  ASN 88  88  88  ASN ASN A . n 
A 1 89  CYS 89  89  89  CYS CYS A . n 
A 1 90  PRO 90  90  90  PRO PRO A . n 
A 1 91  ILE 91  91  91  ILE ILE A . n 
A 1 92  LEU 92  92  92  LEU LEU A . n 
A 1 93  PRO 93  93  93  PRO PRO A . n 
A 1 94  PRO 94  94  94  PRO PRO A . n 
A 1 95  ASN 95  95  95  ASN ASN A . n 
A 1 96  VAL 96  96  96  VAL VAL A . n 
A 1 97  LYS 97  97  97  LYS LYS A . n 
A 1 98  LYS 98  98  98  LYS LYS A . n 
A 1 99  GLU 99  99  99  GLU GLU A . n 
A 1 100 HIS 100 100 100 HIS HIS A . n 
A 1 101 TRP 101 101 101 TRP TRP A . n 
A 1 102 GLY 102 102 102 GLY GLY A . n 
A 1 103 PHE 103 103 103 PHE PHE A . n 
A 1 104 ASP 104 104 104 ASP ASP A . n 
A 1 105 ASP 105 105 105 ASP ASP A . n 
A 1 106 PRO 106 106 106 PRO PRO A . n 
A 1 107 ALA 107 107 107 ALA ALA A . n 
A 1 108 GLY 108 108 108 GLY GLY A . n 
A 1 109 LYS 109 109 109 LYS LYS A . n 
A 1 110 GLU 110 110 110 GLU GLU A . n 
A 1 111 TRP 111 111 111 TRP TRP A . n 
A 1 112 SER 112 112 112 SER SER A . n 
A 1 113 GLU 113 113 113 GLU GLU A . n 
A 1 114 PHE 114 114 114 PHE PHE A . n 
A 1 115 GLN 115 115 115 GLN GLN A . n 
A 1 116 ARG 116 116 116 ARG ARG A . n 
A 1 117 VAL 117 117 117 VAL VAL A . n 
A 1 118 ARG 118 118 118 ARG ARG A . n 
A 1 119 ASP 119 119 119 ASP ASP A . n 
A 1 120 GLU 120 120 120 GLU GLU A . n 
A 1 121 ILE 121 121 121 ILE ILE A . n 
A 1 122 LYS 122 122 122 LYS LYS A . n 
A 1 123 LEU 123 123 123 LEU LEU A . n 
A 1 124 ALA 124 124 124 ALA ALA A . n 
A 1 125 ILE 125 125 125 ILE ILE A . n 
A 1 126 GLU 126 126 126 GLU GLU A . n 
A 1 127 LYS 127 127 127 LYS LYS A . n 
A 1 128 PHE 128 128 128 PHE PHE A . n 
A 1 129 LYS 129 129 129 LYS LYS A . n 
A 1 130 LEU 130 130 130 LEU LEU A . n 
A 1 131 ARG 131 131 131 ARG ARG A . n 
# 
loop_
_pdbx_nonpoly_scheme.asym_id 
_pdbx_nonpoly_scheme.entity_id 
_pdbx_nonpoly_scheme.mon_id 
_pdbx_nonpoly_scheme.ndb_seq_num 
_pdbx_nonpoly_scheme.pdb_seq_num 
_pdbx_nonpoly_scheme.auth_seq_num 
_pdbx_nonpoly_scheme.pdb_mon_id 
_pdbx_nonpoly_scheme.auth_mon_id 
_pdbx_nonpoly_scheme.pdb_strand_id 
_pdbx_nonpoly_scheme.pdb_ins_code 
B 2 K   1   151 151 K   K   A . 
C 3 LCP 1   152 152 LCP LCP A . 
D 4 CL  1   153 153 CL  CL  A . 
E 5 HOH 1   201 201 HOH HOH A . 
E 5 HOH 2   202 202 HOH HOH A . 
E 5 HOH 3   203 203 HOH HOH A . 
E 5 HOH 4   204 204 HOH HOH A . 
E 5 HOH 5   205 205 HOH HOH A . 
E 5 HOH 6   206 206 HOH HOH A . 
E 5 HOH 7   207 207 HOH HOH A . 
E 5 HOH 8   208 208 HOH HOH A . 
E 5 HOH 9   209 209 HOH HOH A . 
E 5 HOH 10  210 210 HOH HOH A . 
E 5 HOH 11  211 211 HOH HOH A . 
E 5 HOH 12  212 212 HOH HOH A . 
E 5 HOH 13  213 213 HOH HOH A . 
E 5 HOH 14  214 214 HOH HOH A . 
E 5 HOH 15  215 215 HOH HOH A . 
E 5 HOH 16  216 216 HOH HOH A . 
E 5 HOH 17  217 217 HOH HOH A . 
E 5 HOH 18  218 218 HOH HOH A . 
E 5 HOH 19  219 219 HOH HOH A . 
E 5 HOH 20  220 220 HOH HOH A . 
E 5 HOH 21  221 221 HOH HOH A . 
E 5 HOH 22  222 222 HOH HOH A . 
E 5 HOH 23  223 223 HOH HOH A . 
E 5 HOH 24  224 224 HOH HOH A . 
E 5 HOH 25  225 225 HOH HOH A . 
E 5 HOH 26  226 226 HOH HOH A . 
E 5 HOH 27  227 227 HOH HOH A . 
E 5 HOH 28  228 228 HOH HOH A . 
E 5 HOH 29  229 229 HOH HOH A . 
E 5 HOH 30  230 230 HOH HOH A . 
E 5 HOH 31  231 231 HOH HOH A . 
E 5 HOH 32  232 232 HOH HOH A . 
E 5 HOH 33  233 233 HOH HOH A . 
E 5 HOH 34  234 234 HOH HOH A . 
E 5 HOH 35  235 235 HOH HOH A . 
E 5 HOH 36  236 236 HOH HOH A . 
E 5 HOH 37  237 237 HOH HOH A . 
E 5 HOH 38  238 238 HOH HOH A . 
E 5 HOH 39  239 239 HOH HOH A . 
E 5 HOH 40  240 240 HOH HOH A . 
E 5 HOH 41  241 241 HOH HOH A . 
E 5 HOH 42  242 242 HOH HOH A . 
E 5 HOH 43  243 243 HOH HOH A . 
E 5 HOH 44  244 244 HOH HOH A . 
E 5 HOH 45  245 245 HOH HOH A . 
E 5 HOH 46  246 246 HOH HOH A . 
E 5 HOH 47  247 247 HOH HOH A . 
E 5 HOH 48  248 248 HOH HOH A . 
E 5 HOH 49  249 249 HOH HOH A . 
E 5 HOH 50  250 250 HOH HOH A . 
E 5 HOH 51  251 251 HOH HOH A . 
E 5 HOH 52  252 252 HOH HOH A . 
E 5 HOH 53  253 253 HOH HOH A . 
E 5 HOH 54  254 254 HOH HOH A . 
E 5 HOH 55  255 255 HOH HOH A . 
E 5 HOH 56  256 256 HOH HOH A . 
E 5 HOH 57  257 257 HOH HOH A . 
E 5 HOH 58  258 258 HOH HOH A . 
E 5 HOH 59  259 259 HOH HOH A . 
E 5 HOH 60  260 260 HOH HOH A . 
E 5 HOH 61  261 261 HOH HOH A . 
E 5 HOH 62  262 262 HOH HOH A . 
E 5 HOH 63  263 263 HOH HOH A . 
E 5 HOH 64  264 264 HOH HOH A . 
E 5 HOH 65  265 265 HOH HOH A . 
E 5 HOH 66  266 266 HOH HOH A . 
E 5 HOH 67  267 267 HOH HOH A . 
E 5 HOH 68  268 268 HOH HOH A . 
E 5 HOH 69  269 269 HOH HOH A . 
E 5 HOH 70  270 270 HOH HOH A . 
E 5 HOH 71  271 271 HOH HOH A . 
E 5 HOH 72  272 272 HOH HOH A . 
E 5 HOH 73  273 273 HOH HOH A . 
E 5 HOH 74  274 274 HOH HOH A . 
E 5 HOH 75  275 275 HOH HOH A . 
E 5 HOH 76  276 276 HOH HOH A . 
E 5 HOH 77  277 277 HOH HOH A . 
E 5 HOH 78  278 278 HOH HOH A . 
E 5 HOH 79  279 279 HOH HOH A . 
E 5 HOH 80  280 280 HOH HOH A . 
E 5 HOH 81  281 281 HOH HOH A . 
E 5 HOH 82  282 282 HOH HOH A . 
E 5 HOH 83  283 283 HOH HOH A . 
E 5 HOH 84  284 284 HOH HOH A . 
E 5 HOH 85  285 285 HOH HOH A . 
E 5 HOH 86  286 286 HOH HOH A . 
E 5 HOH 87  287 287 HOH HOH A . 
E 5 HOH 88  288 288 HOH HOH A . 
E 5 HOH 89  289 289 HOH HOH A . 
E 5 HOH 90  290 290 HOH HOH A . 
E 5 HOH 91  291 291 HOH HOH A . 
E 5 HOH 92  292 292 HOH HOH A . 
E 5 HOH 93  293 293 HOH HOH A . 
E 5 HOH 94  294 294 HOH HOH A . 
E 5 HOH 95  295 295 HOH HOH A . 
E 5 HOH 96  296 296 HOH HOH A . 
E 5 HOH 97  297 297 HOH HOH A . 
E 5 HOH 98  298 298 HOH HOH A . 
E 5 HOH 99  299 299 HOH HOH A . 
E 5 HOH 100 300 300 HOH HOH A . 
E 5 HOH 101 301 301 HOH HOH A . 
E 5 HOH 102 302 302 HOH HOH A . 
E 5 HOH 103 303 303 HOH HOH A . 
E 5 HOH 104 304 304 HOH HOH A . 
E 5 HOH 105 305 305 HOH HOH A . 
E 5 HOH 106 306 306 HOH HOH A . 
E 5 HOH 107 307 307 HOH HOH A . 
E 5 HOH 108 308 308 HOH HOH A . 
E 5 HOH 109 309 309 HOH HOH A . 
E 5 HOH 110 310 310 HOH HOH A . 
E 5 HOH 111 311 311 HOH HOH A . 
E 5 HOH 112 312 312 HOH HOH A . 
E 5 HOH 113 313 313 HOH HOH A . 
E 5 HOH 114 314 314 HOH HOH A . 
E 5 HOH 115 315 315 HOH HOH A . 
E 5 HOH 116 316 316 HOH HOH A . 
E 5 HOH 117 317 317 HOH HOH A . 
E 5 HOH 118 318 318 HOH HOH A . 
E 5 HOH 119 319 319 HOH HOH A . 
E 5 HOH 120 320 320 HOH HOH A . 
E 5 HOH 121 321 321 HOH HOH A . 
E 5 HOH 122 322 322 HOH HOH A . 
E 5 HOH 123 323 323 HOH HOH A . 
E 5 HOH 124 324 324 HOH HOH A . 
E 5 HOH 125 325 325 HOH HOH A . 
E 5 HOH 126 326 326 HOH HOH A . 
E 5 HOH 127 327 327 HOH HOH A . 
E 5 HOH 128 328 328 HOH HOH A . 
E 5 HOH 129 329 329 HOH HOH A . 
E 5 HOH 130 330 330 HOH HOH A . 
E 5 HOH 131 331 331 HOH HOH A . 
E 5 HOH 132 332 332 HOH HOH A . 
E 5 HOH 133 333 333 HOH HOH A . 
E 5 HOH 134 334 334 HOH HOH A . 
E 5 HOH 135 335 335 HOH HOH A . 
E 5 HOH 136 336 336 HOH HOH A . 
E 5 HOH 137 337 337 HOH HOH A . 
E 5 HOH 138 338 338 HOH HOH A . 
E 5 HOH 139 339 339 HOH HOH A . 
E 5 HOH 140 340 340 HOH HOH A . 
E 5 HOH 141 341 341 HOH HOH A . 
E 5 HOH 142 342 342 HOH HOH A . 
E 5 HOH 143 343 343 HOH HOH A . 
E 5 HOH 144 344 344 HOH HOH A . 
E 5 HOH 145 345 345 HOH HOH A . 
E 5 HOH 146 346 346 HOH HOH A . 
E 5 HOH 147 347 347 HOH HOH A . 
E 5 HOH 148 348 348 HOH HOH A . 
E 5 HOH 149 349 349 HOH HOH A . 
E 5 HOH 150 350 350 HOH HOH A . 
E 5 HOH 151 351 351 HOH HOH A . 
E 5 HOH 152 352 352 HOH HOH A . 
E 5 HOH 153 353 353 HOH HOH A . 
E 5 HOH 154 354 354 HOH HOH A . 
E 5 HOH 155 355 355 HOH HOH A . 
E 5 HOH 156 356 356 HOH HOH A . 
E 5 HOH 157 357 357 HOH HOH A . 
E 5 HOH 158 358 358 HOH HOH A . 
E 5 HOH 159 359 359 HOH HOH A . 
E 5 HOH 160 360 360 HOH HOH A . 
E 5 HOH 161 361 361 HOH HOH A . 
E 5 HOH 162 362 362 HOH HOH A . 
E 5 HOH 163 363 363 HOH HOH A . 
E 5 HOH 164 364 364 HOH HOH A . 
E 5 HOH 165 365 365 HOH HOH A . 
E 5 HOH 166 366 366 HOH HOH A . 
E 5 HOH 167 367 367 HOH HOH A . 
E 5 HOH 168 368 368 HOH HOH A . 
E 5 HOH 169 369 369 HOH HOH A . 
E 5 HOH 170 370 370 HOH HOH A . 
E 5 HOH 171 371 371 HOH HOH A . 
E 5 HOH 172 372 372 HOH HOH A . 
E 5 HOH 173 373 373 HOH HOH A . 
E 5 HOH 174 374 374 HOH HOH A . 
E 5 HOH 175 375 375 HOH HOH A . 
E 5 HOH 176 376 376 HOH HOH A . 
E 5 HOH 177 377 377 HOH HOH A . 
E 5 HOH 178 378 378 HOH HOH A . 
E 5 HOH 179 379 379 HOH HOH A . 
E 5 HOH 180 380 380 HOH HOH A . 
E 5 HOH 181 381 381 HOH HOH A . 
E 5 HOH 182 382 382 HOH HOH A . 
E 5 HOH 183 383 383 HOH HOH A . 
E 5 HOH 184 384 384 HOH HOH A . 
E 5 HOH 185 385 385 HOH HOH A . 
E 5 HOH 186 386 386 HOH HOH A . 
E 5 HOH 187 387 387 HOH HOH A . 
E 5 HOH 188 388 388 HOH HOH A . 
E 5 HOH 189 389 389 HOH HOH A . 
E 5 HOH 190 390 390 HOH HOH A . 
E 5 HOH 191 391 391 HOH HOH A . 
E 5 HOH 192 392 392 HOH HOH A . 
E 5 HOH 193 393 393 HOH HOH A . 
E 5 HOH 194 394 394 HOH HOH A . 
E 5 HOH 195 395 395 HOH HOH A . 
E 5 HOH 196 396 396 HOH HOH A . 
E 5 HOH 197 397 397 HOH HOH A . 
E 5 HOH 198 398 398 HOH HOH A . 
E 5 HOH 199 399 399 HOH HOH A . 
# 
loop_
_pdbx_unobs_or_zero_occ_atoms.id 
_pdbx_unobs_or_zero_occ_atoms.PDB_model_num 
_pdbx_unobs_or_zero_occ_atoms.polymer_flag 
_pdbx_unobs_or_zero_occ_atoms.occupancy_flag 
_pdbx_unobs_or_zero_occ_atoms.auth_asym_id 
_pdbx_unobs_or_zero_occ_atoms.auth_comp_id 
_pdbx_unobs_or_zero_occ_atoms.auth_seq_id 
_pdbx_unobs_or_zero_occ_atoms.PDB_ins_code 
_pdbx_unobs_or_zero_occ_atoms.auth_atom_id 
_pdbx_unobs_or_zero_occ_atoms.label_alt_id 
_pdbx_unobs_or_zero_occ_atoms.label_asym_id 
_pdbx_unobs_or_zero_occ_atoms.label_comp_id 
_pdbx_unobs_or_zero_occ_atoms.label_seq_id 
_pdbx_unobs_or_zero_occ_atoms.label_atom_id 
1  1 Y 1 A ASP 2   ? CG  ? A ASP 2   CG  
2  1 Y 1 A ASP 2   ? OD1 ? A ASP 2   OD1 
3  1 Y 1 A ASP 2   ? OD2 ? A ASP 2   OD2 
4  1 Y 1 A GLU 30  ? CD  ? A GLU 30  CD  
5  1 Y 1 A GLU 30  ? OE1 ? A GLU 30  OE1 
6  1 Y 1 A GLU 30  ? OE2 ? A GLU 30  OE2 
7  1 Y 1 A ASN 61  ? CG  ? A ASN 61  CG  
8  1 Y 1 A ASN 61  ? OD1 ? A ASN 61  OD1 
9  1 Y 1 A ASN 61  ? ND2 ? A ASN 61  ND2 
10 1 Y 1 A LYS 73  ? CG  ? A LYS 73  CG  
11 1 Y 1 A LYS 73  ? CD  ? A LYS 73  CD  
12 1 Y 1 A LYS 73  ? CE  ? A LYS 73  CE  
13 1 Y 1 A LYS 73  ? NZ  ? A LYS 73  NZ  
14 1 Y 1 A LYS 97  ? CE  ? A LYS 97  CE  
15 1 Y 1 A LYS 97  ? NZ  ? A LYS 97  NZ  
16 1 Y 1 A LYS 127 ? CE  ? A LYS 127 CE  
17 1 Y 1 A LYS 127 ? NZ  ? A LYS 127 NZ  
18 1 Y 1 A LYS 129 ? CE  ? A LYS 129 CE  
19 1 Y 1 A LYS 129 ? NZ  ? A LYS 129 NZ  
# 
loop_
_software.name 
_software.classification 
_software.version 
_software.citation_id 
_software.pdbx_ordinal 
DENZO     'data reduction' .   ? 1 
SCALEPACK 'data scaling'   .   ? 2 
AMoRE     phasing          .   ? 3 
CNS       refinement       1.0 ? 4 
# 
_cell.entry_id           1RXI 
_cell.length_a           32.034 
_cell.length_b           34.064 
_cell.length_c           63.355 
_cell.angle_alpha        90.0 
_cell.angle_beta         97.328 
_cell.angle_gamma        90.0 
_cell.pdbx_unique_axis   ? 
_cell.Z_PDB              2 
# 
_symmetry.entry_id                         1RXI 
_symmetry.space_group_name_H-M             'P 1 21 1' 
_symmetry.pdbx_full_space_group_name_H-M   ? 
_symmetry.Int_Tables_number                4 
_symmetry.cell_setting                     ? 
# 
_exptl.entry_id          1RXI 
_exptl.method            'X-RAY DIFFRACTION' 
_exptl.crystals_number   1 
# 
_exptl_crystal.id                    1 
_exptl_crystal.density_meas          ? 
_exptl_crystal.density_percent_sol   47.00 
_exptl_crystal.description           ? 
_exptl_crystal.density_Matthews      2.32 
# 
_exptl_crystal_grow.crystal_id      1 
_exptl_crystal_grow.method          'VAPOR DIFFUSION, HANGING DROP' 
_exptl_crystal_grow.temp            293 
_exptl_crystal_grow.temp_details    ? 
_exptl_crystal_grow.pH              8.0 
_exptl_crystal_grow.pdbx_details    
'potassium chloride, sodium perchlorate, PEG4000, TRIS, pH 8.0, VAPOR DIFFUSION, HANGING DROP, temperature 293K' 
_exptl_crystal_grow.pdbx_pH_range   . 
# 
_diffrn.id                     1 
_diffrn.ambient_temp           100 
_diffrn.ambient_temp_details   ? 
_diffrn.crystal_id             1 
# 
_diffrn_detector.diffrn_id              1 
_diffrn_detector.detector               CCD 
_diffrn_detector.type                   'ADSC QUANTUM 4' 
_diffrn_detector.pdbx_collection_date   2003-07-31 
_diffrn_detector.details                'toroidial mirror' 
# 
_diffrn_radiation.diffrn_id                        1 
_diffrn_radiation.wavelength_id                    1 
_diffrn_radiation.pdbx_monochromatic_or_laue_m_l   M 
_diffrn_radiation.monochromator                    'Diamond(111) and Ge(220)' 
_diffrn_radiation.pdbx_diffrn_protocol             'SINGLE WAVELENGTH' 
_diffrn_radiation.pdbx_scattering_type             x-ray 
# 
_diffrn_radiation_wavelength.id           1 
_diffrn_radiation_wavelength.wavelength   0.933 
_diffrn_radiation_wavelength.wt           1.0 
# 
_diffrn_source.diffrn_id                   1 
_diffrn_source.source                      SYNCHROTRON 
_diffrn_source.type                        'ESRF BEAMLINE ID14-2' 
_diffrn_source.pdbx_synchrotron_site       ESRF 
_diffrn_source.pdbx_synchrotron_beamline   ID14-2 
_diffrn_source.pdbx_wavelength             ? 
_diffrn_source.pdbx_wavelength_list        0.933 
# 
_reflns.entry_id                     1RXI 
_reflns.observed_criterion_sigma_F   0 
_reflns.observed_criterion_sigma_I   -3 
_reflns.d_resolution_high            1.5 
_reflns.d_resolution_low             23.9 
_reflns.number_all                   ? 
_reflns.number_obs                   21553 
_reflns.percent_possible_obs         98.1 
_reflns.pdbx_Rmerge_I_obs            0.064 
_reflns.pdbx_Rsym_value              ? 
_reflns.pdbx_netI_over_sigmaI        12.96 
_reflns.B_iso_Wilson_estimate        ? 
_reflns.pdbx_redundancy              4.73 
_reflns.R_free_details               ? 
_reflns.limit_h_max                  ? 
_reflns.limit_h_min                  ? 
_reflns.limit_k_max                  ? 
_reflns.limit_k_min                  ? 
_reflns.limit_l_max                  ? 
_reflns.limit_l_min                  ? 
_reflns.observed_criterion_F_max     ? 
_reflns.observed_criterion_F_min     ? 
_reflns.pdbx_diffrn_id               1 
_reflns.pdbx_ordinal                 1 
# 
_reflns_shell.d_res_high             1.5 
_reflns_shell.d_res_low              1.55 
_reflns_shell.percent_possible_all   95.8 
_reflns_shell.Rmerge_I_obs           0.277 
_reflns_shell.pdbx_Rsym_value        ? 
_reflns_shell.meanI_over_sigI_obs    ? 
_reflns_shell.pdbx_redundancy        3.32 
_reflns_shell.percent_possible_obs   ? 
_reflns_shell.number_unique_all      2101 
_reflns_shell.pdbx_diffrn_id         ? 
_reflns_shell.pdbx_ordinal           1 
# 
_refine.entry_id                                 1RXI 
_refine.ls_d_res_high                            1.5 
_refine.ls_d_res_low                             23.9 
_refine.pdbx_ls_sigma_F                          0 
_refine.pdbx_ls_sigma_I                          ? 
_refine.ls_number_reflns_all                     21553 
_refine.ls_number_reflns_obs                     21553 
_refine.ls_number_reflns_R_free                  1701 
_refine.ls_percent_reflns_obs                    ? 
_refine.ls_R_factor_all                          0.211 
_refine.ls_R_factor_obs                          0.211 
_refine.ls_R_factor_R_work                       0.209 
_refine.ls_R_factor_R_free                       0.231 
_refine.ls_redundancy_reflns_obs                 ? 
_refine.pdbx_data_cutoff_high_absF               ? 
_refine.pdbx_data_cutoff_low_absF                ? 
_refine.ls_number_parameters                     ? 
_refine.ls_number_restraints                     ? 
_refine.ls_percent_reflns_R_free                 ? 
_refine.ls_R_factor_R_free_error                 ? 
_refine.ls_R_factor_R_free_error_details         ? 
_refine.pdbx_method_to_determine_struct          'MOLECULAR REPLACEMENT' 
_refine.pdbx_starting_model                      ? 
_refine.pdbx_ls_cross_valid_method               ? 
_refine.pdbx_R_Free_selection_details            random 
_refine.pdbx_stereochem_target_val_spec_case     ? 
_refine.pdbx_stereochemistry_target_values       'Engh & Huber' 
_refine.solvent_model_details                    ? 
_refine.solvent_model_param_bsol                 ? 
_refine.solvent_model_param_ksol                 ? 
_refine.occupancy_max                            ? 
_refine.occupancy_min                            ? 
_refine.pdbx_isotropic_thermal_model             ? 
_refine.B_iso_mean                               ? 
_refine.aniso_B[1][1]                            ? 
_refine.aniso_B[1][2]                            ? 
_refine.aniso_B[1][3]                            ? 
_refine.aniso_B[2][2]                            ? 
_refine.aniso_B[2][3]                            ? 
_refine.aniso_B[3][3]                            ? 
_refine.details                                  ? 
_refine.B_iso_min                                ? 
_refine.B_iso_max                                ? 
_refine.correlation_coeff_Fo_to_Fc               ? 
_refine.correlation_coeff_Fo_to_Fc_free          ? 
_refine.pdbx_solvent_vdw_probe_radii             ? 
_refine.pdbx_solvent_ion_probe_radii             ? 
_refine.pdbx_solvent_shrinkage_radii             ? 
_refine.overall_SU_R_Cruickshank_DPI             ? 
_refine.overall_SU_R_free                        ? 
_refine.overall_SU_B                             ? 
_refine.overall_SU_ML                            ? 
_refine.pdbx_overall_ESU_R                       ? 
_refine.pdbx_overall_ESU_R_Free                  ? 
_refine.pdbx_data_cutoff_high_rms_absF           ? 
_refine.pdbx_refine_id                           'X-RAY DIFFRACTION' 
_refine.pdbx_diffrn_id                           1 
_refine.pdbx_TLS_residual_ADP_flag               ? 
_refine.pdbx_overall_phase_error                 ? 
_refine.pdbx_overall_SU_R_free_Cruickshank_DPI   ? 
_refine.pdbx_overall_SU_R_Blow_DPI               ? 
_refine.pdbx_overall_SU_R_free_Blow_DPI          ? 
# 
_refine_hist.pdbx_refine_id                   'X-RAY DIFFRACTION' 
_refine_hist.cycle_id                         LAST 
_refine_hist.pdbx_number_atoms_protein        1040 
_refine_hist.pdbx_number_atoms_nucleic_acid   0 
_refine_hist.pdbx_number_atoms_ligand         7 
_refine_hist.number_atoms_solvent             199 
_refine_hist.number_atoms_total               1246 
_refine_hist.d_res_high                       1.5 
_refine_hist.d_res_low                        23.9 
# 
loop_
_refine_ls_restr.type 
_refine_ls_restr.dev_ideal 
_refine_ls_restr.dev_ideal_target 
_refine_ls_restr.weight 
_refine_ls_restr.number 
_refine_ls_restr.pdbx_refine_id 
_refine_ls_restr.pdbx_restraint_function 
c_bond_d    0.0064 ? ? ? 'X-RAY DIFFRACTION' ? 
c_angle_deg 1.37   ? ? ? 'X-RAY DIFFRACTION' ? 
# 
_struct.entry_id                  1RXI 
_struct.title                     'pI258 arsenate reductase (ArsC) triple mutant C10S/C15A/C82S' 
_struct.pdbx_model_details        ? 
_struct.pdbx_CASP_flag            ? 
_struct.pdbx_model_type_details   ? 
# 
_struct_keywords.entry_id        1RXI 
_struct_keywords.pdbx_keywords   OXIDOREDUCTASE 
_struct_keywords.text            'ArsC, OXIDOREDUCTASE' 
# 
loop_
_struct_asym.id 
_struct_asym.pdbx_blank_PDB_chainid_flag 
_struct_asym.pdbx_modified 
_struct_asym.entity_id 
_struct_asym.details 
A N N 1 ? 
B N N 2 ? 
C N N 3 ? 
D N N 4 ? 
E N N 5 ? 
# 
_struct_ref.id                         1 
_struct_ref.db_name                    UNP 
_struct_ref.db_code                    ARSC_STAAU 
_struct_ref.pdbx_db_accession          P0A006 
_struct_ref.entity_id                  1 
_struct_ref.pdbx_seq_one_letter_code   
;MDKKTIYFICTGNSCRSQMAEGWGKEILGEGWNVYSAGIETHGVNPKAIEAMKEVDIDISNHTSDLIDNDILKQSDLVVT
LCSDADNNCPILPPNVKKEHWGFDDPAGKEWSEFQRVRDEIKLAIEKFKLR
;
_struct_ref.pdbx_align_begin           1 
_struct_ref.pdbx_db_isoform            ? 
# 
_struct_ref_seq.align_id                      1 
_struct_ref_seq.ref_id                        1 
_struct_ref_seq.pdbx_PDB_id_code              1RXI 
_struct_ref_seq.pdbx_strand_id                A 
_struct_ref_seq.seq_align_beg                 1 
_struct_ref_seq.pdbx_seq_align_beg_ins_code   ? 
_struct_ref_seq.seq_align_end                 131 
_struct_ref_seq.pdbx_seq_align_end_ins_code   ? 
_struct_ref_seq.pdbx_db_accession             P0A006 
_struct_ref_seq.db_align_beg                  1 
_struct_ref_seq.pdbx_db_align_beg_ins_code    ? 
_struct_ref_seq.db_align_end                  131 
_struct_ref_seq.pdbx_db_align_end_ins_code    ? 
_struct_ref_seq.pdbx_auth_seq_align_beg       1 
_struct_ref_seq.pdbx_auth_seq_align_end       131 
# 
loop_
_struct_ref_seq_dif.align_id 
_struct_ref_seq_dif.pdbx_pdb_id_code 
_struct_ref_seq_dif.mon_id 
_struct_ref_seq_dif.pdbx_pdb_strand_id 
_struct_ref_seq_dif.seq_num 
_struct_ref_seq_dif.pdbx_pdb_ins_code 
_struct_ref_seq_dif.pdbx_seq_db_name 
_struct_ref_seq_dif.pdbx_seq_db_accession_code 
_struct_ref_seq_dif.db_mon_id 
_struct_ref_seq_dif.pdbx_seq_db_seq_num 
_struct_ref_seq_dif.details 
_struct_ref_seq_dif.pdbx_auth_seq_num 
_struct_ref_seq_dif.pdbx_ordinal 
1 1RXI SER A 10 ? UNP P0A006 CYS 10 'engineered mutation' 10 1 
1 1RXI ALA A 15 ? UNP P0A006 CYS 15 'engineered mutation' 15 2 
1 1RXI SER A 82 ? UNP P0A006 CYS 82 'engineered mutation' 82 3 
# 
_pdbx_struct_assembly.id                   1 
_pdbx_struct_assembly.details              author_defined_assembly 
_pdbx_struct_assembly.method_details       ? 
_pdbx_struct_assembly.oligomeric_details   monomeric 
_pdbx_struct_assembly.oligomeric_count     1 
# 
_pdbx_struct_assembly_gen.assembly_id       1 
_pdbx_struct_assembly_gen.oper_expression   1 
_pdbx_struct_assembly_gen.asym_id_list      A,B,C,D,E 
# 
_pdbx_struct_oper_list.id                   1 
_pdbx_struct_oper_list.type                 'identity operation' 
_pdbx_struct_oper_list.name                 1_555 
_pdbx_struct_oper_list.symmetry_operation   x,y,z 
_pdbx_struct_oper_list.matrix[1][1]         1.0000000000 
_pdbx_struct_oper_list.matrix[1][2]         0.0000000000 
_pdbx_struct_oper_list.matrix[1][3]         0.0000000000 
_pdbx_struct_oper_list.vector[1]            0.0000000000 
_pdbx_struct_oper_list.matrix[2][1]         0.0000000000 
_pdbx_struct_oper_list.matrix[2][2]         1.0000000000 
_pdbx_struct_oper_list.matrix[2][3]         0.0000000000 
_pdbx_struct_oper_list.vector[2]            0.0000000000 
_pdbx_struct_oper_list.matrix[3][1]         0.0000000000 
_pdbx_struct_oper_list.matrix[3][2]         0.0000000000 
_pdbx_struct_oper_list.matrix[3][3]         1.0000000000 
_pdbx_struct_oper_list.vector[3]            0.0000000000 
# 
loop_
_struct_conf.conf_type_id 
_struct_conf.id 
_struct_conf.pdbx_PDB_helix_id 
_struct_conf.beg_label_comp_id 
_struct_conf.beg_label_asym_id 
_struct_conf.beg_label_seq_id 
_struct_conf.pdbx_beg_PDB_ins_code 
_struct_conf.end_label_comp_id 
_struct_conf.end_label_asym_id 
_struct_conf.end_label_seq_id 
_struct_conf.pdbx_end_PDB_ins_code 
_struct_conf.beg_auth_comp_id 
_struct_conf.beg_auth_asym_id 
_struct_conf.beg_auth_seq_id 
_struct_conf.end_auth_comp_id 
_struct_conf.end_auth_asym_id 
_struct_conf.end_auth_seq_id 
_struct_conf.pdbx_PDB_helix_class 
_struct_conf.details 
_struct_conf.pdbx_PDB_helix_length 
HELX_P HELX_P1 1 ALA A 15  ? GLY A 29  ? ALA A 15  GLY A 29  1 ? 15 
HELX_P HELX_P2 2 ASN A 45  ? VAL A 55  ? ASN A 45  VAL A 55  1 ? 11 
HELX_P HELX_P3 3 ASP A 68  ? GLN A 74  ? ASP A 68  GLN A 74  1 ? 7  
HELX_P HELX_P4 4 SER A 82  ? CYS A 89  ? SER A 82  CYS A 89  1 ? 8  
HELX_P HELX_P5 5 GLU A 110 ? LEU A 130 ? GLU A 110 LEU A 130 1 ? 21 
# 
_struct_conf_type.id          HELX_P 
_struct_conf_type.criteria    ? 
_struct_conf_type.reference   ? 
# 
loop_
_struct_conn.id 
_struct_conn.conn_type_id 
_struct_conn.pdbx_leaving_atom_flag 
_struct_conn.pdbx_PDB_id 
_struct_conn.ptnr1_label_asym_id 
_struct_conn.ptnr1_label_comp_id 
_struct_conn.ptnr1_label_seq_id 
_struct_conn.ptnr1_label_atom_id 
_struct_conn.pdbx_ptnr1_label_alt_id 
_struct_conn.pdbx_ptnr1_PDB_ins_code 
_struct_conn.pdbx_ptnr1_standard_comp_id 
_struct_conn.ptnr1_symmetry 
_struct_conn.ptnr2_label_asym_id 
_struct_conn.ptnr2_label_comp_id 
_struct_conn.ptnr2_label_seq_id 
_struct_conn.ptnr2_label_atom_id 
_struct_conn.pdbx_ptnr2_label_alt_id 
_struct_conn.pdbx_ptnr2_PDB_ins_code 
_struct_conn.ptnr1_auth_asym_id 
_struct_conn.ptnr1_auth_comp_id 
_struct_conn.ptnr1_auth_seq_id 
_struct_conn.ptnr2_auth_asym_id 
_struct_conn.ptnr2_auth_comp_id 
_struct_conn.ptnr2_auth_seq_id 
_struct_conn.ptnr2_symmetry 
_struct_conn.pdbx_ptnr3_label_atom_id 
_struct_conn.pdbx_ptnr3_label_seq_id 
_struct_conn.pdbx_ptnr3_label_comp_id 
_struct_conn.pdbx_ptnr3_label_asym_id 
_struct_conn.pdbx_ptnr3_label_alt_id 
_struct_conn.pdbx_ptnr3_PDB_ins_code 
_struct_conn.details 
_struct_conn.pdbx_dist_value 
_struct_conn.pdbx_value_order 
_struct_conn.pdbx_role 
metalc1 metalc ? ? A ASN 13 OD1 ? ? ? 1_555 B K   . K ? ? A ASN 13  A K   151 1_555 ? ? ? ? ? ? ? 2.810 ? ? 
metalc2 metalc ? ? A GLU 21 OE2 ? ? ? 1_555 B K   . K ? ? A GLU 21  A K   151 1_555 ? ? ? ? ? ? ? 3.635 ? ? 
metalc3 metalc ? ? A SER 36 O   ? ? ? 1_555 B K   . K ? ? A SER 36  A K   151 1_555 ? ? ? ? ? ? ? 2.854 ? ? 
metalc4 metalc ? ? A SER 36 OG  ? ? ? 1_555 B K   . K ? ? A SER 36  A K   151 1_555 ? ? ? ? ? ? ? 3.089 ? ? 
metalc5 metalc ? ? A THR 63 O   ? ? ? 1_555 B K   . K ? ? A THR 63  A K   151 1_555 ? ? ? ? ? ? ? 2.831 ? ? 
metalc6 metalc ? ? A ASP 65 OD2 ? ? ? 1_555 B K   . K ? ? A ASP 65  A K   151 1_555 ? ? ? ? ? ? ? 2.893 ? ? 
metalc7 metalc ? ? B K   .  K   ? ? ? 1_555 E HOH . O ? ? A K   151 A HOH 204 1_555 ? ? ? ? ? ? ? 2.964 ? ? 
metalc8 metalc ? ? B K   .  K   ? ? ? 1_555 E HOH . O ? ? A K   151 A HOH 272 1_555 ? ? ? ? ? ? ? 3.169 ? ? 
# 
_struct_conn_type.id          metalc 
_struct_conn_type.criteria    ? 
_struct_conn_type.reference   ? 
# 
loop_
_pdbx_struct_conn_angle.id 
_pdbx_struct_conn_angle.ptnr1_label_atom_id 
_pdbx_struct_conn_angle.ptnr1_label_alt_id 
_pdbx_struct_conn_angle.ptnr1_label_asym_id 
_pdbx_struct_conn_angle.ptnr1_label_comp_id 
_pdbx_struct_conn_angle.ptnr1_label_seq_id 
_pdbx_struct_conn_angle.ptnr1_auth_atom_id 
_pdbx_struct_conn_angle.ptnr1_auth_asym_id 
_pdbx_struct_conn_angle.ptnr1_auth_comp_id 
_pdbx_struct_conn_angle.ptnr1_auth_seq_id 
_pdbx_struct_conn_angle.ptnr1_PDB_ins_code 
_pdbx_struct_conn_angle.ptnr1_symmetry 
_pdbx_struct_conn_angle.ptnr2_label_atom_id 
_pdbx_struct_conn_angle.ptnr2_label_alt_id 
_pdbx_struct_conn_angle.ptnr2_label_asym_id 
_pdbx_struct_conn_angle.ptnr2_label_comp_id 
_pdbx_struct_conn_angle.ptnr2_label_seq_id 
_pdbx_struct_conn_angle.ptnr2_auth_atom_id 
_pdbx_struct_conn_angle.ptnr2_auth_asym_id 
_pdbx_struct_conn_angle.ptnr2_auth_comp_id 
_pdbx_struct_conn_angle.ptnr2_auth_seq_id 
_pdbx_struct_conn_angle.ptnr2_PDB_ins_code 
_pdbx_struct_conn_angle.ptnr2_symmetry 
_pdbx_struct_conn_angle.ptnr3_label_atom_id 
_pdbx_struct_conn_angle.ptnr3_label_alt_id 
_pdbx_struct_conn_angle.ptnr3_label_asym_id 
_pdbx_struct_conn_angle.ptnr3_label_comp_id 
_pdbx_struct_conn_angle.ptnr3_label_seq_id 
_pdbx_struct_conn_angle.ptnr3_auth_atom_id 
_pdbx_struct_conn_angle.ptnr3_auth_asym_id 
_pdbx_struct_conn_angle.ptnr3_auth_comp_id 
_pdbx_struct_conn_angle.ptnr3_auth_seq_id 
_pdbx_struct_conn_angle.ptnr3_PDB_ins_code 
_pdbx_struct_conn_angle.ptnr3_symmetry 
_pdbx_struct_conn_angle.value 
_pdbx_struct_conn_angle.value_esd 
1  OD1 ? A ASN 13 ? A ASN 13  ? 1_555 K ? B K . ? A K 151 ? 1_555 OE2 ? A GLU 21 ? A GLU 21  ? 1_555 116.4 ? 
2  OD1 ? A ASN 13 ? A ASN 13  ? 1_555 K ? B K . ? A K 151 ? 1_555 O   ? A SER 36 ? A SER 36  ? 1_555 79.0  ? 
3  OE2 ? A GLU 21 ? A GLU 21  ? 1_555 K ? B K . ? A K 151 ? 1_555 O   ? A SER 36 ? A SER 36  ? 1_555 95.5  ? 
4  OD1 ? A ASN 13 ? A ASN 13  ? 1_555 K ? B K . ? A K 151 ? 1_555 OG  ? A SER 36 ? A SER 36  ? 1_555 80.5  ? 
5  OE2 ? A GLU 21 ? A GLU 21  ? 1_555 K ? B K . ? A K 151 ? 1_555 OG  ? A SER 36 ? A SER 36  ? 1_555 43.4  ? 
6  O   ? A SER 36 ? A SER 36  ? 1_555 K ? B K . ? A K 151 ? 1_555 OG  ? A SER 36 ? A SER 36  ? 1_555 64.5  ? 
7  OD1 ? A ASN 13 ? A ASN 13  ? 1_555 K ? B K . ? A K 151 ? 1_555 O   ? A THR 63 ? A THR 63  ? 1_555 68.6  ? 
8  OE2 ? A GLU 21 ? A GLU 21  ? 1_555 K ? B K . ? A K 151 ? 1_555 O   ? A THR 63 ? A THR 63  ? 1_555 105.0 ? 
9  O   ? A SER 36 ? A SER 36  ? 1_555 K ? B K . ? A K 151 ? 1_555 O   ? A THR 63 ? A THR 63  ? 1_555 146.8 ? 
10 OG  ? A SER 36 ? A SER 36  ? 1_555 K ? B K . ? A K 151 ? 1_555 O   ? A THR 63 ? A THR 63  ? 1_555 115.0 ? 
11 OD1 ? A ASN 13 ? A ASN 13  ? 1_555 K ? B K . ? A K 151 ? 1_555 OD2 ? A ASP 65 ? A ASP 65  ? 1_555 93.9  ? 
12 OE2 ? A GLU 21 ? A GLU 21  ? 1_555 K ? B K . ? A K 151 ? 1_555 OD2 ? A ASP 65 ? A ASP 65  ? 1_555 147.7 ? 
13 O   ? A SER 36 ? A SER 36  ? 1_555 K ? B K . ? A K 151 ? 1_555 OD2 ? A ASP 65 ? A ASP 65  ? 1_555 101.3 ? 
14 OG  ? A SER 36 ? A SER 36  ? 1_555 K ? B K . ? A K 151 ? 1_555 OD2 ? A ASP 65 ? A ASP 65  ? 1_555 165.4 ? 
15 O   ? A THR 63 ? A THR 63  ? 1_555 K ? B K . ? A K 151 ? 1_555 OD2 ? A ASP 65 ? A ASP 65  ? 1_555 74.8  ? 
16 OD1 ? A ASN 13 ? A ASN 13  ? 1_555 K ? B K . ? A K 151 ? 1_555 O   ? E HOH .  ? A HOH 204 ? 1_555 147.6 ? 
17 OE2 ? A GLU 21 ? A GLU 21  ? 1_555 K ? B K . ? A K 151 ? 1_555 O   ? E HOH .  ? A HOH 204 ? 1_555 63.7  ? 
18 O   ? A SER 36 ? A SER 36  ? 1_555 K ? B K . ? A K 151 ? 1_555 O   ? E HOH .  ? A HOH 204 ? 1_555 69.0  ? 
19 OG  ? A SER 36 ? A SER 36  ? 1_555 K ? B K . ? A K 151 ? 1_555 O   ? E HOH .  ? A HOH 204 ? 1_555 81.4  ? 
20 O   ? A THR 63 ? A THR 63  ? 1_555 K ? B K . ? A K 151 ? 1_555 O   ? E HOH .  ? A HOH 204 ? 1_555 143.8 ? 
21 OD2 ? A ASP 65 ? A ASP 65  ? 1_555 K ? B K . ? A K 151 ? 1_555 O   ? E HOH .  ? A HOH 204 ? 1_555 96.9  ? 
22 OD1 ? A ASN 13 ? A ASN 13  ? 1_555 K ? B K . ? A K 151 ? 1_555 O   ? E HOH .  ? A HOH 272 ? 1_555 135.9 ? 
23 OE2 ? A GLU 21 ? A GLU 21  ? 1_555 K ? B K . ? A K 151 ? 1_555 O   ? E HOH .  ? A HOH 272 ? 1_555 59.0  ? 
24 O   ? A SER 36 ? A SER 36  ? 1_555 K ? B K . ? A K 151 ? 1_555 O   ? E HOH .  ? A HOH 272 ? 1_555 142.1 ? 
25 OG  ? A SER 36 ? A SER 36  ? 1_555 K ? B K . ? A K 151 ? 1_555 O   ? E HOH .  ? A HOH 272 ? 1_555 101.5 ? 
26 O   ? A THR 63 ? A THR 63  ? 1_555 K ? B K . ? A K 151 ? 1_555 O   ? E HOH .  ? A HOH 272 ? 1_555 71.0  ? 
27 OD2 ? A ASP 65 ? A ASP 65  ? 1_555 K ? B K . ? A K 151 ? 1_555 O   ? E HOH .  ? A HOH 272 ? 1_555 91.9  ? 
28 O   ? E HOH .  ? A HOH 204 ? 1_555 K ? B K . ? A K 151 ? 1_555 O   ? E HOH .  ? A HOH 272 ? 1_555 74.2  ? 
# 
_struct_sheet.id               A 
_struct_sheet.type             ? 
_struct_sheet.number_strands   4 
_struct_sheet.details          ? 
# 
loop_
_struct_sheet_order.sheet_id 
_struct_sheet_order.range_id_1 
_struct_sheet_order.range_id_2 
_struct_sheet_order.offset 
_struct_sheet_order.sense 
A 1 2 ? parallel 
A 2 3 ? parallel 
A 3 4 ? parallel 
# 
loop_
_struct_sheet_range.sheet_id 
_struct_sheet_range.id 
_struct_sheet_range.beg_label_comp_id 
_struct_sheet_range.beg_label_asym_id 
_struct_sheet_range.beg_label_seq_id 
_struct_sheet_range.pdbx_beg_PDB_ins_code 
_struct_sheet_range.end_label_comp_id 
_struct_sheet_range.end_label_asym_id 
_struct_sheet_range.end_label_seq_id 
_struct_sheet_range.pdbx_end_PDB_ins_code 
_struct_sheet_range.beg_auth_comp_id 
_struct_sheet_range.beg_auth_asym_id 
_struct_sheet_range.beg_auth_seq_id 
_struct_sheet_range.end_auth_comp_id 
_struct_sheet_range.end_auth_asym_id 
_struct_sheet_range.end_auth_seq_id 
A 1 TRP A 32 ? GLY A 38  ? TRP A 32 GLY A 38  
A 2 LYS A 4  ? SER A 10  ? LYS A 4  SER A 10  
A 3 LEU A 77 ? THR A 80  ? LEU A 77 THR A 80  
A 4 LYS A 97 ? HIS A 100 ? LYS A 97 HIS A 100 
# 
loop_
_pdbx_struct_sheet_hbond.sheet_id 
_pdbx_struct_sheet_hbond.range_id_1 
_pdbx_struct_sheet_hbond.range_id_2 
_pdbx_struct_sheet_hbond.range_1_label_atom_id 
_pdbx_struct_sheet_hbond.range_1_label_comp_id 
_pdbx_struct_sheet_hbond.range_1_label_asym_id 
_pdbx_struct_sheet_hbond.range_1_label_seq_id 
_pdbx_struct_sheet_hbond.range_1_PDB_ins_code 
_pdbx_struct_sheet_hbond.range_1_auth_atom_id 
_pdbx_struct_sheet_hbond.range_1_auth_comp_id 
_pdbx_struct_sheet_hbond.range_1_auth_asym_id 
_pdbx_struct_sheet_hbond.range_1_auth_seq_id 
_pdbx_struct_sheet_hbond.range_2_label_atom_id 
_pdbx_struct_sheet_hbond.range_2_label_comp_id 
_pdbx_struct_sheet_hbond.range_2_label_asym_id 
_pdbx_struct_sheet_hbond.range_2_label_seq_id 
_pdbx_struct_sheet_hbond.range_2_PDB_ins_code 
_pdbx_struct_sheet_hbond.range_2_auth_atom_id 
_pdbx_struct_sheet_hbond.range_2_auth_comp_id 
_pdbx_struct_sheet_hbond.range_2_auth_asym_id 
_pdbx_struct_sheet_hbond.range_2_auth_seq_id 
A 1 2 O ASN A 33 ? O ASN A 33 N LYS A 4  ? N LYS A 4  
A 2 3 N ILE A 9  ? N ILE A 9  O VAL A 79 ? O VAL A 79 
A 3 4 N VAL A 78 ? N VAL A 78 O LYS A 97 ? O LYS A 97 
# 
loop_
_struct_site.id 
_struct_site.pdbx_evidence_code 
_struct_site.pdbx_auth_asym_id 
_struct_site.pdbx_auth_comp_id 
_struct_site.pdbx_auth_seq_id 
_struct_site.pdbx_auth_ins_code 
_struct_site.pdbx_num_residues 
_struct_site.details 
AC1 Software A K   151 ? 6 'BINDING SITE FOR RESIDUE K A 151'   
AC2 Software A LCP 152 ? 9 'BINDING SITE FOR RESIDUE LCP A 152' 
# 
loop_
_struct_site_gen.id 
_struct_site_gen.site_id 
_struct_site_gen.pdbx_num_res 
_struct_site_gen.label_comp_id 
_struct_site_gen.label_asym_id 
_struct_site_gen.label_seq_id 
_struct_site_gen.pdbx_auth_ins_code 
_struct_site_gen.auth_comp_id 
_struct_site_gen.auth_asym_id 
_struct_site_gen.auth_seq_id 
_struct_site_gen.label_atom_id 
_struct_site_gen.label_alt_id 
_struct_site_gen.symmetry 
_struct_site_gen.details 
1  AC1 6 ASN A 13 ? ASN A 13  . ? 1_555 ? 
2  AC1 6 GLU A 21 ? GLU A 21  . ? 1_555 ? 
3  AC1 6 SER A 36 ? SER A 36  . ? 1_555 ? 
4  AC1 6 THR A 63 ? THR A 63  . ? 1_555 ? 
5  AC1 6 ASP A 65 ? ASP A 65  . ? 1_555 ? 
6  AC1 6 HOH E .  ? HOH A 204 . ? 1_555 ? 
7  AC2 9 SER A 10 ? SER A 10  . ? 1_555 ? 
8  AC2 9 THR A 11 ? THR A 11  . ? 1_555 ? 
9  AC2 9 GLY A 12 ? GLY A 12  . ? 1_555 ? 
10 AC2 9 SER A 14 ? SER A 14  . ? 1_555 ? 
11 AC2 9 ALA A 15 ? ALA A 15  . ? 1_555 ? 
12 AC2 9 ARG A 16 ? ARG A 16  . ? 1_555 ? 
13 AC2 9 SER A 17 ? SER A 17  . ? 1_555 ? 
14 AC2 9 HOH E .  ? HOH A 203 . ? 1_555 ? 
15 AC2 9 HOH E .  ? HOH A 254 . ? 1_555 ? 
# 
loop_
_pdbx_validate_torsion.id 
_pdbx_validate_torsion.PDB_model_num 
_pdbx_validate_torsion.auth_comp_id 
_pdbx_validate_torsion.auth_asym_id 
_pdbx_validate_torsion.auth_seq_id 
_pdbx_validate_torsion.PDB_ins_code 
_pdbx_validate_torsion.label_alt_id 
_pdbx_validate_torsion.phi 
_pdbx_validate_torsion.psi 
1 1 ALA A 15 ? ? -134.93 -76.96 
2 1 HIS A 42 ? ? -145.68 50.20  
# 
loop_
_chem_comp_atom.comp_id 
_chem_comp_atom.atom_id 
_chem_comp_atom.type_symbol 
_chem_comp_atom.pdbx_aromatic_flag 
_chem_comp_atom.pdbx_stereo_config 
_chem_comp_atom.pdbx_ordinal 
ALA N    N  N N 1   
ALA CA   C  N S 2   
ALA C    C  N N 3   
ALA O    O  N N 4   
ALA CB   C  N N 5   
ALA OXT  O  N N 6   
ALA H    H  N N 7   
ALA H2   H  N N 8   
ALA HA   H  N N 9   
ALA HB1  H  N N 10  
ALA HB2  H  N N 11  
ALA HB3  H  N N 12  
ALA HXT  H  N N 13  
ARG N    N  N N 14  
ARG CA   C  N S 15  
ARG C    C  N N 16  
ARG O    O  N N 17  
ARG CB   C  N N 18  
ARG CG   C  N N 19  
ARG CD   C  N N 20  
ARG NE   N  N N 21  
ARG CZ   C  N N 22  
ARG NH1  N  N N 23  
ARG NH2  N  N N 24  
ARG OXT  O  N N 25  
ARG H    H  N N 26  
ARG H2   H  N N 27  
ARG HA   H  N N 28  
ARG HB2  H  N N 29  
ARG HB3  H  N N 30  
ARG HG2  H  N N 31  
ARG HG3  H  N N 32  
ARG HD2  H  N N 33  
ARG HD3  H  N N 34  
ARG HE   H  N N 35  
ARG HH11 H  N N 36  
ARG HH12 H  N N 37  
ARG HH21 H  N N 38  
ARG HH22 H  N N 39  
ARG HXT  H  N N 40  
ASN N    N  N N 41  
ASN CA   C  N S 42  
ASN C    C  N N 43  
ASN O    O  N N 44  
ASN CB   C  N N 45  
ASN CG   C  N N 46  
ASN OD1  O  N N 47  
ASN ND2  N  N N 48  
ASN OXT  O  N N 49  
ASN H    H  N N 50  
ASN H2   H  N N 51  
ASN HA   H  N N 52  
ASN HB2  H  N N 53  
ASN HB3  H  N N 54  
ASN HD21 H  N N 55  
ASN HD22 H  N N 56  
ASN HXT  H  N N 57  
ASP N    N  N N 58  
ASP CA   C  N S 59  
ASP C    C  N N 60  
ASP O    O  N N 61  
ASP CB   C  N N 62  
ASP CG   C  N N 63  
ASP OD1  O  N N 64  
ASP OD2  O  N N 65  
ASP OXT  O  N N 66  
ASP H    H  N N 67  
ASP H2   H  N N 68  
ASP HA   H  N N 69  
ASP HB2  H  N N 70  
ASP HB3  H  N N 71  
ASP HD2  H  N N 72  
ASP HXT  H  N N 73  
CL  CL   CL N N 74  
CYS N    N  N N 75  
CYS CA   C  N R 76  
CYS C    C  N N 77  
CYS O    O  N N 78  
CYS CB   C  N N 79  
CYS SG   S  N N 80  
CYS OXT  O  N N 81  
CYS H    H  N N 82  
CYS H2   H  N N 83  
CYS HA   H  N N 84  
CYS HB2  H  N N 85  
CYS HB3  H  N N 86  
CYS HG   H  N N 87  
CYS HXT  H  N N 88  
GLN N    N  N N 89  
GLN CA   C  N S 90  
GLN C    C  N N 91  
GLN O    O  N N 92  
GLN CB   C  N N 93  
GLN CG   C  N N 94  
GLN CD   C  N N 95  
GLN OE1  O  N N 96  
GLN NE2  N  N N 97  
GLN OXT  O  N N 98  
GLN H    H  N N 99  
GLN H2   H  N N 100 
GLN HA   H  N N 101 
GLN HB2  H  N N 102 
GLN HB3  H  N N 103 
GLN HG2  H  N N 104 
GLN HG3  H  N N 105 
GLN HE21 H  N N 106 
GLN HE22 H  N N 107 
GLN HXT  H  N N 108 
GLU N    N  N N 109 
GLU CA   C  N S 110 
GLU C    C  N N 111 
GLU O    O  N N 112 
GLU CB   C  N N 113 
GLU CG   C  N N 114 
GLU CD   C  N N 115 
GLU OE1  O  N N 116 
GLU OE2  O  N N 117 
GLU OXT  O  N N 118 
GLU H    H  N N 119 
GLU H2   H  N N 120 
GLU HA   H  N N 121 
GLU HB2  H  N N 122 
GLU HB3  H  N N 123 
GLU HG2  H  N N 124 
GLU HG3  H  N N 125 
GLU HE2  H  N N 126 
GLU HXT  H  N N 127 
GLY N    N  N N 128 
GLY CA   C  N N 129 
GLY C    C  N N 130 
GLY O    O  N N 131 
GLY OXT  O  N N 132 
GLY H    H  N N 133 
GLY H2   H  N N 134 
GLY HA2  H  N N 135 
GLY HA3  H  N N 136 
GLY HXT  H  N N 137 
HIS N    N  N N 138 
HIS CA   C  N S 139 
HIS C    C  N N 140 
HIS O    O  N N 141 
HIS CB   C  N N 142 
HIS CG   C  Y N 143 
HIS ND1  N  Y N 144 
HIS CD2  C  Y N 145 
HIS CE1  C  Y N 146 
HIS NE2  N  Y N 147 
HIS OXT  O  N N 148 
HIS H    H  N N 149 
HIS H2   H  N N 150 
HIS HA   H  N N 151 
HIS HB2  H  N N 152 
HIS HB3  H  N N 153 
HIS HD1  H  N N 154 
HIS HD2  H  N N 155 
HIS HE1  H  N N 156 
HIS HE2  H  N N 157 
HIS HXT  H  N N 158 
HOH O    O  N N 159 
HOH H1   H  N N 160 
HOH H2   H  N N 161 
ILE N    N  N N 162 
ILE CA   C  N S 163 
ILE C    C  N N 164 
ILE O    O  N N 165 
ILE CB   C  N S 166 
ILE CG1  C  N N 167 
ILE CG2  C  N N 168 
ILE CD1  C  N N 169 
ILE OXT  O  N N 170 
ILE H    H  N N 171 
ILE H2   H  N N 172 
ILE HA   H  N N 173 
ILE HB   H  N N 174 
ILE HG12 H  N N 175 
ILE HG13 H  N N 176 
ILE HG21 H  N N 177 
ILE HG22 H  N N 178 
ILE HG23 H  N N 179 
ILE HD11 H  N N 180 
ILE HD12 H  N N 181 
ILE HD13 H  N N 182 
ILE HXT  H  N N 183 
K   K    K  N N 184 
LCP CL   CL N N 185 
LCP O1   O  N N 186 
LCP O2   O  N N 187 
LCP O3   O  N N 188 
LCP O4   O  N N 189 
LEU N    N  N N 190 
LEU CA   C  N S 191 
LEU C    C  N N 192 
LEU O    O  N N 193 
LEU CB   C  N N 194 
LEU CG   C  N N 195 
LEU CD1  C  N N 196 
LEU CD2  C  N N 197 
LEU OXT  O  N N 198 
LEU H    H  N N 199 
LEU H2   H  N N 200 
LEU HA   H  N N 201 
LEU HB2  H  N N 202 
LEU HB3  H  N N 203 
LEU HG   H  N N 204 
LEU HD11 H  N N 205 
LEU HD12 H  N N 206 
LEU HD13 H  N N 207 
LEU HD21 H  N N 208 
LEU HD22 H  N N 209 
LEU HD23 H  N N 210 
LEU HXT  H  N N 211 
LYS N    N  N N 212 
LYS CA   C  N S 213 
LYS C    C  N N 214 
LYS O    O  N N 215 
LYS CB   C  N N 216 
LYS CG   C  N N 217 
LYS CD   C  N N 218 
LYS CE   C  N N 219 
LYS NZ   N  N N 220 
LYS OXT  O  N N 221 
LYS H    H  N N 222 
LYS H2   H  N N 223 
LYS HA   H  N N 224 
LYS HB2  H  N N 225 
LYS HB3  H  N N 226 
LYS HG2  H  N N 227 
LYS HG3  H  N N 228 
LYS HD2  H  N N 229 
LYS HD3  H  N N 230 
LYS HE2  H  N N 231 
LYS HE3  H  N N 232 
LYS HZ1  H  N N 233 
LYS HZ2  H  N N 234 
LYS HZ3  H  N N 235 
LYS HXT  H  N N 236 
MET N    N  N N 237 
MET CA   C  N S 238 
MET C    C  N N 239 
MET O    O  N N 240 
MET CB   C  N N 241 
MET CG   C  N N 242 
MET SD   S  N N 243 
MET CE   C  N N 244 
MET OXT  O  N N 245 
MET H    H  N N 246 
MET H2   H  N N 247 
MET HA   H  N N 248 
MET HB2  H  N N 249 
MET HB3  H  N N 250 
MET HG2  H  N N 251 
MET HG3  H  N N 252 
MET HE1  H  N N 253 
MET HE2  H  N N 254 
MET HE3  H  N N 255 
MET HXT  H  N N 256 
PHE N    N  N N 257 
PHE CA   C  N S 258 
PHE C    C  N N 259 
PHE O    O  N N 260 
PHE CB   C  N N 261 
PHE CG   C  Y N 262 
PHE CD1  C  Y N 263 
PHE CD2  C  Y N 264 
PHE CE1  C  Y N 265 
PHE CE2  C  Y N 266 
PHE CZ   C  Y N 267 
PHE OXT  O  N N 268 
PHE H    H  N N 269 
PHE H2   H  N N 270 
PHE HA   H  N N 271 
PHE HB2  H  N N 272 
PHE HB3  H  N N 273 
PHE HD1  H  N N 274 
PHE HD2  H  N N 275 
PHE HE1  H  N N 276 
PHE HE2  H  N N 277 
PHE HZ   H  N N 278 
PHE HXT  H  N N 279 
PRO N    N  N N 280 
PRO CA   C  N S 281 
PRO C    C  N N 282 
PRO O    O  N N 283 
PRO CB   C  N N 284 
PRO CG   C  N N 285 
PRO CD   C  N N 286 
PRO OXT  O  N N 287 
PRO H    H  N N 288 
PRO HA   H  N N 289 
PRO HB2  H  N N 290 
PRO HB3  H  N N 291 
PRO HG2  H  N N 292 
PRO HG3  H  N N 293 
PRO HD2  H  N N 294 
PRO HD3  H  N N 295 
PRO HXT  H  N N 296 
SER N    N  N N 297 
SER CA   C  N S 298 
SER C    C  N N 299 
SER O    O  N N 300 
SER CB   C  N N 301 
SER OG   O  N N 302 
SER OXT  O  N N 303 
SER H    H  N N 304 
SER H2   H  N N 305 
SER HA   H  N N 306 
SER HB2  H  N N 307 
SER HB3  H  N N 308 
SER HG   H  N N 309 
SER HXT  H  N N 310 
THR N    N  N N 311 
THR CA   C  N S 312 
THR C    C  N N 313 
THR O    O  N N 314 
THR CB   C  N R 315 
THR OG1  O  N N 316 
THR CG2  C  N N 317 
THR OXT  O  N N 318 
THR H    H  N N 319 
THR H2   H  N N 320 
THR HA   H  N N 321 
THR HB   H  N N 322 
THR HG1  H  N N 323 
THR HG21 H  N N 324 
THR HG22 H  N N 325 
THR HG23 H  N N 326 
THR HXT  H  N N 327 
TRP N    N  N N 328 
TRP CA   C  N S 329 
TRP C    C  N N 330 
TRP O    O  N N 331 
TRP CB   C  N N 332 
TRP CG   C  Y N 333 
TRP CD1  C  Y N 334 
TRP CD2  C  Y N 335 
TRP NE1  N  Y N 336 
TRP CE2  C  Y N 337 
TRP CE3  C  Y N 338 
TRP CZ2  C  Y N 339 
TRP CZ3  C  Y N 340 
TRP CH2  C  Y N 341 
TRP OXT  O  N N 342 
TRP H    H  N N 343 
TRP H2   H  N N 344 
TRP HA   H  N N 345 
TRP HB2  H  N N 346 
TRP HB3  H  N N 347 
TRP HD1  H  N N 348 
TRP HE1  H  N N 349 
TRP HE3  H  N N 350 
TRP HZ2  H  N N 351 
TRP HZ3  H  N N 352 
TRP HH2  H  N N 353 
TRP HXT  H  N N 354 
TYR N    N  N N 355 
TYR CA   C  N S 356 
TYR C    C  N N 357 
TYR O    O  N N 358 
TYR CB   C  N N 359 
TYR CG   C  Y N 360 
TYR CD1  C  Y N 361 
TYR CD2  C  Y N 362 
TYR CE1  C  Y N 363 
TYR CE2  C  Y N 364 
TYR CZ   C  Y N 365 
TYR OH   O  N N 366 
TYR OXT  O  N N 367 
TYR H    H  N N 368 
TYR H2   H  N N 369 
TYR HA   H  N N 370 
TYR HB2  H  N N 371 
TYR HB3  H  N N 372 
TYR HD1  H  N N 373 
TYR HD2  H  N N 374 
TYR HE1  H  N N 375 
TYR HE2  H  N N 376 
TYR HH   H  N N 377 
TYR HXT  H  N N 378 
VAL N    N  N N 379 
VAL CA   C  N S 380 
VAL C    C  N N 381 
VAL O    O  N N 382 
VAL CB   C  N N 383 
VAL CG1  C  N N 384 
VAL CG2  C  N N 385 
VAL OXT  O  N N 386 
VAL H    H  N N 387 
VAL H2   H  N N 388 
VAL HA   H  N N 389 
VAL HB   H  N N 390 
VAL HG11 H  N N 391 
VAL HG12 H  N N 392 
VAL HG13 H  N N 393 
VAL HG21 H  N N 394 
VAL HG22 H  N N 395 
VAL HG23 H  N N 396 
VAL HXT  H  N N 397 
# 
loop_
_chem_comp_bond.comp_id 
_chem_comp_bond.atom_id_1 
_chem_comp_bond.atom_id_2 
_chem_comp_bond.value_order 
_chem_comp_bond.pdbx_aromatic_flag 
_chem_comp_bond.pdbx_stereo_config 
_chem_comp_bond.pdbx_ordinal 
ALA N   CA   sing N N 1   
ALA N   H    sing N N 2   
ALA N   H2   sing N N 3   
ALA CA  C    sing N N 4   
ALA CA  CB   sing N N 5   
ALA CA  HA   sing N N 6   
ALA C   O    doub N N 7   
ALA C   OXT  sing N N 8   
ALA CB  HB1  sing N N 9   
ALA CB  HB2  sing N N 10  
ALA CB  HB3  sing N N 11  
ALA OXT HXT  sing N N 12  
ARG N   CA   sing N N 13  
ARG N   H    sing N N 14  
ARG N   H2   sing N N 15  
ARG CA  C    sing N N 16  
ARG CA  CB   sing N N 17  
ARG CA  HA   sing N N 18  
ARG C   O    doub N N 19  
ARG C   OXT  sing N N 20  
ARG CB  CG   sing N N 21  
ARG CB  HB2  sing N N 22  
ARG CB  HB3  sing N N 23  
ARG CG  CD   sing N N 24  
ARG CG  HG2  sing N N 25  
ARG CG  HG3  sing N N 26  
ARG CD  NE   sing N N 27  
ARG CD  HD2  sing N N 28  
ARG CD  HD3  sing N N 29  
ARG NE  CZ   sing N N 30  
ARG NE  HE   sing N N 31  
ARG CZ  NH1  sing N N 32  
ARG CZ  NH2  doub N N 33  
ARG NH1 HH11 sing N N 34  
ARG NH1 HH12 sing N N 35  
ARG NH2 HH21 sing N N 36  
ARG NH2 HH22 sing N N 37  
ARG OXT HXT  sing N N 38  
ASN N   CA   sing N N 39  
ASN N   H    sing N N 40  
ASN N   H2   sing N N 41  
ASN CA  C    sing N N 42  
ASN CA  CB   sing N N 43  
ASN CA  HA   sing N N 44  
ASN C   O    doub N N 45  
ASN C   OXT  sing N N 46  
ASN CB  CG   sing N N 47  
ASN CB  HB2  sing N N 48  
ASN CB  HB3  sing N N 49  
ASN CG  OD1  doub N N 50  
ASN CG  ND2  sing N N 51  
ASN ND2 HD21 sing N N 52  
ASN ND2 HD22 sing N N 53  
ASN OXT HXT  sing N N 54  
ASP N   CA   sing N N 55  
ASP N   H    sing N N 56  
ASP N   H2   sing N N 57  
ASP CA  C    sing N N 58  
ASP CA  CB   sing N N 59  
ASP CA  HA   sing N N 60  
ASP C   O    doub N N 61  
ASP C   OXT  sing N N 62  
ASP CB  CG   sing N N 63  
ASP CB  HB2  sing N N 64  
ASP CB  HB3  sing N N 65  
ASP CG  OD1  doub N N 66  
ASP CG  OD2  sing N N 67  
ASP OD2 HD2  sing N N 68  
ASP OXT HXT  sing N N 69  
CYS N   CA   sing N N 70  
CYS N   H    sing N N 71  
CYS N   H2   sing N N 72  
CYS CA  C    sing N N 73  
CYS CA  CB   sing N N 74  
CYS CA  HA   sing N N 75  
CYS C   O    doub N N 76  
CYS C   OXT  sing N N 77  
CYS CB  SG   sing N N 78  
CYS CB  HB2  sing N N 79  
CYS CB  HB3  sing N N 80  
CYS SG  HG   sing N N 81  
CYS OXT HXT  sing N N 82  
GLN N   CA   sing N N 83  
GLN N   H    sing N N 84  
GLN N   H2   sing N N 85  
GLN CA  C    sing N N 86  
GLN CA  CB   sing N N 87  
GLN CA  HA   sing N N 88  
GLN C   O    doub N N 89  
GLN C   OXT  sing N N 90  
GLN CB  CG   sing N N 91  
GLN CB  HB2  sing N N 92  
GLN CB  HB3  sing N N 93  
GLN CG  CD   sing N N 94  
GLN CG  HG2  sing N N 95  
GLN CG  HG3  sing N N 96  
GLN CD  OE1  doub N N 97  
GLN CD  NE2  sing N N 98  
GLN NE2 HE21 sing N N 99  
GLN NE2 HE22 sing N N 100 
GLN OXT HXT  sing N N 101 
GLU N   CA   sing N N 102 
GLU N   H    sing N N 103 
GLU N   H2   sing N N 104 
GLU CA  C    sing N N 105 
GLU CA  CB   sing N N 106 
GLU CA  HA   sing N N 107 
GLU C   O    doub N N 108 
GLU C   OXT  sing N N 109 
GLU CB  CG   sing N N 110 
GLU CB  HB2  sing N N 111 
GLU CB  HB3  sing N N 112 
GLU CG  CD   sing N N 113 
GLU CG  HG2  sing N N 114 
GLU CG  HG3  sing N N 115 
GLU CD  OE1  doub N N 116 
GLU CD  OE2  sing N N 117 
GLU OE2 HE2  sing N N 118 
GLU OXT HXT  sing N N 119 
GLY N   CA   sing N N 120 
GLY N   H    sing N N 121 
GLY N   H2   sing N N 122 
GLY CA  C    sing N N 123 
GLY CA  HA2  sing N N 124 
GLY CA  HA3  sing N N 125 
GLY C   O    doub N N 126 
GLY C   OXT  sing N N 127 
GLY OXT HXT  sing N N 128 
HIS N   CA   sing N N 129 
HIS N   H    sing N N 130 
HIS N   H2   sing N N 131 
HIS CA  C    sing N N 132 
HIS CA  CB   sing N N 133 
HIS CA  HA   sing N N 134 
HIS C   O    doub N N 135 
HIS C   OXT  sing N N 136 
HIS CB  CG   sing N N 137 
HIS CB  HB2  sing N N 138 
HIS CB  HB3  sing N N 139 
HIS CG  ND1  sing Y N 140 
HIS CG  CD2  doub Y N 141 
HIS ND1 CE1  doub Y N 142 
HIS ND1 HD1  sing N N 143 
HIS CD2 NE2  sing Y N 144 
HIS CD2 HD2  sing N N 145 
HIS CE1 NE2  sing Y N 146 
HIS CE1 HE1  sing N N 147 
HIS NE2 HE2  sing N N 148 
HIS OXT HXT  sing N N 149 
HOH O   H1   sing N N 150 
HOH O   H2   sing N N 151 
ILE N   CA   sing N N 152 
ILE N   H    sing N N 153 
ILE N   H2   sing N N 154 
ILE CA  C    sing N N 155 
ILE CA  CB   sing N N 156 
ILE CA  HA   sing N N 157 
ILE C   O    doub N N 158 
ILE C   OXT  sing N N 159 
ILE CB  CG1  sing N N 160 
ILE CB  CG2  sing N N 161 
ILE CB  HB   sing N N 162 
ILE CG1 CD1  sing N N 163 
ILE CG1 HG12 sing N N 164 
ILE CG1 HG13 sing N N 165 
ILE CG2 HG21 sing N N 166 
ILE CG2 HG22 sing N N 167 
ILE CG2 HG23 sing N N 168 
ILE CD1 HD11 sing N N 169 
ILE CD1 HD12 sing N N 170 
ILE CD1 HD13 sing N N 171 
ILE OXT HXT  sing N N 172 
LCP CL  O1   doub N N 173 
LCP CL  O2   doub N N 174 
LCP CL  O3   doub N N 175 
LCP CL  O4   sing N N 176 
LEU N   CA   sing N N 177 
LEU N   H    sing N N 178 
LEU N   H2   sing N N 179 
LEU CA  C    sing N N 180 
LEU CA  CB   sing N N 181 
LEU CA  HA   sing N N 182 
LEU C   O    doub N N 183 
LEU C   OXT  sing N N 184 
LEU CB  CG   sing N N 185 
LEU CB  HB2  sing N N 186 
LEU CB  HB3  sing N N 187 
LEU CG  CD1  sing N N 188 
LEU CG  CD2  sing N N 189 
LEU CG  HG   sing N N 190 
LEU CD1 HD11 sing N N 191 
LEU CD1 HD12 sing N N 192 
LEU CD1 HD13 sing N N 193 
LEU CD2 HD21 sing N N 194 
LEU CD2 HD22 sing N N 195 
LEU CD2 HD23 sing N N 196 
LEU OXT HXT  sing N N 197 
LYS N   CA   sing N N 198 
LYS N   H    sing N N 199 
LYS N   H2   sing N N 200 
LYS CA  C    sing N N 201 
LYS CA  CB   sing N N 202 
LYS CA  HA   sing N N 203 
LYS C   O    doub N N 204 
LYS C   OXT  sing N N 205 
LYS CB  CG   sing N N 206 
LYS CB  HB2  sing N N 207 
LYS CB  HB3  sing N N 208 
LYS CG  CD   sing N N 209 
LYS CG  HG2  sing N N 210 
LYS CG  HG3  sing N N 211 
LYS CD  CE   sing N N 212 
LYS CD  HD2  sing N N 213 
LYS CD  HD3  sing N N 214 
LYS CE  NZ   sing N N 215 
LYS CE  HE2  sing N N 216 
LYS CE  HE3  sing N N 217 
LYS NZ  HZ1  sing N N 218 
LYS NZ  HZ2  sing N N 219 
LYS NZ  HZ3  sing N N 220 
LYS OXT HXT  sing N N 221 
MET N   CA   sing N N 222 
MET N   H    sing N N 223 
MET N   H2   sing N N 224 
MET CA  C    sing N N 225 
MET CA  CB   sing N N 226 
MET CA  HA   sing N N 227 
MET C   O    doub N N 228 
MET C   OXT  sing N N 229 
MET CB  CG   sing N N 230 
MET CB  HB2  sing N N 231 
MET CB  HB3  sing N N 232 
MET CG  SD   sing N N 233 
MET CG  HG2  sing N N 234 
MET CG  HG3  sing N N 235 
MET SD  CE   sing N N 236 
MET CE  HE1  sing N N 237 
MET CE  HE2  sing N N 238 
MET CE  HE3  sing N N 239 
MET OXT HXT  sing N N 240 
PHE N   CA   sing N N 241 
PHE N   H    sing N N 242 
PHE N   H2   sing N N 243 
PHE CA  C    sing N N 244 
PHE CA  CB   sing N N 245 
PHE CA  HA   sing N N 246 
PHE C   O    doub N N 247 
PHE C   OXT  sing N N 248 
PHE CB  CG   sing N N 249 
PHE CB  HB2  sing N N 250 
PHE CB  HB3  sing N N 251 
PHE CG  CD1  doub Y N 252 
PHE CG  CD2  sing Y N 253 
PHE CD1 CE1  sing Y N 254 
PHE CD1 HD1  sing N N 255 
PHE CD2 CE2  doub Y N 256 
PHE CD2 HD2  sing N N 257 
PHE CE1 CZ   doub Y N 258 
PHE CE1 HE1  sing N N 259 
PHE CE2 CZ   sing Y N 260 
PHE CE2 HE2  sing N N 261 
PHE CZ  HZ   sing N N 262 
PHE OXT HXT  sing N N 263 
PRO N   CA   sing N N 264 
PRO N   CD   sing N N 265 
PRO N   H    sing N N 266 
PRO CA  C    sing N N 267 
PRO CA  CB   sing N N 268 
PRO CA  HA   sing N N 269 
PRO C   O    doub N N 270 
PRO C   OXT  sing N N 271 
PRO CB  CG   sing N N 272 
PRO CB  HB2  sing N N 273 
PRO CB  HB3  sing N N 274 
PRO CG  CD   sing N N 275 
PRO CG  HG2  sing N N 276 
PRO CG  HG3  sing N N 277 
PRO CD  HD2  sing N N 278 
PRO CD  HD3  sing N N 279 
PRO OXT HXT  sing N N 280 
SER N   CA   sing N N 281 
SER N   H    sing N N 282 
SER N   H2   sing N N 283 
SER CA  C    sing N N 284 
SER CA  CB   sing N N 285 
SER CA  HA   sing N N 286 
SER C   O    doub N N 287 
SER C   OXT  sing N N 288 
SER CB  OG   sing N N 289 
SER CB  HB2  sing N N 290 
SER CB  HB3  sing N N 291 
SER OG  HG   sing N N 292 
SER OXT HXT  sing N N 293 
THR N   CA   sing N N 294 
THR N   H    sing N N 295 
THR N   H2   sing N N 296 
THR CA  C    sing N N 297 
THR CA  CB   sing N N 298 
THR CA  HA   sing N N 299 
THR C   O    doub N N 300 
THR C   OXT  sing N N 301 
THR CB  OG1  sing N N 302 
THR CB  CG2  sing N N 303 
THR CB  HB   sing N N 304 
THR OG1 HG1  sing N N 305 
THR CG2 HG21 sing N N 306 
THR CG2 HG22 sing N N 307 
THR CG2 HG23 sing N N 308 
THR OXT HXT  sing N N 309 
TRP N   CA   sing N N 310 
TRP N   H    sing N N 311 
TRP N   H2   sing N N 312 
TRP CA  C    sing N N 313 
TRP CA  CB   sing N N 314 
TRP CA  HA   sing N N 315 
TRP C   O    doub N N 316 
TRP C   OXT  sing N N 317 
TRP CB  CG   sing N N 318 
TRP CB  HB2  sing N N 319 
TRP CB  HB3  sing N N 320 
TRP CG  CD1  doub Y N 321 
TRP CG  CD2  sing Y N 322 
TRP CD1 NE1  sing Y N 323 
TRP CD1 HD1  sing N N 324 
TRP CD2 CE2  doub Y N 325 
TRP CD2 CE3  sing Y N 326 
TRP NE1 CE2  sing Y N 327 
TRP NE1 HE1  sing N N 328 
TRP CE2 CZ2  sing Y N 329 
TRP CE3 CZ3  doub Y N 330 
TRP CE3 HE3  sing N N 331 
TRP CZ2 CH2  doub Y N 332 
TRP CZ2 HZ2  sing N N 333 
TRP CZ3 CH2  sing Y N 334 
TRP CZ3 HZ3  sing N N 335 
TRP CH2 HH2  sing N N 336 
TRP OXT HXT  sing N N 337 
TYR N   CA   sing N N 338 
TYR N   H    sing N N 339 
TYR N   H2   sing N N 340 
TYR CA  C    sing N N 341 
TYR CA  CB   sing N N 342 
TYR CA  HA   sing N N 343 
TYR C   O    doub N N 344 
TYR C   OXT  sing N N 345 
TYR CB  CG   sing N N 346 
TYR CB  HB2  sing N N 347 
TYR CB  HB3  sing N N 348 
TYR CG  CD1  doub Y N 349 
TYR CG  CD2  sing Y N 350 
TYR CD1 CE1  sing Y N 351 
TYR CD1 HD1  sing N N 352 
TYR CD2 CE2  doub Y N 353 
TYR CD2 HD2  sing N N 354 
TYR CE1 CZ   doub Y N 355 
TYR CE1 HE1  sing N N 356 
TYR CE2 CZ   sing Y N 357 
TYR CE2 HE2  sing N N 358 
TYR CZ  OH   sing N N 359 
TYR OH  HH   sing N N 360 
TYR OXT HXT  sing N N 361 
VAL N   CA   sing N N 362 
VAL N   H    sing N N 363 
VAL N   H2   sing N N 364 
VAL CA  C    sing N N 365 
VAL CA  CB   sing N N 366 
VAL CA  HA   sing N N 367 
VAL C   O    doub N N 368 
VAL C   OXT  sing N N 369 
VAL CB  CG1  sing N N 370 
VAL CB  CG2  sing N N 371 
VAL CB  HB   sing N N 372 
VAL CG1 HG11 sing N N 373 
VAL CG1 HG12 sing N N 374 
VAL CG1 HG13 sing N N 375 
VAL CG2 HG21 sing N N 376 
VAL CG2 HG22 sing N N 377 
VAL CG2 HG23 sing N N 378 
VAL OXT HXT  sing N N 379 
# 
_atom_sites.entry_id                    1RXI 
_atom_sites.fract_transf_matrix[1][1]   0.01908181 
_atom_sites.fract_transf_matrix[1][2]   0.02500109 
_atom_sites.fract_transf_matrix[1][3]   0.00120135 
_atom_sites.fract_transf_matrix[2][1]   0.02332459 
_atom_sites.fract_transf_matrix[2][2]   -0.01770037 
_atom_sites.fract_transf_matrix[2][3]   -0.00211987 
_atom_sites.fract_transf_matrix[3][1]   0.00068836 
_atom_sites.fract_transf_matrix[3][2]   0.00278185 
_atom_sites.fract_transf_matrix[3][3]   -0.01565384 
_atom_sites.fract_transf_vector[1]      0.421595 
_atom_sites.fract_transf_vector[2]      0.003121 
_atom_sites.fract_transf_vector[3]      0.231240 
# 
loop_
_atom_type.symbol 
C  
CL 
K  
N  
O  
S  
# 
loop_
_atom_site.group_PDB 
_atom_site.id 
_atom_site.type_symbol 
_atom_site.label_atom_id 
_atom_site.label_alt_id 
_atom_site.label_comp_id 
_atom_site.label_asym_id 
_atom_site.label_entity_id 
_atom_site.label_seq_id 
_atom_site.pdbx_PDB_ins_code 
_atom_site.Cartn_x 
_atom_site.Cartn_y 
_atom_site.Cartn_z 
_atom_site.occupancy 
_atom_site.B_iso_or_equiv 
_atom_site.pdbx_formal_charge 
_atom_site.auth_seq_id 
_atom_site.auth_comp_id 
_atom_site.auth_asym_id 
_atom_site.auth_atom_id 
_atom_site.pdbx_PDB_model_num 
ATOM   1    N  N   . MET A 1 1   ? -5.651  -14.949 17.216  1.00 46.40 ? 1   MET A N   1 
ATOM   2    C  CA  . MET A 1 1   ? -4.233  -14.684 17.596  1.00 44.89 ? 1   MET A CA  1 
ATOM   3    C  C   . MET A 1 1   ? -4.016  -13.171 17.549  1.00 41.30 ? 1   MET A C   1 
ATOM   4    O  O   . MET A 1 1   ? -4.881  -12.432 17.078  1.00 41.83 ? 1   MET A O   1 
ATOM   5    C  CB  . MET A 1 1   ? -3.289  -15.383 16.613  1.00 49.46 ? 1   MET A CB  1 
ATOM   6    C  CG  . MET A 1 1   ? -2.058  -16.016 17.251  1.00 54.15 ? 1   MET A CG  1 
ATOM   7    S  SD  . MET A 1 1   ? -0.976  -14.879 18.130  1.00 65.45 ? 1   MET A SD  1 
ATOM   8    C  CE  . MET A 1 1   ? 0.229   -16.021 18.812  1.00 60.30 ? 1   MET A CE  1 
ATOM   9    N  N   . ASP A 1 2   ? -2.869  -12.712 18.040  1.00 37.94 ? 2   ASP A N   1 
ATOM   10   C  CA  . ASP A 1 2   ? -2.564  -11.286 18.047  1.00 31.89 ? 2   ASP A CA  1 
ATOM   11   C  C   . ASP A 1 2   ? -2.581  -10.718 16.631  1.00 29.90 ? 2   ASP A C   1 
ATOM   12   O  O   . ASP A 1 2   ? -1.981  -11.285 15.716  1.00 27.71 ? 2   ASP A O   1 
ATOM   13   C  CB  . ASP A 1 2   ? -1.195  -11.041 18.684  1.00 34.85 ? 2   ASP A CB  1 
ATOM   14   N  N   . LYS A 1 3   ? -3.275  -9.598  16.455  1.00 26.44 ? 3   LYS A N   1 
ATOM   15   C  CA  . LYS A 1 3   ? -3.368  -8.958  15.149  1.00 23.08 ? 3   LYS A CA  1 
ATOM   16   C  C   . LYS A 1 3   ? -1.981  -8.528  14.680  1.00 19.64 ? 3   LYS A C   1 
ATOM   17   O  O   . LYS A 1 3   ? -1.168  -8.058  15.474  1.00 20.60 ? 3   LYS A O   1 
ATOM   18   C  CB  . LYS A 1 3   ? -4.298  -7.746  15.221  1.00 26.43 ? 3   LYS A CB  1 
ATOM   19   C  CG  . LYS A 1 3   ? -4.486  -7.034  13.894  1.00 28.02 ? 3   LYS A CG  1 
ATOM   20   C  CD  . LYS A 1 3   ? -5.499  -5.902  13.993  1.00 33.61 ? 3   LYS A CD  1 
ATOM   21   C  CE  . LYS A 1 3   ? -6.889  -6.424  14.320  1.00 37.78 ? 3   LYS A CE  1 
ATOM   22   N  NZ  . LYS A 1 3   ? -7.895  -5.324  14.371  1.00 40.01 ? 3   LYS A NZ  1 
ATOM   23   N  N   . LYS A 1 4   ? -1.716  -8.695  13.390  1.00 17.46 ? 4   LYS A N   1 
ATOM   24   C  CA  . LYS A 1 4   ? -0.422  -8.333  12.831  1.00 16.64 ? 4   LYS A CA  1 
ATOM   25   C  C   . LYS A 1 4   ? -0.473  -6.989  12.117  1.00 16.13 ? 4   LYS A C   1 
ATOM   26   O  O   . LYS A 1 4   ? -1.544  -6.404  11.945  1.00 15.51 ? 4   LYS A O   1 
ATOM   27   C  CB  . LYS A 1 4   ? 0.061   -9.425  11.873  1.00 17.81 ? 4   LYS A CB  1 
ATOM   28   C  CG  . LYS A 1 4   ? 0.331   -10.758 12.559  1.00 21.48 ? 4   LYS A CG  1 
ATOM   29   C  CD  . LYS A 1 4   ? 0.807   -11.809 11.569  1.00 22.95 ? 4   LYS A CD  1 
ATOM   30   C  CE  . LYS A 1 4   ? 1.099   -13.129 12.264  1.00 32.64 ? 4   LYS A CE  1 
ATOM   31   N  NZ  . LYS A 1 4   ? 1.595   -14.154 11.306  1.00 39.40 ? 4   LYS A NZ  1 
ATOM   32   N  N   . THR A 1 5   ? 0.693   -6.504  11.705  1.00 13.42 ? 5   THR A N   1 
ATOM   33   C  CA  . THR A 1 5   ? 0.775   -5.217  11.028  1.00 13.40 ? 5   THR A CA  1 
ATOM   34   C  C   . THR A 1 5   ? 1.514   -5.297  9.702   1.00 11.22 ? 5   THR A C   1 
ATOM   35   O  O   . THR A 1 5   ? 2.621   -5.832  9.633   1.00 12.30 ? 5   THR A O   1 
ATOM   36   C  CB  . THR A 1 5   ? 1.468   -4.174  11.928  1.00 14.22 ? 5   THR A CB  1 
ATOM   37   O  OG1 . THR A 1 5   ? 0.660   -3.942  13.092  1.00 14.88 ? 5   THR A OG1 1 
ATOM   38   C  CG2 . THR A 1 5   ? 1.669   -2.859  11.187  1.00 15.93 ? 5   THR A CG2 1 
ATOM   39   N  N   . ILE A 1 6   ? 0.880   -4.779  8.652   1.00 11.09 ? 6   ILE A N   1 
ATOM   40   C  CA  . ILE A 1 6   ? 1.467   -4.765  7.312   1.00 12.35 ? 6   ILE A CA  1 
ATOM   41   C  C   . ILE A 1 6   ? 1.572   -3.299  6.880   1.00 10.35 ? 6   ILE A C   1 
ATOM   42   O  O   . ILE A 1 6   ? 0.637   -2.511  7.054   1.00 12.38 ? 6   ILE A O   1 
ATOM   43   C  CB  . ILE A 1 6   ? 0.615   -5.604  6.317   1.00 13.03 ? 6   ILE A CB  1 
ATOM   44   C  CG1 . ILE A 1 6   ? 1.321   -5.700  4.963   1.00 13.22 ? 6   ILE A CG1 1 
ATOM   45   C  CG2 . ILE A 1 6   ? -0.778  -5.005  6.180   1.00 12.12 ? 6   ILE A CG2 1 
ATOM   46   C  CD1 . ILE A 1 6   ? 0.645   -6.653  3.996   1.00 17.96 ? 6   ILE A CD1 1 
ATOM   47   N  N   . TYR A 1 7   ? 2.724   -2.944  6.320   1.00 10.67 ? 7   TYR A N   1 
ATOM   48   C  CA  . TYR A 1 7   ? 3.016   -1.571  5.935   1.00 11.18 ? 7   TYR A CA  1 
ATOM   49   C  C   . TYR A 1 7   ? 3.374   -1.499  4.454   1.00 10.05 ? 7   TYR A C   1 
ATOM   50   O  O   . TYR A 1 7   ? 4.416   -2.007  4.040   1.00 12.10 ? 7   TYR A O   1 
ATOM   51   C  CB  . TYR A 1 7   ? 4.192   -1.103  6.805   1.00 11.96 ? 7   TYR A CB  1 
ATOM   52   C  CG  . TYR A 1 7   ? 4.343   0.380   7.034   1.00 12.66 ? 7   TYR A CG  1 
ATOM   53   C  CD1 . TYR A 1 7   ? 5.320   0.859   7.910   1.00 13.20 ? 7   TYR A CD1 1 
ATOM   54   C  CD2 . TYR A 1 7   ? 3.487   1.303   6.438   1.00 13.75 ? 7   TYR A CD2 1 
ATOM   55   C  CE1 . TYR A 1 7   ? 5.434   2.214   8.198   1.00 17.80 ? 7   TYR A CE1 1 
ATOM   56   C  CE2 . TYR A 1 7   ? 3.595   2.668   6.719   1.00 14.52 ? 7   TYR A CE2 1 
ATOM   57   C  CZ  . TYR A 1 7   ? 4.568   3.111   7.604   1.00 15.00 ? 7   TYR A CZ  1 
ATOM   58   O  OH  . TYR A 1 7   ? 4.646   4.445   7.925   1.00 15.95 ? 7   TYR A OH  1 
ATOM   59   N  N   . PHE A 1 8   ? 2.502   -0.885  3.659   1.00 9.96  ? 8   PHE A N   1 
ATOM   60   C  CA  . PHE A 1 8   ? 2.749   -0.752  2.226   1.00 8.86  ? 8   PHE A CA  1 
ATOM   61   C  C   . PHE A 1 8   ? 3.511   0.529   1.957   1.00 10.68 ? 8   PHE A C   1 
ATOM   62   O  O   . PHE A 1 8   ? 3.052   1.614   2.300   1.00 13.07 ? 8   PHE A O   1 
ATOM   63   C  CB  . PHE A 1 8   ? 1.437   -0.730  1.437   1.00 12.31 ? 8   PHE A CB  1 
ATOM   64   C  CG  . PHE A 1 8   ? 0.685   -2.036  1.457   1.00 8.51  ? 8   PHE A CG  1 
ATOM   65   C  CD1 . PHE A 1 8   ? -0.440  -2.201  2.254   1.00 12.43 ? 8   PHE A CD1 1 
ATOM   66   C  CD2 . PHE A 1 8   ? 1.114   -3.102  0.672   1.00 11.01 ? 8   PHE A CD2 1 
ATOM   67   C  CE1 . PHE A 1 8   ? -1.132  -3.416  2.260   1.00 12.23 ? 8   PHE A CE1 1 
ATOM   68   C  CE2 . PHE A 1 8   ? 0.434   -4.314  0.673   1.00 12.68 ? 8   PHE A CE2 1 
ATOM   69   C  CZ  . PHE A 1 8   ? -0.689  -4.474  1.467   1.00 12.03 ? 8   PHE A CZ  1 
ATOM   70   N  N   . ILE A 1 9   ? 4.671   0.396   1.326   1.00 9.63  ? 9   ILE A N   1 
ATOM   71   C  CA  . ILE A 1 9   ? 5.505   1.553   1.021   1.00 9.22  ? 9   ILE A CA  1 
ATOM   72   C  C   . ILE A 1 9   ? 5.736   1.655   -0.485  1.00 10.04 ? 9   ILE A C   1 
ATOM   73   O  O   . ILE A 1 9   ? 6.080   0.667   -1.134  1.00 10.75 ? 9   ILE A O   1 
ATOM   74   C  CB  . ILE A 1 9   ? 6.873   1.433   1.717   1.00 9.97  ? 9   ILE A CB  1 
ATOM   75   C  CG1 . ILE A 1 9   ? 6.669   1.197   3.213   1.00 12.72 ? 9   ILE A CG1 1 
ATOM   76   C  CG2 . ILE A 1 9   ? 7.698   2.701   1.473   1.00 11.13 ? 9   ILE A CG2 1 
ATOM   77   C  CD1 . ILE A 1 9   ? 7.957   1.059   3.998   1.00 18.55 ? 9   ILE A CD1 1 
ATOM   78   N  N   . SER A 1 10  ? 5.550   2.849   -1.043  1.00 9.72  ? 10  SER A N   1 
ATOM   79   C  CA  . SER A 1 10  ? 5.777   3.038   -2.470  1.00 8.17  ? 10  SER A CA  1 
ATOM   80   C  C   . SER A 1 10  ? 6.617   4.301   -2.672  1.00 12.19 ? 10  SER A C   1 
ATOM   81   O  O   . SER A 1 10  ? 7.083   4.892   -1.703  1.00 13.08 ? 10  SER A O   1 
ATOM   82   C  CB  . SER A 1 10  ? 4.446   3.138   -3.215  1.00 9.73  ? 10  SER A CB  1 
ATOM   83   O  OG  . SER A 1 10  ? 4.652   3.053   -4.619  1.00 14.89 ? 10  SER A OG  1 
ATOM   84   N  N   . THR A 1 11  ? 6.838   4.694   -3.922  1.00 12.14 ? 11  THR A N   1 
ATOM   85   C  CA  . THR A 1 11  ? 7.628   5.890   -4.204  1.00 11.58 ? 11  THR A CA  1 
ATOM   86   C  C   . THR A 1 11  ? 6.967   7.079   -3.526  1.00 15.01 ? 11  THR A C   1 
ATOM   87   O  O   . THR A 1 11  ? 7.621   7.878   -2.847  1.00 14.12 ? 11  THR A O   1 
ATOM   88   C  CB  . THR A 1 11  ? 7.712   6.141   -5.706  1.00 14.59 ? 11  THR A CB  1 
ATOM   89   O  OG1 . THR A 1 11  ? 8.316   5.006   -6.333  1.00 16.07 ? 11  THR A OG1 1 
ATOM   90   C  CG2 . THR A 1 11  ? 8.550   7.377   -5.996  1.00 15.94 ? 11  THR A CG2 1 
ATOM   91   N  N   . GLY A 1 12  ? 5.661   7.189   -3.727  1.00 11.82 ? 12  GLY A N   1 
ATOM   92   C  CA  . GLY A 1 12  ? 4.896   8.246   -3.105  1.00 17.48 ? 12  GLY A CA  1 
ATOM   93   C  C   . GLY A 1 12  ? 3.811   7.546   -2.315  1.00 14.28 ? 12  GLY A C   1 
ATOM   94   O  O   . GLY A 1 12  ? 3.782   6.319   -2.243  1.00 18.28 ? 12  GLY A O   1 
ATOM   95   N  N   . ASN A 1 13  ? 2.926   8.311   -1.703  1.00 17.47 ? 13  ASN A N   1 
ATOM   96   C  CA  . ASN A 1 13  ? 1.828   7.720   -0.960  1.00 14.25 ? 13  ASN A CA  1 
ATOM   97   C  C   . ASN A 1 13  ? 0.630   8.361   -1.640  1.00 13.13 ? 13  ASN A C   1 
ATOM   98   O  O   . ASN A 1 13  ? -0.254  8.907   -0.985  1.00 14.48 ? 13  ASN A O   1 
ATOM   99   C  CB  . ASN A 1 13  ? 1.895   8.146   0.506   1.00 14.64 ? 13  ASN A CB  1 
ATOM   100  C  CG  . ASN A 1 13  ? 0.998   7.315   1.402   1.00 12.78 ? 13  ASN A CG  1 
ATOM   101  O  OD1 . ASN A 1 13  ? 0.685   7.723   2.517   1.00 11.85 ? 13  ASN A OD1 1 
ATOM   102  N  ND2 . ASN A 1 13  ? 0.607   6.133   0.936   1.00 13.95 ? 13  ASN A ND2 1 
ATOM   103  N  N   . SER A 1 14  ? 0.613   8.275   -2.967  1.00 11.91 ? 14  SER A N   1 
ATOM   104  C  CA  . SER A 1 14  ? -0.429  8.893   -3.771  1.00 11.36 ? 14  SER A CA  1 
ATOM   105  C  C   . SER A 1 14  ? -1.389  7.953   -4.494  1.00 13.03 ? 14  SER A C   1 
ATOM   106  O  O   . SER A 1 14  ? -2.569  8.262   -4.621  1.00 13.32 ? 14  SER A O   1 
ATOM   107  C  CB  A SER A 1 14  ? 0.224   9.829   -4.796  0.50 16.93 ? 14  SER A CB  1 
ATOM   108  C  CB  B SER A 1 14  ? 0.206   9.829   -4.805  0.50 16.18 ? 14  SER A CB  1 
ATOM   109  O  OG  A SER A 1 14  ? -0.735  10.404  -5.661  0.50 18.90 ? 14  SER A OG  1 
ATOM   110  O  OG  B SER A 1 14  ? 0.960   10.848  -4.175  0.05 9.05  ? 14  SER A OG  1 
ATOM   111  N  N   . ALA A 1 15  ? -0.898  6.816   -4.975  1.00 12.96 ? 15  ALA A N   1 
ATOM   112  C  CA  . ALA A 1 15  ? -1.771  5.911   -5.717  1.00 11.17 ? 15  ALA A CA  1 
ATOM   113  C  C   . ALA A 1 15  ? -1.643  4.444   -5.333  1.00 11.08 ? 15  ALA A C   1 
ATOM   114  O  O   . ALA A 1 15  ? -2.499  3.904   -4.629  1.00 12.40 ? 15  ALA A O   1 
ATOM   115  C  CB  . ALA A 1 15  ? -1.521  6.079   -7.208  1.00 11.69 ? 15  ALA A CB  1 
ATOM   116  N  N   . ARG A 1 16  ? -0.581  3.795   -5.803  1.00 10.32 ? 16  ARG A N   1 
ATOM   117  C  CA  . ARG A 1 16  ? -0.367  2.380   -5.510  1.00 9.42  ? 16  ARG A CA  1 
ATOM   118  C  C   . ARG A 1 16  ? -0.482  2.032   -4.034  1.00 11.12 ? 16  ARG A C   1 
ATOM   119  O  O   . ARG A 1 16  ? -1.221  1.125   -3.658  1.00 9.71  ? 16  ARG A O   1 
ATOM   120  C  CB  . ARG A 1 16  ? 1.001   1.937   -6.031  1.00 7.39  ? 16  ARG A CB  1 
ATOM   121  C  CG  . ARG A 1 16  ? 1.085   1.896   -7.543  1.00 8.58  ? 16  ARG A CG  1 
ATOM   122  C  CD  . ARG A 1 16  ? 2.515   1.759   -8.032  1.00 9.16  ? 16  ARG A CD  1 
ATOM   123  N  NE  . ARG A 1 16  ? 3.273   2.980   -7.777  1.00 9.18  ? 16  ARG A NE  1 
ATOM   124  C  CZ  . ARG A 1 16  ? 4.504   3.199   -8.214  1.00 9.27  ? 16  ARG A CZ  1 
ATOM   125  N  NH1 . ARG A 1 16  ? 5.131   2.281   -8.932  1.00 9.16  ? 16  ARG A NH1 1 
ATOM   126  N  NH2 . ARG A 1 16  ? 5.112   4.342   -7.930  1.00 11.32 ? 16  ARG A NH2 1 
ATOM   127  N  N   . SER A 1 17  ? 0.247   2.757   -3.197  1.00 10.05 ? 17  SER A N   1 
ATOM   128  C  CA  . SER A 1 17  ? 0.222   2.503   -1.766  1.00 9.02  ? 17  SER A CA  1 
ATOM   129  C  C   . SER A 1 17  ? -1.142  2.781   -1.133  1.00 8.31  ? 17  SER A C   1 
ATOM   130  O  O   . SER A 1 17  ? -1.518  2.096   -0.199  1.00 8.94  ? 17  SER A O   1 
ATOM   131  C  CB  . SER A 1 17  ? 1.308   3.330   -1.075  1.00 10.75 ? 17  SER A CB  1 
ATOM   132  O  OG  . SER A 1 17  ? 1.184   4.696   -1.404  1.00 17.46 ? 17  SER A OG  1 
ATOM   133  N  N   . GLN A 1 18  ? -1.872  3.774   -1.644  1.00 9.95  ? 18  GLN A N   1 
ATOM   134  C  CA  . GLN A 1 18  ? -3.196  4.111   -1.112  1.00 9.86  ? 18  GLN A CA  1 
ATOM   135  C  C   . GLN A 1 18  ? -4.217  3.038   -1.488  1.00 9.91  ? 18  GLN A C   1 
ATOM   136  O  O   . GLN A 1 18  ? -5.067  2.663   -0.681  1.00 11.25 ? 18  GLN A O   1 
ATOM   137  C  CB  . GLN A 1 18  ? -3.657  5.472   -1.645  1.00 12.63 ? 18  GLN A CB  1 
ATOM   138  C  CG  . GLN A 1 18  ? -2.830  6.669   -1.166  1.00 12.41 ? 18  GLN A CG  1 
ATOM   139  C  CD  . GLN A 1 18  ? -2.940  6.909   0.329   1.00 12.86 ? 18  GLN A CD  1 
ATOM   140  O  OE1 . GLN A 1 18  ? -3.759  6.290   1.010   1.00 15.08 ? 18  GLN A OE1 1 
ATOM   141  N  NE2 . GLN A 1 18  ? -2.127  7.824   0.845   1.00 13.60 ? 18  GLN A NE2 1 
ATOM   142  N  N   . MET A 1 19  ? -4.142  2.547   -2.717  1.00 9.79  ? 19  MET A N   1 
ATOM   143  C  CA  . MET A 1 19  ? -5.068  1.500   -3.132  1.00 10.27 ? 19  MET A CA  1 
ATOM   144  C  C   . MET A 1 19  ? -4.736  0.225   -2.357  1.00 11.19 ? 19  MET A C   1 
ATOM   145  O  O   . MET A 1 19  ? -5.637  -0.526  -1.984  1.00 10.23 ? 19  MET A O   1 
ATOM   146  C  CB  . MET A 1 19  ? -5.000  1.287   -4.650  1.00 12.83 ? 19  MET A CB  1 
ATOM   147  C  CG  . MET A 1 19  ? -5.532  2.505   -5.408  1.00 12.41 ? 19  MET A CG  1 
ATOM   148  S  SD  . MET A 1 19  ? -5.727  2.322   -7.181  1.00 21.80 ? 19  MET A SD  1 
ATOM   149  C  CE  . MET A 1 19  ? -4.191  1.857   -7.516  1.00 6.65  ? 19  MET A CE  1 
ATOM   150  N  N   . ALA A 1 20  ? -3.450  -0.014  -2.100  1.00 8.29  ? 20  ALA A N   1 
ATOM   151  C  CA  . ALA A 1 20  ? -3.048  -1.194  -1.329  1.00 9.98  ? 20  ALA A CA  1 
ATOM   152  C  C   . ALA A 1 20  ? -3.612  -1.091  0.093   1.00 10.48 ? 20  ALA A C   1 
ATOM   153  O  O   . ALA A 1 20  ? -4.099  -2.078  0.646   1.00 11.67 ? 20  ALA A O   1 
ATOM   154  C  CB  . ALA A 1 20  ? -1.516  -1.314  -1.288  1.00 10.16 ? 20  ALA A CB  1 
ATOM   155  N  N   . GLU A 1 21  ? -3.552  0.099   0.681   1.00 10.26 ? 21  GLU A N   1 
ATOM   156  C  CA  . GLU A 1 21  ? -4.077  0.291   2.031   1.00 10.72 ? 21  GLU A CA  1 
ATOM   157  C  C   . GLU A 1 21  ? -5.585  0.044   2.028   1.00 12.31 ? 21  GLU A C   1 
ATOM   158  O  O   . GLU A 1 21  ? -6.115  -0.594  2.933   1.00 13.42 ? 21  GLU A O   1 
ATOM   159  C  CB  . GLU A 1 21  ? -3.781  1.710   2.535   1.00 12.60 ? 21  GLU A CB  1 
ATOM   160  C  CG  . GLU A 1 21  ? -4.379  1.993   3.911   1.00 14.32 ? 21  GLU A CG  1 
ATOM   161  C  CD  . GLU A 1 21  ? -4.036  3.366   4.450   1.00 19.97 ? 21  GLU A CD  1 
ATOM   162  O  OE1 . GLU A 1 21  ? -4.617  3.750   5.487   1.00 22.84 ? 21  GLU A OE1 1 
ATOM   163  O  OE2 . GLU A 1 21  ? -3.187  4.060   3.856   1.00 17.99 ? 21  GLU A OE2 1 
ATOM   164  N  N   . GLY A 1 22  ? -6.262  0.552   1.004   1.00 9.14  ? 22  GLY A N   1 
ATOM   165  C  CA  . GLY A 1 22  ? -7.702  0.377   0.881   1.00 11.44 ? 22  GLY A CA  1 
ATOM   166  C  C   . GLY A 1 22  ? -8.090  -1.083  0.765   1.00 11.01 ? 22  GLY A C   1 
ATOM   167  O  O   . GLY A 1 22  ? -8.972  -1.552  1.482   1.00 11.81 ? 22  GLY A O   1 
ATOM   168  N  N   . TRP A 1 23  ? -7.449  -1.803  -0.152  1.00 11.47 ? 23  TRP A N   1 
ATOM   169  C  CA  . TRP A 1 23  ? -7.719  -3.227  -0.327  1.00 10.62 ? 23  TRP A CA  1 
ATOM   170  C  C   . TRP A 1 23  ? -7.326  -4.003  0.925   1.00 14.08 ? 23  TRP A C   1 
ATOM   171  O  O   . TRP A 1 23  ? -8.038  -4.915  1.349   1.00 14.44 ? 23  TRP A O   1 
ATOM   172  C  CB  . TRP A 1 23  ? -6.931  -3.788  -1.511  1.00 10.38 ? 23  TRP A CB  1 
ATOM   173  C  CG  . TRP A 1 23  ? -7.501  -3.467  -2.848  1.00 13.29 ? 23  TRP A CG  1 
ATOM   174  C  CD1 . TRP A 1 23  ? -6.859  -2.856  -3.887  1.00 10.95 ? 23  TRP A CD1 1 
ATOM   175  C  CD2 . TRP A 1 23  ? -8.813  -3.790  -3.320  1.00 13.83 ? 23  TRP A CD2 1 
ATOM   176  N  NE1 . TRP A 1 23  ? -7.689  -2.780  -4.978  1.00 12.21 ? 23  TRP A NE1 1 
ATOM   177  C  CE2 . TRP A 1 23  ? -8.896  -3.346  -4.658  1.00 14.20 ? 23  TRP A CE2 1 
ATOM   178  C  CE3 . TRP A 1 23  ? -9.929  -4.414  -2.745  1.00 16.80 ? 23  TRP A CE3 1 
ATOM   179  C  CZ2 . TRP A 1 23  ? -10.050 -3.505  -5.431  1.00 17.17 ? 23  TRP A CZ2 1 
ATOM   180  C  CZ3 . TRP A 1 23  ? -11.079 -4.573  -3.518  1.00 19.63 ? 23  TRP A CZ3 1 
ATOM   181  C  CH2 . TRP A 1 23  ? -11.128 -4.120  -4.844  1.00 16.24 ? 23  TRP A CH2 1 
ATOM   182  N  N   . GLY A 1 24  ? -6.183  -3.649  1.500   1.00 14.31 ? 24  GLY A N   1 
ATOM   183  C  CA  . GLY A 1 24  ? -5.717  -4.324  2.696   1.00 12.34 ? 24  GLY A CA  1 
ATOM   184  C  C   . GLY A 1 24  ? -6.715  -4.278  3.838   1.00 16.63 ? 24  GLY A C   1 
ATOM   185  O  O   . GLY A 1 24  ? -6.988  -5.298  4.467   1.00 16.55 ? 24  GLY A O   1 
ATOM   186  N  N   . LYS A 1 25  ? -7.266  -3.102  4.112   1.00 12.54 ? 25  LYS A N   1 
ATOM   187  C  CA  . LYS A 1 25  ? -8.231  -2.978  5.200   1.00 15.43 ? 25  LYS A CA  1 
ATOM   188  C  C   . LYS A 1 25  ? -9.493  -3.787  4.921   1.00 17.74 ? 25  LYS A C   1 
ATOM   189  O  O   . LYS A 1 25  ? -10.101 -4.349  5.837   1.00 19.47 ? 25  LYS A O   1 
ATOM   190  C  CB  . LYS A 1 25  ? -8.587  -1.509  5.427   1.00 16.88 ? 25  LYS A CB  1 
ATOM   191  C  CG  . LYS A 1 25  ? -7.439  -0.679  5.972   1.00 18.36 ? 25  LYS A CG  1 
ATOM   192  C  CD  . LYS A 1 25  ? -7.830  0.775   6.154   1.00 21.80 ? 25  LYS A CD  1 
ATOM   193  C  CE  . LYS A 1 25  ? -6.701  1.571   6.785   1.00 25.06 ? 25  LYS A CE  1 
ATOM   194  N  NZ  . LYS A 1 25  ? -7.054  3.010   6.934   1.00 31.69 ? 25  LYS A NZ  1 
ATOM   195  N  N   . GLU A 1 26  ? -9.873  -3.865  3.654   1.00 16.49 ? 26  GLU A N   1 
ATOM   196  C  CA  . GLU A 1 26  ? -11.071 -4.596  3.260   1.00 19.19 ? 26  GLU A CA  1 
ATOM   197  C  C   . GLU A 1 26  ? -10.884 -6.111  3.294   1.00 20.18 ? 26  GLU A C   1 
ATOM   198  O  O   . GLU A 1 26  ? -11.730 -6.845  3.813   1.00 22.24 ? 26  GLU A O   1 
ATOM   199  C  CB  . GLU A 1 26  ? -11.494 -4.163  1.855   1.00 22.18 ? 26  GLU A CB  1 
ATOM   200  C  CG  . GLU A 1 26  ? -12.763 -4.824  1.343   1.00 27.67 ? 26  GLU A CG  1 
ATOM   201  C  CD  . GLU A 1 26  ? -13.949 -4.563  2.244   1.00 33.61 ? 26  GLU A CD  1 
ATOM   202  O  OE1 . GLU A 1 26  ? -14.225 -3.381  2.531   1.00 34.14 ? 26  GLU A OE1 1 
ATOM   203  O  OE2 . GLU A 1 26  ? -14.608 -5.539  2.660   1.00 36.08 ? 26  GLU A OE2 1 
ATOM   204  N  N   . ILE A 1 27  ? -9.765  -6.574  2.750   1.00 17.56 ? 27  ILE A N   1 
ATOM   205  C  CA  . ILE A 1 27  ? -9.462  -7.996  2.675   1.00 18.18 ? 27  ILE A CA  1 
ATOM   206  C  C   . ILE A 1 27  ? -8.776  -8.585  3.914   1.00 19.32 ? 27  ILE A C   1 
ATOM   207  O  O   . ILE A 1 27  ? -9.097  -9.700  4.335   1.00 21.74 ? 27  ILE A O   1 
ATOM   208  C  CB  . ILE A 1 27  ? -8.576  -8.275  1.438   1.00 16.83 ? 27  ILE A CB  1 
ATOM   209  C  CG1 . ILE A 1 27  ? -9.323  -7.838  0.178   1.00 16.40 ? 27  ILE A CG1 1 
ATOM   210  C  CG2 . ILE A 1 27  ? -8.201  -9.747  1.359   1.00 16.93 ? 27  ILE A CG2 1 
ATOM   211  C  CD1 . ILE A 1 27  ? -8.510  -7.945  -1.096  1.00 18.16 ? 27  ILE A CD1 1 
ATOM   212  N  N   . LEU A 1 28  ? -7.852  -7.832  4.501   1.00 19.36 ? 28  LEU A N   1 
ATOM   213  C  CA  . LEU A 1 28  ? -7.090  -8.304  5.659   1.00 19.79 ? 28  LEU A CA  1 
ATOM   214  C  C   . LEU A 1 28  ? -7.491  -7.682  6.998   1.00 20.43 ? 28  LEU A C   1 
ATOM   215  O  O   . LEU A 1 28  ? -6.882  -7.981  8.028   1.00 19.91 ? 28  LEU A O   1 
ATOM   216  C  CB  . LEU A 1 28  ? -5.607  -8.026  5.418   1.00 16.08 ? 28  LEU A CB  1 
ATOM   217  C  CG  . LEU A 1 28  ? -4.996  -8.511  4.099   1.00 17.74 ? 28  LEU A CG  1 
ATOM   218  C  CD1 . LEU A 1 28  ? -3.591  -7.941  3.949   1.00 17.78 ? 28  LEU A CD1 1 
ATOM   219  C  CD2 . LEU A 1 28  ? -4.982  -10.032 4.051   1.00 19.56 ? 28  LEU A CD2 1 
ATOM   220  N  N   . GLY A 1 29  ? -8.509  -6.826  6.980   1.00 23.30 ? 29  GLY A N   1 
ATOM   221  C  CA  . GLY A 1 29  ? -8.955  -6.142  8.185   1.00 24.62 ? 29  GLY A CA  1 
ATOM   222  C  C   . GLY A 1 29  ? -9.120  -6.923  9.479   1.00 24.34 ? 29  GLY A C   1 
ATOM   223  O  O   . GLY A 1 29  ? -8.819  -6.408  10.558  1.00 25.67 ? 29  GLY A O   1 
ATOM   224  N  N   . GLU A 1 30  ? -9.603  -8.156  9.387   1.00 23.11 ? 30  GLU A N   1 
ATOM   225  C  CA  . GLU A 1 30  ? -9.817  -8.978  10.576  1.00 25.12 ? 30  GLU A CA  1 
ATOM   226  C  C   . GLU A 1 30  ? -8.550  -9.303  11.359  1.00 24.40 ? 30  GLU A C   1 
ATOM   227  O  O   . GLU A 1 30  ? -8.538  -9.242  12.590  1.00 24.50 ? 30  GLU A O   1 
ATOM   228  C  CB  . GLU A 1 30  ? -10.516 -10.284 10.195  1.00 23.93 ? 30  GLU A CB  1 
ATOM   229  C  CG  . GLU A 1 30  ? -11.918 -10.101 9.637   1.00 32.17 ? 30  GLU A CG  1 
ATOM   230  N  N   . GLY A 1 31  ? -7.482  -9.651  10.652  1.00 23.58 ? 31  GLY A N   1 
ATOM   231  C  CA  . GLY A 1 31  ? -6.253  -9.999  11.339  1.00 20.55 ? 31  GLY A CA  1 
ATOM   232  C  C   . GLY A 1 31  ? -5.074  -9.074  11.129  1.00 19.89 ? 31  GLY A C   1 
ATOM   233  O  O   . GLY A 1 31  ? -3.967  -9.393  11.562  1.00 19.19 ? 31  GLY A O   1 
ATOM   234  N  N   . TRP A 1 32  ? -5.296  -7.925  10.496  1.00 14.90 ? 32  TRP A N   1 
ATOM   235  C  CA  . TRP A 1 32  ? -4.195  -7.003  10.242  1.00 17.01 ? 32  TRP A CA  1 
ATOM   236  C  C   . TRP A 1 32  ? -4.464  -5.521  10.400  1.00 13.51 ? 32  TRP A C   1 
ATOM   237  O  O   . TRP A 1 32  ? -5.540  -5.027  10.051  1.00 19.44 ? 32  TRP A O   1 
ATOM   238  C  CB  . TRP A 1 32  ? -3.655  -7.174  8.815   1.00 13.43 ? 32  TRP A CB  1 
ATOM   239  C  CG  . TRP A 1 32  ? -3.070  -8.503  8.488   1.00 16.21 ? 32  TRP A CG  1 
ATOM   240  C  CD1 . TRP A 1 32  ? -3.742  -9.660  8.221   1.00 15.99 ? 32  TRP A CD1 1 
ATOM   241  C  CD2 . TRP A 1 32  ? -1.679  -8.818  8.418   1.00 13.12 ? 32  TRP A CD2 1 
ATOM   242  N  NE1 . TRP A 1 32  ? -2.851  -10.682 7.988   1.00 17.64 ? 32  TRP A NE1 1 
ATOM   243  C  CE2 . TRP A 1 32  ? -1.576  -10.192 8.103   1.00 16.61 ? 32  TRP A CE2 1 
ATOM   244  C  CE3 . TRP A 1 32  ? -0.505  -8.073  8.593   1.00 13.08 ? 32  TRP A CE3 1 
ATOM   245  C  CZ2 . TRP A 1 32  ? -0.343  -10.837 7.959   1.00 12.63 ? 32  TRP A CZ2 1 
ATOM   246  C  CZ3 . TRP A 1 32  ? 0.718   -8.712  8.450   1.00 16.96 ? 32  TRP A CZ3 1 
ATOM   247  C  CH2 . TRP A 1 32  ? 0.788   -10.083 8.136   1.00 12.84 ? 32  TRP A CH2 1 
ATOM   248  N  N   . ASN A 1 33  ? -3.463  -4.818  10.922  1.00 14.13 ? 33  ASN A N   1 
ATOM   249  C  CA  . ASN A 1 33  ? -3.501  -3.365  11.009  1.00 14.49 ? 33  ASN A CA  1 
ATOM   250  C  C   . ASN A 1 33  ? -2.826  -3.059  9.664   1.00 15.95 ? 33  ASN A C   1 
ATOM   251  O  O   . ASN A 1 33  ? -1.802  -3.669  9.328   1.00 14.04 ? 33  ASN A O   1 
ATOM   252  C  CB  . ASN A 1 33  ? -2.622  -2.833  12.145  1.00 17.08 ? 33  ASN A CB  1 
ATOM   253  C  CG  . ASN A 1 33  ? -3.130  -3.222  13.516  1.00 16.58 ? 33  ASN A CG  1 
ATOM   254  O  OD1 . ASN A 1 33  ? -4.253  -2.886  13.894  1.00 20.55 ? 33  ASN A OD1 1 
ATOM   255  N  ND2 . ASN A 1 33  ? -2.297  -3.926  14.277  1.00 20.29 ? 33  ASN A ND2 1 
ATOM   256  N  N   . VAL A 1 34  ? -3.394  -2.145  8.889   1.00 13.04 ? 34  VAL A N   1 
ATOM   257  C  CA  . VAL A 1 34  ? -2.838  -1.817  7.581   1.00 12.57 ? 34  VAL A CA  1 
ATOM   258  C  C   . VAL A 1 34  ? -2.455  -0.348  7.473   1.00 11.93 ? 34  VAL A C   1 
ATOM   259  O  O   . VAL A 1 34  ? -3.264  0.532   7.757   1.00 13.79 ? 34  VAL A O   1 
ATOM   260  C  CB  . VAL A 1 34  ? -3.849  -2.145  6.470   1.00 11.46 ? 34  VAL A CB  1 
ATOM   261  C  CG1 . VAL A 1 34  ? -3.244  -1.837  5.109   1.00 13.53 ? 34  VAL A CG1 1 
ATOM   262  C  CG2 . VAL A 1 34  ? -4.268  -3.608  6.557   1.00 11.94 ? 34  VAL A CG2 1 
ATOM   263  N  N   . TYR A 1 35  ? -1.218  -0.085  7.058   1.00 10.02 ? 35  TYR A N   1 
ATOM   264  C  CA  . TYR A 1 35  ? -0.740  1.285   6.901   1.00 10.41 ? 35  TYR A CA  1 
ATOM   265  C  C   . TYR A 1 35  ? -0.011  1.447   5.580   1.00 11.35 ? 35  TYR A C   1 
ATOM   266  O  O   . TYR A 1 35  ? 0.386   0.464   4.960   1.00 11.00 ? 35  TYR A O   1 
ATOM   267  C  CB  . TYR A 1 35  ? 0.233   1.663   8.022   1.00 12.60 ? 35  TYR A CB  1 
ATOM   268  C  CG  . TYR A 1 35  ? -0.314  1.478   9.412   1.00 13.97 ? 35  TYR A CG  1 
ATOM   269  C  CD1 . TYR A 1 35  ? -0.250  0.239   10.053  1.00 15.41 ? 35  TYR A CD1 1 
ATOM   270  C  CD2 . TYR A 1 35  ? -0.925  2.537   10.077  1.00 16.79 ? 35  TYR A CD2 1 
ATOM   271  C  CE1 . TYR A 1 35  ? -0.787  0.067   11.333  1.00 17.87 ? 35  TYR A CE1 1 
ATOM   272  C  CE2 . TYR A 1 35  ? -1.461  2.376   11.345  1.00 17.11 ? 35  TYR A CE2 1 
ATOM   273  C  CZ  . TYR A 1 35  ? -1.389  1.144   11.967  1.00 17.98 ? 35  TYR A CZ  1 
ATOM   274  O  OH  . TYR A 1 35  ? -1.920  0.995   13.229  1.00 23.19 ? 35  TYR A OH  1 
ATOM   275  N  N   . SER A 1 36  ? 0.177   2.695   5.155   1.00 10.71 ? 36  SER A N   1 
ATOM   276  C  CA  . SER A 1 36  ? 0.902   2.963   3.912   1.00 9.77  ? 36  SER A CA  1 
ATOM   277  C  C   . SER A 1 36  ? 1.728   4.225   4.051   1.00 12.85 ? 36  SER A C   1 
ATOM   278  O  O   . SER A 1 36  ? 1.425   5.097   4.867   1.00 12.48 ? 36  SER A O   1 
ATOM   279  C  CB  . SER A 1 36  ? -0.046  3.109   2.717   1.00 12.32 ? 36  SER A CB  1 
ATOM   280  O  OG  . SER A 1 36  ? -0.871  4.251   2.838   1.00 12.84 ? 36  SER A OG  1 
ATOM   281  N  N   . ALA A 1 37  ? 2.781   4.309   3.250   1.00 10.40 ? 37  ALA A N   1 
ATOM   282  C  CA  . ALA A 1 37  ? 3.663   5.466   3.268   1.00 12.71 ? 37  ALA A CA  1 
ATOM   283  C  C   . ALA A 1 37  ? 4.424   5.527   1.963   1.00 12.88 ? 37  ALA A C   1 
ATOM   284  O  O   . ALA A 1 37  ? 4.418   4.578   1.174   1.00 12.15 ? 37  ALA A O   1 
ATOM   285  C  CB  . ALA A 1 37  ? 4.639   5.359   4.428   1.00 14.13 ? 37  ALA A CB  1 
ATOM   286  N  N   . GLY A 1 38  ? 5.075   6.658   1.734   1.00 13.13 ? 38  GLY A N   1 
ATOM   287  C  CA  . GLY A 1 38  ? 5.856   6.813   0.530   1.00 14.16 ? 38  GLY A CA  1 
ATOM   288  C  C   . GLY A 1 38  ? 7.231   7.329   0.888   1.00 16.06 ? 38  GLY A C   1 
ATOM   289  O  O   . GLY A 1 38  ? 7.434   7.858   1.982   1.00 14.78 ? 38  GLY A O   1 
ATOM   290  N  N   . ILE A 1 39  ? 8.186   7.131   -0.012  1.00 14.75 ? 39  ILE A N   1 
ATOM   291  C  CA  . ILE A 1 39  ? 9.538   7.628   0.189   1.00 15.42 ? 39  ILE A CA  1 
ATOM   292  C  C   . ILE A 1 39  ? 9.410   9.143   0.067   1.00 16.82 ? 39  ILE A C   1 
ATOM   293  O  O   . ILE A 1 39  ? 10.192  9.900   0.645   1.00 16.66 ? 39  ILE A O   1 
ATOM   294  C  CB  . ILE A 1 39  ? 10.495  7.077   -0.895  1.00 13.30 ? 39  ILE A CB  1 
ATOM   295  C  CG1 . ILE A 1 39  ? 10.570  5.552   -0.777  1.00 13.48 ? 39  ILE A CG1 1 
ATOM   296  C  CG2 . ILE A 1 39  ? 11.873  7.708   -0.759  1.00 15.81 ? 39  ILE A CG2 1 
ATOM   297  C  CD1 . ILE A 1 39  ? 10.956  5.054   0.607   1.00 12.66 ? 39  ILE A CD1 1 
ATOM   298  N  N   . GLU A 1 40  ? 8.400   9.559   -0.693  1.00 16.56 ? 40  GLU A N   1 
ATOM   299  C  CA  . GLU A 1 40  ? 8.067   10.964  -0.919  1.00 17.49 ? 40  GLU A CA  1 
ATOM   300  C  C   . GLU A 1 40  ? 6.571   11.106  -0.625  1.00 19.06 ? 40  GLU A C   1 
ATOM   301  O  O   . GLU A 1 40  ? 5.846   10.112  -0.589  1.00 18.15 ? 40  GLU A O   1 
ATOM   302  C  CB  . GLU A 1 40  ? 8.329   11.340  -2.375  1.00 20.17 ? 40  GLU A CB  1 
ATOM   303  C  CG  . GLU A 1 40  ? 9.751   11.103  -2.836  1.00 24.21 ? 40  GLU A CG  1 
ATOM   304  C  CD  . GLU A 1 40  ? 9.911   11.330  -4.325  1.00 28.19 ? 40  GLU A CD  1 
ATOM   305  O  OE1 . GLU A 1 40  ? 9.460   12.383  -4.815  1.00 27.34 ? 40  GLU A OE1 1 
ATOM   306  O  OE2 . GLU A 1 40  ? 10.494  10.461  -5.007  1.00 26.34 ? 40  GLU A OE2 1 
ATOM   307  N  N   . THR A 1 41  ? 6.105   12.333  -0.415  1.00 19.23 ? 41  THR A N   1 
ATOM   308  C  CA  . THR A 1 41  ? 4.690   12.564  -0.146  1.00 21.13 ? 41  THR A CA  1 
ATOM   309  C  C   . THR A 1 41  ? 4.189   13.697  -1.031  1.00 27.07 ? 41  THR A C   1 
ATOM   310  O  O   . THR A 1 41  ? 4.746   14.793  -1.021  1.00 30.54 ? 41  THR A O   1 
ATOM   311  C  CB  A THR A 1 41  ? 4.443   12.938  1.325   0.50 16.67 ? 41  THR A CB  1 
ATOM   312  C  CB  B THR A 1 41  ? 4.458   12.927  1.343   0.05 22.63 ? 41  THR A CB  1 
ATOM   313  O  OG1 A THR A 1 41  ? 5.204   14.106  1.659   0.50 23.81 ? 41  THR A OG1 1 
ATOM   314  O  OG1 B THR A 1 41  ? 3.058   13.128  1.576   0.50 21.96 ? 41  THR A OG1 1 
ATOM   315  C  CG2 A THR A 1 41  ? 4.841   11.793  2.236   0.50 20.55 ? 41  THR A CG2 1 
ATOM   316  C  CG2 B THR A 1 41  ? 5.221   14.191  1.720   0.50 25.09 ? 41  THR A CG2 1 
ATOM   317  N  N   . HIS A 1 42  ? 3.143   13.419  -1.805  1.00 28.52 ? 42  HIS A N   1 
ATOM   318  C  CA  . HIS A 1 42  ? 2.570   14.408  -2.711  1.00 34.44 ? 42  HIS A CA  1 
ATOM   319  C  C   . HIS A 1 42  ? 1.064   14.320  -2.885  1.00 34.26 ? 42  HIS A C   1 
ATOM   320  O  O   . HIS A 1 42  ? 0.560   14.301  -4.010  1.00 38.92 ? 42  HIS A O   1 
ATOM   321  C  CB  . HIS A 1 42  ? 3.250   14.313  -4.076  1.00 37.33 ? 42  HIS A CB  1 
ATOM   322  C  CG  . HIS A 1 42  ? 4.509   15.111  -4.171  1.00 41.40 ? 42  HIS A CG  1 
ATOM   323  N  ND1 . HIS A 1 42  ? 5.464   14.882  -5.137  1.00 45.17 ? 42  HIS A ND1 1 
ATOM   324  C  CD2 . HIS A 1 42  ? 4.945   16.174  -3.454  1.00 39.23 ? 42  HIS A CD2 1 
ATOM   325  C  CE1 . HIS A 1 42  ? 6.437   15.766  -5.009  1.00 46.13 ? 42  HIS A CE1 1 
ATOM   326  N  NE2 . HIS A 1 42  ? 6.146   16.562  -3.995  1.00 47.95 ? 42  HIS A NE2 1 
ATOM   327  N  N   . GLY A 1 43  ? 0.352   14.271  -1.767  1.00 33.59 ? 43  GLY A N   1 
ATOM   328  C  CA  . GLY A 1 43  ? -1.094  14.212  -1.817  1.00 32.10 ? 43  GLY A CA  1 
ATOM   329  C  C   . GLY A 1 43  ? -1.668  12.968  -2.464  1.00 29.49 ? 43  GLY A C   1 
ATOM   330  O  O   . GLY A 1 43  ? -1.053  12.358  -3.341  1.00 32.36 ? 43  GLY A O   1 
ATOM   331  N  N   . VAL A 1 44  ? -2.865  12.598  -2.023  1.00 24.95 ? 44  VAL A N   1 
ATOM   332  C  CA  . VAL A 1 44  ? -3.551  11.431  -2.552  1.00 20.72 ? 44  VAL A CA  1 
ATOM   333  C  C   . VAL A 1 44  ? -4.103  11.768  -3.931  1.00 19.60 ? 44  VAL A C   1 
ATOM   334  O  O   . VAL A 1 44  ? -4.794  12.772  -4.109  1.00 20.42 ? 44  VAL A O   1 
ATOM   335  C  CB  . VAL A 1 44  ? -4.704  11.014  -1.618  1.00 17.61 ? 44  VAL A CB  1 
ATOM   336  C  CG1 . VAL A 1 44  ? -5.362  9.744   -2.130  1.00 21.03 ? 44  VAL A CG1 1 
ATOM   337  C  CG2 . VAL A 1 44  ? -4.170  10.813  -0.207  1.00 21.57 ? 44  VAL A CG2 1 
ATOM   338  N  N   . ASN A 1 45  ? -3.794  10.925  -4.910  1.00 17.43 ? 45  ASN A N   1 
ATOM   339  C  CA  . ASN A 1 45  ? -4.252  11.141  -6.276  1.00 16.25 ? 45  ASN A CA  1 
ATOM   340  C  C   . ASN A 1 45  ? -5.769  10.946  -6.366  1.00 17.48 ? 45  ASN A C   1 
ATOM   341  O  O   . ASN A 1 45  ? -6.289  9.880   -6.042  1.00 15.86 ? 45  ASN A O   1 
ATOM   342  C  CB  . ASN A 1 45  ? -3.555  10.158  -7.226  1.00 15.46 ? 45  ASN A CB  1 
ATOM   343  C  CG  . ASN A 1 45  ? -3.752  10.515  -8.691  1.00 15.11 ? 45  ASN A CG  1 
ATOM   344  O  OD1 . ASN A 1 45  ? -4.865  10.798  -9.130  1.00 18.85 ? 45  ASN A OD1 1 
ATOM   345  N  ND2 . ASN A 1 45  ? -2.668  10.481  -9.458  1.00 16.10 ? 45  ASN A ND2 1 
ATOM   346  N  N   . PRO A 1 46  ? -6.503  11.981  -6.796  1.00 18.71 ? 46  PRO A N   1 
ATOM   347  C  CA  . PRO A 1 46  ? -7.958  11.873  -6.912  1.00 19.08 ? 46  PRO A CA  1 
ATOM   348  C  C   . PRO A 1 46  ? -8.417  10.686  -7.755  1.00 16.46 ? 46  PRO A C   1 
ATOM   349  O  O   . PRO A 1 46  ? -9.485  10.124  -7.519  1.00 17.16 ? 46  PRO A O   1 
ATOM   350  C  CB  . PRO A 1 46  ? -8.341  13.217  -7.530  1.00 20.97 ? 46  PRO A CB  1 
ATOM   351  C  CG  . PRO A 1 46  ? -7.314  14.141  -6.910  1.00 21.70 ? 46  PRO A CG  1 
ATOM   352  C  CD  . PRO A 1 46  ? -6.067  13.326  -7.206  1.00 18.83 ? 46  PRO A CD  1 
ATOM   353  N  N   . LYS A 1 47  ? -7.617  10.293  -8.745  1.00 17.32 ? 47  LYS A N   1 
ATOM   354  C  CA  . LYS A 1 47  ? -8.013  9.165   -9.566  1.00 15.27 ? 47  LYS A CA  1 
ATOM   355  C  C   . LYS A 1 47  ? -7.889  7.848   -8.792  1.00 14.13 ? 47  LYS A C   1 
ATOM   356  O  O   . LYS A 1 47  ? -8.617  6.896   -9.073  1.00 14.78 ? 47  LYS A O   1 
ATOM   357  C  CB  A LYS A 1 47  ? -7.163  9.140   -10.841 0.50 20.72 ? 47  LYS A CB  1 
ATOM   358  C  CB  B LYS A 1 47  ? -7.199  9.091   -10.862 0.50 21.17 ? 47  LYS A CB  1 
ATOM   359  C  CG  A LYS A 1 47  ? -7.322  10.396  -11.703 0.50 22.91 ? 47  LYS A CG  1 
ATOM   360  C  CG  B LYS A 1 47  ? -7.484  10.220  -11.854 0.50 24.07 ? 47  LYS A CG  1 
ATOM   361  C  CD  A LYS A 1 47  ? -6.453  10.335  -12.956 0.50 22.86 ? 47  LYS A CD  1 
ATOM   362  C  CD  B LYS A 1 47  ? -7.103  9.794   -13.275 0.50 26.48 ? 47  LYS A CD  1 
ATOM   363  C  CE  A LYS A 1 47  ? -6.658  11.553  -13.852 0.50 23.22 ? 47  LYS A CE  1 
ATOM   364  C  CE  B LYS A 1 47  ? -7.271  10.919  -14.295 0.50 28.35 ? 47  LYS A CE  1 
ATOM   365  N  NZ  A LYS A 1 47  ? -8.056  11.651  -14.345 0.50 26.21 ? 47  LYS A NZ  1 
ATOM   366  N  NZ  B LYS A 1 47  ? -6.309  12.042  -14.110 0.50 31.37 ? 47  LYS A NZ  1 
ATOM   367  N  N   . ALA A 1 48  ? -6.989  7.789   -7.810  1.00 13.58 ? 48  ALA A N   1 
ATOM   368  C  CA  . ALA A 1 48  ? -6.866  6.575   -7.002  1.00 12.73 ? 48  ALA A CA  1 
ATOM   369  C  C   . ALA A 1 48  ? -8.098  6.493   -6.101  1.00 13.59 ? 48  ALA A C   1 
ATOM   370  O  O   . ALA A 1 48  ? -8.646  5.415   -5.884  1.00 12.49 ? 48  ALA A O   1 
ATOM   371  C  CB  . ALA A 1 48  ? -5.590  6.606   -6.154  1.00 12.20 ? 48  ALA A CB  1 
ATOM   372  N  N   . ILE A 1 49  ? -8.537  7.641   -5.591  1.00 14.83 ? 49  ILE A N   1 
ATOM   373  C  CA  . ILE A 1 49  ? -9.718  7.689   -4.732  1.00 14.62 ? 49  ILE A CA  1 
ATOM   374  C  C   . ILE A 1 49  ? -10.937 7.222   -5.528  1.00 12.18 ? 49  ILE A C   1 
ATOM   375  O  O   . ILE A 1 49  ? -11.729 6.409   -5.049  1.00 14.04 ? 49  ILE A O   1 
ATOM   376  C  CB  . ILE A 1 49  ? -9.973  9.121   -4.202  1.00 15.00 ? 49  ILE A CB  1 
ATOM   377  C  CG1 . ILE A 1 49  ? -8.788  9.584   -3.354  1.00 16.10 ? 49  ILE A CG1 1 
ATOM   378  C  CG2 . ILE A 1 49  ? -11.248 9.149   -3.358  1.00 18.45 ? 49  ILE A CG2 1 
ATOM   379  C  CD1 . ILE A 1 49  ? -8.934  10.997  -2.812  1.00 16.39 ? 49  ILE A CD1 1 
ATOM   380  N  N   . GLU A 1 50  ? -11.078 7.719   -6.756  1.00 12.50 ? 50  GLU A N   1 
ATOM   381  C  CA  . GLU A 1 50  ? -12.203 7.339   -7.603  1.00 16.24 ? 50  GLU A CA  1 
ATOM   382  C  C   . GLU A 1 50  ? -12.138 5.859   -7.979  1.00 13.46 ? 50  GLU A C   1 
ATOM   383  O  O   . GLU A 1 50  ? -13.162 5.174   -8.007  1.00 13.89 ? 50  GLU A O   1 
ATOM   384  C  CB  . GLU A 1 50  ? -12.227 8.200   -8.869  1.00 15.81 ? 50  GLU A CB  1 
ATOM   385  C  CG  . GLU A 1 50  ? -13.395 7.924   -9.806  1.00 21.95 ? 50  GLU A CG  1 
ATOM   386  C  CD  . GLU A 1 50  ? -14.747 8.041   -9.119  1.00 25.79 ? 50  GLU A CD  1 
ATOM   387  O  OE1 . GLU A 1 50  ? -14.980 9.042   -8.406  1.00 27.01 ? 50  GLU A OE1 1 
ATOM   388  O  OE2 . GLU A 1 50  ? -15.584 7.132   -9.305  1.00 26.95 ? 50  GLU A OE2 1 
ATOM   389  N  N   . ALA A 1 51  ? -10.935 5.365   -8.262  1.00 12.48 ? 51  ALA A N   1 
ATOM   390  C  CA  . ALA A 1 51  ? -10.758 3.961   -8.621  1.00 12.44 ? 51  ALA A CA  1 
ATOM   391  C  C   . ALA A 1 51  ? -11.266 3.058   -7.497  1.00 11.46 ? 51  ALA A C   1 
ATOM   392  O  O   . ALA A 1 51  ? -11.938 2.053   -7.744  1.00 13.57 ? 51  ALA A O   1 
ATOM   393  C  CB  . ALA A 1 51  ? -9.286  3.675   -8.907  1.00 12.85 ? 51  ALA A CB  1 
ATOM   394  N  N   . MET A 1 52  ? -10.959 3.417   -6.255  1.00 12.26 ? 52  MET A N   1 
ATOM   395  C  CA  . MET A 1 52  ? -11.419 2.608   -5.134  1.00 12.09 ? 52  MET A CA  1 
ATOM   396  C  C   . MET A 1 52  ? -12.916 2.804   -4.899  1.00 12.60 ? 52  MET A C   1 
ATOM   397  O  O   . MET A 1 52  ? -13.620 1.855   -4.560  1.00 13.22 ? 52  MET A O   1 
ATOM   398  C  CB  . MET A 1 52  ? -10.617 2.939   -3.875  1.00 12.89 ? 52  MET A CB  1 
ATOM   399  C  CG  . MET A 1 52  ? -9.113  2.721   -4.045  1.00 12.95 ? 52  MET A CG  1 
ATOM   400  S  SD  . MET A 1 52  ? -8.665  1.041   -4.579  1.00 12.41 ? 52  MET A SD  1 
ATOM   401  C  CE  . MET A 1 52  ? -9.230  0.083   -3.169  1.00 13.49 ? 52  MET A CE  1 
ATOM   402  N  N   . LYS A 1 53  ? -13.410 4.022   -5.103  1.00 16.29 ? 53  LYS A N   1 
ATOM   403  C  CA  . LYS A 1 53  ? -14.834 4.281   -4.912  1.00 13.34 ? 53  LYS A CA  1 
ATOM   404  C  C   . LYS A 1 53  ? -15.654 3.393   -5.854  1.00 17.47 ? 53  LYS A C   1 
ATOM   405  O  O   . LYS A 1 53  ? -16.728 2.911   -5.494  1.00 15.71 ? 53  LYS A O   1 
ATOM   406  C  CB  . LYS A 1 53  ? -15.147 5.753   -5.181  1.00 16.03 ? 53  LYS A CB  1 
ATOM   407  C  CG  . LYS A 1 53  ? -16.599 6.123   -4.928  1.00 16.09 ? 53  LYS A CG  1 
ATOM   408  C  CD  . LYS A 1 53  ? -16.845 7.593   -5.209  1.00 17.47 ? 53  LYS A CD  1 
ATOM   409  C  CE  . LYS A 1 53  ? -18.285 7.976   -4.903  1.00 28.35 ? 53  LYS A CE  1 
ATOM   410  N  NZ  . LYS A 1 53  ? -18.538 9.412   -5.205  1.00 32.66 ? 53  LYS A NZ  1 
ATOM   411  N  N   . GLU A 1 54  ? -15.130 3.175   -7.056  1.00 17.99 ? 54  GLU A N   1 
ATOM   412  C  CA  . GLU A 1 54  ? -15.795 2.352   -8.061  1.00 18.18 ? 54  GLU A CA  1 
ATOM   413  C  C   . GLU A 1 54  ? -16.014 0.915   -7.583  1.00 19.01 ? 54  GLU A C   1 
ATOM   414  O  O   . GLU A 1 54  ? -16.945 0.242   -8.029  1.00 19.43 ? 54  GLU A O   1 
ATOM   415  C  CB  . GLU A 1 54  ? -14.971 2.366   -9.358  1.00 17.71 ? 54  GLU A CB  1 
ATOM   416  C  CG  . GLU A 1 54  ? -15.573 1.584   -10.510 1.00 24.77 ? 54  GLU A CG  1 
ATOM   417  C  CD  . GLU A 1 54  ? -14.835 1.827   -11.816 1.00 25.88 ? 54  GLU A CD  1 
ATOM   418  O  OE1 . GLU A 1 54  ? -13.612 1.580   -11.876 1.00 17.49 ? 54  GLU A OE1 1 
ATOM   419  O  OE2 . GLU A 1 54  ? -15.486 2.268   -12.787 1.00 31.30 ? 54  GLU A OE2 1 
ATOM   420  N  N   . VAL A 1 55  ? -15.155 0.450   -6.678  1.00 17.54 ? 55  VAL A N   1 
ATOM   421  C  CA  . VAL A 1 55  ? -15.269 -0.901  -6.137  1.00 21.23 ? 55  VAL A CA  1 
ATOM   422  C  C   . VAL A 1 55  ? -15.766 -0.863  -4.694  1.00 19.72 ? 55  VAL A C   1 
ATOM   423  O  O   . VAL A 1 55  ? -15.486 -1.758  -3.896  1.00 20.47 ? 55  VAL A O   1 
ATOM   424  C  CB  . VAL A 1 55  ? -13.921 -1.666  -6.203  1.00 22.22 ? 55  VAL A CB  1 
ATOM   425  C  CG1 . VAL A 1 55  ? -13.531 -1.896  -7.653  1.00 27.16 ? 55  VAL A CG1 1 
ATOM   426  C  CG2 . VAL A 1 55  ? -12.831 -0.889  -5.479  1.00 22.15 ? 55  VAL A CG2 1 
ATOM   427  N  N   . ASP A 1 56  ? -16.509 0.192   -4.376  1.00 19.67 ? 56  ASP A N   1 
ATOM   428  C  CA  . ASP A 1 56  ? -17.094 0.388   -3.055  1.00 21.60 ? 56  ASP A CA  1 
ATOM   429  C  C   . ASP A 1 56  ? -16.125 0.433   -1.879  1.00 19.61 ? 56  ASP A C   1 
ATOM   430  O  O   . ASP A 1 56  ? -16.429 -0.049  -0.785  1.00 20.46 ? 56  ASP A O   1 
ATOM   431  C  CB  . ASP A 1 56  ? -18.163 -0.676  -2.810  1.00 24.31 ? 56  ASP A CB  1 
ATOM   432  C  CG  . ASP A 1 56  ? -19.266 -0.624  -3.843  1.00 30.83 ? 56  ASP A CG  1 
ATOM   433  O  OD1 . ASP A 1 56  ? -19.874 0.455   -4.001  1.00 34.36 ? 56  ASP A OD1 1 
ATOM   434  O  OD2 . ASP A 1 56  ? -19.523 -1.658  -4.495  1.00 40.71 ? 56  ASP A OD2 1 
ATOM   435  N  N   . ILE A 1 57  ? -14.959 1.024   -2.105  1.00 16.30 ? 57  ILE A N   1 
ATOM   436  C  CA  . ILE A 1 57  ? -13.971 1.168   -1.049  1.00 17.72 ? 57  ILE A CA  1 
ATOM   437  C  C   . ILE A 1 57  ? -13.659 2.648   -0.923  1.00 15.68 ? 57  ILE A C   1 
ATOM   438  O  O   . ILE A 1 57  ? -13.254 3.308   -1.884  1.00 16.84 ? 57  ILE A O   1 
ATOM   439  C  CB  . ILE A 1 57  ? -12.682 0.368   -1.345  1.00 17.74 ? 57  ILE A CB  1 
ATOM   440  C  CG1 . ILE A 1 57  ? -12.998 -1.131  -1.318  1.00 21.62 ? 57  ILE A CG1 1 
ATOM   441  C  CG2 . ILE A 1 57  ? -11.614 0.692   -0.309  1.00 17.68 ? 57  ILE A CG2 1 
ATOM   442  C  CD1 . ILE A 1 57  ? -11.796 -2.016  -1.527  1.00 19.29 ? 57  ILE A CD1 1 
ATOM   443  N  N   . ASP A 1 58  ? -13.874 3.171   0.273   1.00 14.84 ? 58  ASP A N   1 
ATOM   444  C  CA  . ASP A 1 58  ? -13.647 4.577   0.531   1.00 15.14 ? 58  ASP A CA  1 
ATOM   445  C  C   . ASP A 1 58  ? -12.282 4.859   1.132   1.00 16.22 ? 58  ASP A C   1 
ATOM   446  O  O   . ASP A 1 58  ? -11.992 4.444   2.251   1.00 16.77 ? 58  ASP A O   1 
ATOM   447  C  CB  . ASP A 1 58  ? -14.758 5.106   1.446   1.00 15.56 ? 58  ASP A CB  1 
ATOM   448  C  CG  . ASP A 1 58  ? -14.485 6.506   1.949   1.00 18.75 ? 58  ASP A CG  1 
ATOM   449  O  OD1 . ASP A 1 58  ? -13.906 7.310   1.195   1.00 20.62 ? 58  ASP A OD1 1 
ATOM   450  O  OD2 . ASP A 1 58  ? -14.873 6.815   3.096   1.00 28.49 ? 58  ASP A OD2 1 
ATOM   451  N  N   . ILE A 1 59  ? -11.432 5.542   0.367   1.00 13.91 ? 59  ILE A N   1 
ATOM   452  C  CA  . ILE A 1 59  ? -10.107 5.910   0.858   1.00 14.62 ? 59  ILE A CA  1 
ATOM   453  C  C   . ILE A 1 59  ? -9.994  7.430   0.909   1.00 16.81 ? 59  ILE A C   1 
ATOM   454  O  O   . ILE A 1 59  ? -8.902  7.977   0.983   1.00 15.32 ? 59  ILE A O   1 
ATOM   455  C  CB  . ILE A 1 59  ? -8.960  5.356   -0.034  1.00 10.96 ? 59  ILE A CB  1 
ATOM   456  C  CG1 . ILE A 1 59  ? -8.960  6.031   -1.411  1.00 11.91 ? 59  ILE A CG1 1 
ATOM   457  C  CG2 . ILE A 1 59  ? -9.109  3.854   -0.176  1.00 11.68 ? 59  ILE A CG2 1 
ATOM   458  C  CD1 . ILE A 1 59  ? -7.680  5.781   -2.206  1.00 15.20 ? 59  ILE A CD1 1 
ATOM   459  N  N   . SER A 1 60  ? -11.139 8.110   0.882   1.00 19.20 ? 60  SER A N   1 
ATOM   460  C  CA  . SER A 1 60  ? -11.155 9.569   0.913   1.00 20.43 ? 60  SER A CA  1 
ATOM   461  C  C   . SER A 1 60  ? -10.595 10.126  2.218   1.00 17.47 ? 60  SER A C   1 
ATOM   462  O  O   . SER A 1 60  ? -10.212 11.296  2.286   1.00 20.39 ? 60  SER A O   1 
ATOM   463  C  CB  . SER A 1 60  ? -12.582 10.089  0.716   1.00 23.91 ? 60  SER A CB  1 
ATOM   464  O  OG  . SER A 1 60  ? -13.421 9.698   1.790   1.00 25.09 ? 60  SER A OG  1 
ATOM   465  N  N   . ASN A 1 61  ? -10.548 9.287   3.249   1.00 17.81 ? 61  ASN A N   1 
ATOM   466  C  CA  . ASN A 1 61  ? -10.039 9.704   4.552   1.00 20.46 ? 61  ASN A CA  1 
ATOM   467  C  C   . ASN A 1 61  ? -8.564  9.372   4.760   1.00 18.96 ? 61  ASN A C   1 
ATOM   468  O  O   . ASN A 1 61  ? -8.002  9.654   5.821   1.00 22.64 ? 61  ASN A O   1 
ATOM   469  C  CB  . ASN A 1 61  ? -10.866 9.064   5.670   1.00 22.86 ? 61  ASN A CB  1 
ATOM   470  N  N   . HIS A 1 62  ? -7.928  8.768   3.759   1.00 18.50 ? 62  HIS A N   1 
ATOM   471  C  CA  . HIS A 1 62  ? -6.516  8.441   3.893   1.00 16.11 ? 62  HIS A CA  1 
ATOM   472  C  C   . HIS A 1 62  ? -5.678  9.706   3.825   1.00 16.66 ? 62  HIS A C   1 
ATOM   473  O  O   . HIS A 1 62  ? -6.115  10.732  3.311   1.00 20.49 ? 62  HIS A O   1 
ATOM   474  C  CB  . HIS A 1 62  ? -6.032  7.506   2.777   1.00 15.35 ? 62  HIS A CB  1 
ATOM   475  C  CG  . HIS A 1 62  ? -6.595  6.119   2.835   1.00 13.72 ? 62  HIS A CG  1 
ATOM   476  N  ND1 . HIS A 1 62  ? -6.054  5.078   2.110   1.00 12.07 ? 62  HIS A ND1 1 
ATOM   477  C  CD2 . HIS A 1 62  ? -7.664  5.606   3.490   1.00 14.75 ? 62  HIS A CD2 1 
ATOM   478  C  CE1 . HIS A 1 62  ? -6.766  3.983   2.317   1.00 15.24 ? 62  HIS A CE1 1 
ATOM   479  N  NE2 . HIS A 1 62  ? -7.748  4.276   3.149   1.00 15.05 ? 62  HIS A NE2 1 
ATOM   480  N  N   . THR A 1 63  ? -4.463  9.613   4.344   1.00 17.20 ? 63  THR A N   1 
ATOM   481  C  CA  . THR A 1 63  ? -3.533  10.727  4.323   1.00 17.13 ? 63  THR A CA  1 
ATOM   482  C  C   . THR A 1 63  ? -2.286  10.266  3.580   1.00 19.26 ? 63  THR A C   1 
ATOM   483  O  O   . THR A 1 63  ? -2.034  9.067   3.470   1.00 16.36 ? 63  THR A O   1 
ATOM   484  C  CB  . THR A 1 63  ? -3.138  11.150  5.750   1.00 19.57 ? 63  THR A CB  1 
ATOM   485  O  OG1 . THR A 1 63  ? -2.631  10.015  6.461   1.00 22.99 ? 63  THR A OG1 1 
ATOM   486  C  CG2 . THR A 1 63  ? -4.339  11.716  6.493   1.00 24.54 ? 63  THR A CG2 1 
ATOM   487  N  N   . SER A 1 64  ? -1.527  11.216  3.045   1.00 18.24 ? 64  SER A N   1 
ATOM   488  C  CA  . SER A 1 64  ? -0.290  10.900  2.338   1.00 18.06 ? 64  SER A CA  1 
ATOM   489  C  C   . SER A 1 64  ? 0.811   11.129  3.365   1.00 19.00 ? 64  SER A C   1 
ATOM   490  O  O   . SER A 1 64  ? 1.025   12.258  3.812   1.00 22.95 ? 64  SER A O   1 
ATOM   491  C  CB  . SER A 1 64  ? -0.109  11.828  1.135   1.00 15.95 ? 64  SER A CB  1 
ATOM   492  O  OG  . SER A 1 64  ? 1.087   11.537  0.430   1.00 16.73 ? 64  SER A OG  1 
ATOM   493  N  N   . ASP A 1 65  ? 1.509   10.059  3.733   1.00 17.29 ? 65  ASP A N   1 
ATOM   494  C  CA  . ASP A 1 65  ? 2.547   10.144  4.755   1.00 19.51 ? 65  ASP A CA  1 
ATOM   495  C  C   . ASP A 1 65  ? 3.895   9.561   4.378   1.00 18.07 ? 65  ASP A C   1 
ATOM   496  O  O   . ASP A 1 65  ? 3.991   8.661   3.548   1.00 15.45 ? 65  ASP A O   1 
ATOM   497  C  CB  . ASP A 1 65  ? 2.095   9.392   6.003   1.00 15.71 ? 65  ASP A CB  1 
ATOM   498  C  CG  . ASP A 1 65  ? 0.723   9.796   6.463   1.00 24.18 ? 65  ASP A CG  1 
ATOM   499  O  OD1 . ASP A 1 65  ? 0.548   10.958  6.875   1.00 25.65 ? 65  ASP A OD1 1 
ATOM   500  O  OD2 . ASP A 1 65  ? -0.182  8.941   6.408   1.00 24.14 ? 65  ASP A OD2 1 
ATOM   501  N  N   . LEU A 1 66  ? 4.937   10.083  5.018   1.00 18.85 ? 66  LEU A N   1 
ATOM   502  C  CA  . LEU A 1 66  ? 6.278   9.561   4.845   1.00 17.42 ? 66  LEU A CA  1 
ATOM   503  C  C   . LEU A 1 66  ? 6.283   8.386   5.824   1.00 17.40 ? 66  LEU A C   1 
ATOM   504  O  O   . LEU A 1 66  ? 5.328   8.210   6.583   1.00 19.64 ? 66  LEU A O   1 
ATOM   505  C  CB  . LEU A 1 66  ? 7.333   10.599  5.257   1.00 15.52 ? 66  LEU A CB  1 
ATOM   506  C  CG  . LEU A 1 66  ? 7.522   11.823  4.359   1.00 17.78 ? 66  LEU A CG  1 
ATOM   507  C  CD1 . LEU A 1 66  ? 8.529   12.771  4.993   1.00 18.51 ? 66  LEU A CD1 1 
ATOM   508  C  CD2 . LEU A 1 66  ? 8.009   11.378  2.984   1.00 20.13 ? 66  LEU A CD2 1 
ATOM   509  N  N   . ILE A 1 67  ? 7.340   7.590   5.819   1.00 16.64 ? 67  ILE A N   1 
ATOM   510  C  CA  . ILE A 1 67  ? 7.426   6.442   6.710   1.00 15.54 ? 67  ILE A CA  1 
ATOM   511  C  C   . ILE A 1 67  ? 7.477   6.845   8.180   1.00 18.39 ? 67  ILE A C   1 
ATOM   512  O  O   . ILE A 1 67  ? 8.265   7.705   8.563   1.00 22.03 ? 67  ILE A O   1 
ATOM   513  C  CB  . ILE A 1 67  ? 8.676   5.602   6.393   1.00 15.97 ? 67  ILE A CB  1 
ATOM   514  C  CG1 . ILE A 1 67  ? 8.559   5.019   4.984   1.00 17.44 ? 67  ILE A CG1 1 
ATOM   515  C  CG2 . ILE A 1 67  ? 8.851   4.507   7.435   1.00 20.17 ? 67  ILE A CG2 1 
ATOM   516  C  CD1 . ILE A 1 67  ? 9.795   4.287   4.516   1.00 17.10 ? 67  ILE A CD1 1 
ATOM   517  N  N   . ASP A 1 68  ? 6.624   6.229   8.994   1.00 18.34 ? 68  ASP A N   1 
ATOM   518  C  CA  . ASP A 1 68  ? 6.598   6.498   10.430  1.00 18.18 ? 68  ASP A CA  1 
ATOM   519  C  C   . ASP A 1 68  ? 7.431   5.395   11.061  1.00 20.83 ? 68  ASP A C   1 
ATOM   520  O  O   . ASP A 1 68  ? 7.072   4.221   10.997  1.00 20.74 ? 68  ASP A O   1 
ATOM   521  C  CB  . ASP A 1 68  ? 5.162   6.466   10.964  1.00 17.92 ? 68  ASP A CB  1 
ATOM   522  C  CG  . ASP A 1 68  ? 5.088   6.725   12.461  1.00 23.91 ? 68  ASP A CG  1 
ATOM   523  O  OD1 . ASP A 1 68  ? 3.967   6.901   12.979  1.00 32.54 ? 68  ASP A OD1 1 
ATOM   524  O  OD2 . ASP A 1 68  ? 6.146   6.743   13.121  1.00 32.96 ? 68  ASP A OD2 1 
ATOM   525  N  N   . ASN A 1 69  ? 8.553   5.777   11.661  1.00 20.97 ? 69  ASN A N   1 
ATOM   526  C  CA  . ASN A 1 69  ? 9.460   4.813   12.265  1.00 22.89 ? 69  ASN A CA  1 
ATOM   527  C  C   . ASN A 1 69  ? 8.808   3.963   13.355  1.00 23.76 ? 69  ASN A C   1 
ATOM   528  O  O   . ASN A 1 69  ? 9.129   2.782   13.499  1.00 22.76 ? 69  ASN A O   1 
ATOM   529  C  CB  . ASN A 1 69  ? 10.679  5.538   12.837  1.00 26.73 ? 69  ASN A CB  1 
ATOM   530  C  CG  . ASN A 1 69  ? 11.855  4.608   13.067  1.00 32.96 ? 69  ASN A CG  1 
ATOM   531  O  OD1 . ASN A 1 69  ? 12.857  4.992   13.669  1.00 41.89 ? 69  ASN A OD1 1 
ATOM   532  N  ND2 . ASN A 1 69  ? 11.748  3.383   12.568  1.00 37.63 ? 69  ASN A ND2 1 
ATOM   533  N  N   . ASP A 1 70  ? 7.900   4.556   14.124  1.00 27.29 ? 70  ASP A N   1 
ATOM   534  C  CA  . ASP A 1 70  ? 7.230   3.813   15.185  1.00 28.29 ? 70  ASP A CA  1 
ATOM   535  C  C   . ASP A 1 70  ? 6.424   2.660   14.598  1.00 27.60 ? 70  ASP A C   1 
ATOM   536  O  O   . ASP A 1 70  ? 6.486   1.536   15.089  1.00 30.43 ? 70  ASP A O   1 
ATOM   537  C  CB  . ASP A 1 70  ? 6.318   4.732   16.005  1.00 32.04 ? 70  ASP A CB  1 
ATOM   538  C  CG  . ASP A 1 70  ? 7.088   5.814   16.737  1.00 32.72 ? 70  ASP A CG  1 
ATOM   539  O  OD1 . ASP A 1 70  ? 8.027   5.474   17.488  1.00 39.27 ? 70  ASP A OD1 1 
ATOM   540  O  OD2 . ASP A 1 70  ? 6.752   7.005   16.570  1.00 40.27 ? 70  ASP A OD2 1 
ATOM   541  N  N   . ILE A 1 71  ? 5.672   2.942   13.542  1.00 24.85 ? 71  ILE A N   1 
ATOM   542  C  CA  . ILE A 1 71  ? 4.878   1.909   12.889  1.00 21.04 ? 71  ILE A CA  1 
ATOM   543  C  C   . ILE A 1 71  ? 5.805   0.910   12.207  1.00 20.67 ? 71  ILE A C   1 
ATOM   544  O  O   . ILE A 1 71  ? 5.602   -0.300  12.289  1.00 19.04 ? 71  ILE A O   1 
ATOM   545  C  CB  . ILE A 1 71  ? 3.937   2.509   11.823  1.00 20.24 ? 71  ILE A CB  1 
ATOM   546  C  CG1 . ILE A 1 71  ? 2.918   3.436   12.488  1.00 20.20 ? 71  ILE A CG1 1 
ATOM   547  C  CG2 . ILE A 1 71  ? 3.241   1.392   11.061  1.00 22.79 ? 71  ILE A CG2 1 
ATOM   548  C  CD1 . ILE A 1 71  ? 1.987   4.115   11.510  1.00 21.90 ? 71  ILE A CD1 1 
ATOM   549  N  N   . LEU A 1 72  ? 6.826   1.425   11.532  1.00 18.53 ? 72  LEU A N   1 
ATOM   550  C  CA  . LEU A 1 72  ? 7.778   0.573   10.834  1.00 20.25 ? 72  LEU A CA  1 
ATOM   551  C  C   . LEU A 1 72  ? 8.388   -0.476  11.764  1.00 22.34 ? 72  LEU A C   1 
ATOM   552  O  O   . LEU A 1 72  ? 8.344   -1.668  11.477  1.00 19.71 ? 72  LEU A O   1 
ATOM   553  C  CB  . LEU A 1 72  ? 8.895   1.424   10.220  1.00 22.11 ? 72  LEU A CB  1 
ATOM   554  C  CG  . LEU A 1 72  ? 9.890   0.696   9.313   1.00 21.13 ? 72  LEU A CG  1 
ATOM   555  C  CD1 . LEU A 1 72  ? 9.170   0.192   8.070   1.00 24.10 ? 72  LEU A CD1 1 
ATOM   556  C  CD2 . LEU A 1 72  ? 11.014  1.642   8.917   1.00 25.25 ? 72  LEU A CD2 1 
ATOM   557  N  N   . LYS A 1 73  ? 8.947   -0.025  12.883  1.00 23.54 ? 73  LYS A N   1 
ATOM   558  C  CA  . LYS A 1 73  ? 9.583   -0.926  13.837  1.00 24.75 ? 73  LYS A CA  1 
ATOM   559  C  C   . LYS A 1 73  ? 8.632   -1.952  14.448  1.00 23.63 ? 73  LYS A C   1 
ATOM   560  O  O   . LYS A 1 73  ? 9.066   -3.005  14.916  1.00 24.71 ? 73  LYS A O   1 
ATOM   561  C  CB  . LYS A 1 73  ? 10.250  -0.118  14.953  1.00 25.35 ? 73  LYS A CB  1 
ATOM   562  N  N   . GLN A 1 74  ? 7.339   -1.643  14.451  1.00 21.13 ? 74  GLN A N   1 
ATOM   563  C  CA  . GLN A 1 74  ? 6.341   -2.551  15.005  1.00 20.37 ? 74  GLN A CA  1 
ATOM   564  C  C   . GLN A 1 74  ? 5.632   -3.358  13.926  1.00 20.63 ? 74  GLN A C   1 
ATOM   565  O  O   . GLN A 1 74  ? 4.695   -4.106  14.212  1.00 19.66 ? 74  GLN A O   1 
ATOM   566  C  CB  . GLN A 1 74  ? 5.302   -1.777  15.818  1.00 19.73 ? 74  GLN A CB  1 
ATOM   567  C  CG  . GLN A 1 74  ? 5.843   -1.139  17.086  1.00 28.06 ? 74  GLN A CG  1 
ATOM   568  C  CD  . GLN A 1 74  ? 4.769   -0.417  17.876  1.00 33.71 ? 74  GLN A CD  1 
ATOM   569  O  OE1 . GLN A 1 74  ? 4.220   0.592   17.429  1.00 36.44 ? 74  GLN A OE1 1 
ATOM   570  N  NE2 . GLN A 1 74  ? 4.454   -0.939  19.055  1.00 35.29 ? 74  GLN A NE2 1 
ATOM   571  N  N   . SER A 1 75  ? 6.075   -3.209  12.683  1.00 16.37 ? 75  SER A N   1 
ATOM   572  C  CA  . SER A 1 75  ? 5.467   -3.937  11.582  1.00 16.22 ? 75  SER A CA  1 
ATOM   573  C  C   . SER A 1 75  ? 5.966   -5.370  11.494  1.00 17.28 ? 75  SER A C   1 
ATOM   574  O  O   . SER A 1 75  ? 7.126   -5.658  11.785  1.00 18.35 ? 75  SER A O   1 
ATOM   575  C  CB  . SER A 1 75  ? 5.743   -3.226  10.253  1.00 16.98 ? 75  SER A CB  1 
ATOM   576  O  OG  . SER A 1 75  ? 5.112   -1.956  10.205  1.00 16.47 ? 75  SER A OG  1 
ATOM   577  N  N   . ASP A 1 76  ? 5.077   -6.270  11.099  1.00 15.10 ? 76  ASP A N   1 
ATOM   578  C  CA  . ASP A 1 76  ? 5.432   -7.672  10.926  1.00 15.84 ? 76  ASP A CA  1 
ATOM   579  C  C   . ASP A 1 76  ? 5.931   -7.858  9.504   1.00 16.20 ? 76  ASP A C   1 
ATOM   580  O  O   . ASP A 1 76  ? 6.841   -8.647  9.241   1.00 18.89 ? 76  ASP A O   1 
ATOM   581  C  CB  . ASP A 1 76  ? 4.210   -8.557  11.152  1.00 16.67 ? 76  ASP A CB  1 
ATOM   582  C  CG  . ASP A 1 76  ? 3.771   -8.572  12.595  1.00 19.87 ? 76  ASP A CG  1 
ATOM   583  O  OD1 . ASP A 1 76  ? 4.434   -9.249  13.406  1.00 24.07 ? 76  ASP A OD1 1 
ATOM   584  O  OD2 . ASP A 1 76  ? 2.778   -7.892  12.922  1.00 20.77 ? 76  ASP A OD2 1 
ATOM   585  N  N   . LEU A 1 77  ? 5.331   -7.112  8.584   1.00 14.47 ? 77  LEU A N   1 
ATOM   586  C  CA  . LEU A 1 77  ? 5.700   -7.213  7.185   1.00 15.18 ? 77  LEU A CA  1 
ATOM   587  C  C   . LEU A 1 77  ? 5.642   -5.877  6.475   1.00 14.22 ? 77  LEU A C   1 
ATOM   588  O  O   . LEU A 1 77  ? 4.673   -5.129  6.608   1.00 12.63 ? 77  LEU A O   1 
ATOM   589  C  CB  . LEU A 1 77  ? 4.768   -8.193  6.466   1.00 13.10 ? 77  LEU A CB  1 
ATOM   590  C  CG  . LEU A 1 77  ? 4.944   -8.321  4.948   1.00 14.93 ? 77  LEU A CG  1 
ATOM   591  C  CD1 . LEU A 1 77  ? 6.305   -8.908  4.643   1.00 13.05 ? 77  LEU A CD1 1 
ATOM   592  C  CD2 . LEU A 1 77  ? 3.853   -9.200  4.367   1.00 17.86 ? 77  LEU A CD2 1 
ATOM   593  N  N   . VAL A 1 78  ? 6.695   -5.581  5.724   1.00 13.44 ? 78  VAL A N   1 
ATOM   594  C  CA  . VAL A 1 78  ? 6.762   -4.365  4.939   1.00 10.41 ? 78  VAL A CA  1 
ATOM   595  C  C   . VAL A 1 78  ? 6.726   -4.811  3.487   1.00 9.55  ? 78  VAL A C   1 
ATOM   596  O  O   . VAL A 1 78  ? 7.489   -5.690  3.087   1.00 12.40 ? 78  VAL A O   1 
ATOM   597  C  CB  . VAL A 1 78  ? 8.070   -3.590  5.203   1.00 12.30 ? 78  VAL A CB  1 
ATOM   598  C  CG1 . VAL A 1 78  ? 8.239   -2.477  4.181   1.00 15.89 ? 78  VAL A CG1 1 
ATOM   599  C  CG2 . VAL A 1 78  ? 8.052   -3.009  6.615   1.00 14.22 ? 78  VAL A CG2 1 
ATOM   600  N  N   . VAL A 1 79  ? 5.817   -4.231  2.711   1.00 8.75  ? 79  VAL A N   1 
ATOM   601  C  CA  . VAL A 1 79  ? 5.700   -4.561  1.300   1.00 10.31 ? 79  VAL A CA  1 
ATOM   602  C  C   . VAL A 1 79  ? 6.008   -3.322  0.472   1.00 11.00 ? 79  VAL A C   1 
ATOM   603  O  O   . VAL A 1 79  ? 5.333   -2.299  0.597   1.00 9.99  ? 79  VAL A O   1 
ATOM   604  C  CB  . VAL A 1 79  ? 4.270   -5.053  0.951   1.00 9.20  ? 79  VAL A CB  1 
ATOM   605  C  CG1 . VAL A 1 79  ? 4.161   -5.299  -0.551  1.00 11.65 ? 79  VAL A CG1 1 
ATOM   606  C  CG2 . VAL A 1 79  ? 3.955   -6.338  1.720   1.00 11.56 ? 79  VAL A CG2 1 
ATOM   607  N  N   . THR A 1 80  ? 7.046   -3.405  -0.353  1.00 10.18 ? 80  THR A N   1 
ATOM   608  C  CA  . THR A 1 80  ? 7.395   -2.285  -1.216  1.00 8.23  ? 80  THR A CA  1 
ATOM   609  C  C   . THR A 1 80  ? 6.680   -2.493  -2.547  1.00 10.41 ? 80  THR A C   1 
ATOM   610  O  O   . THR A 1 80  ? 6.622   -3.613  -3.066  1.00 11.64 ? 80  THR A O   1 
ATOM   611  C  CB  . THR A 1 80  ? 8.928   -2.157  -1.402  1.00 12.07 ? 80  THR A CB  1 
ATOM   612  O  OG1 . THR A 1 80  ? 9.468   -3.386  -1.902  1.00 12.61 ? 80  THR A OG1 1 
ATOM   613  C  CG2 . THR A 1 80  ? 9.586   -1.817  -0.069  1.00 13.20 ? 80  THR A CG2 1 
ATOM   614  N  N   . LEU A 1 81  ? 6.124   -1.414  -3.088  1.00 11.75 ? 81  LEU A N   1 
ATOM   615  C  CA  . LEU A 1 81  ? 5.343   -1.485  -4.318  1.00 9.27  ? 81  LEU A CA  1 
ATOM   616  C  C   . LEU A 1 81  ? 6.024   -0.924  -5.560  1.00 10.97 ? 81  LEU A C   1 
ATOM   617  O  O   . LEU A 1 81  ? 5.439   -0.924  -6.644  1.00 11.64 ? 81  LEU A O   1 
ATOM   618  C  CB  . LEU A 1 81  ? 4.002   -0.781  -4.085  1.00 9.79  ? 81  LEU A CB  1 
ATOM   619  C  CG  . LEU A 1 81  ? 3.185   -1.337  -2.910  1.00 9.96  ? 81  LEU A CG  1 
ATOM   620  C  CD1 . LEU A 1 81  ? 2.023   -0.415  -2.618  1.00 12.14 ? 81  LEU A CD1 1 
ATOM   621  C  CD2 . LEU A 1 81  ? 2.689   -2.744  -3.215  1.00 11.43 ? 81  LEU A CD2 1 
ATOM   622  N  N   . SER A 1 82  ? 7.252   -0.439  -5.401  1.00 10.63 ? 82  SER A N   1 
ATOM   623  C  CA  . SER A 1 82  ? 8.030   0.101   -6.519  1.00 12.05 ? 82  SER A CA  1 
ATOM   624  C  C   . SER A 1 82  ? 9.498   -0.169  -6.227  1.00 13.55 ? 82  SER A C   1 
ATOM   625  O  O   . SER A 1 82  ? 9.873   -0.383  -5.078  1.00 10.94 ? 82  SER A O   1 
ATOM   626  C  CB  . SER A 1 82  ? 7.829   1.607   -6.657  1.00 13.62 ? 82  SER A CB  1 
ATOM   627  O  OG  . SER A 1 82  ? 8.409   2.301   -5.565  1.00 12.70 ? 82  SER A OG  1 
ATOM   628  N  N   . SER A 1 83  ? 10.335  -0.153  -7.258  1.00 16.74 ? 83  SER A N   1 
ATOM   629  C  CA  . SER A 1 83  ? 11.755  -0.404  -7.046  1.00 14.26 ? 83  SER A CA  1 
ATOM   630  C  C   . SER A 1 83  ? 12.379  0.705   -6.209  1.00 15.63 ? 83  SER A C   1 
ATOM   631  O  O   . SER A 1 83  ? 13.264  0.442   -5.397  1.00 15.01 ? 83  SER A O   1 
ATOM   632  C  CB  . SER A 1 83  ? 12.491  -0.535  -8.386  1.00 15.73 ? 83  SER A CB  1 
ATOM   633  O  OG  . SER A 1 83  ? 12.346  0.632   -9.170  1.00 20.13 ? 83  SER A OG  1 
ATOM   634  N  N   . ASP A 1 84  ? 11.919  1.940   -6.393  1.00 16.34 ? 84  ASP A N   1 
ATOM   635  C  CA  . ASP A 1 84  ? 12.462  3.052   -5.618  1.00 16.71 ? 84  ASP A CA  1 
ATOM   636  C  C   . ASP A 1 84  ? 12.194  2.829   -4.135  1.00 16.87 ? 84  ASP A C   1 
ATOM   637  O  O   . ASP A 1 84  ? 13.060  3.068   -3.297  1.00 18.43 ? 84  ASP A O   1 
ATOM   638  C  CB  A ASP A 1 84  ? 11.853  4.385   -6.065  0.50 21.73 ? 84  ASP A CB  1 
ATOM   639  C  CB  B ASP A 1 84  ? 11.835  4.373   -6.082  0.50 21.91 ? 84  ASP A CB  1 
ATOM   640  C  CG  A ASP A 1 84  ? 12.259  4.764   -7.476  0.50 27.31 ? 84  ASP A CG  1 
ATOM   641  C  CG  B ASP A 1 84  ? 12.439  5.582   -5.392  0.50 26.47 ? 84  ASP A CG  1 
ATOM   642  O  OD1 A ASP A 1 84  ? 13.476  4.811   -7.752  0.50 27.38 ? 84  ASP A OD1 1 
ATOM   643  O  OD1 B ASP A 1 84  ? 12.236  5.745   -4.170  0.50 29.55 ? 84  ASP A OD1 1 
ATOM   644  O  OD2 A ASP A 1 84  ? 11.362  5.023   -8.306  0.50 31.84 ? 84  ASP A OD2 1 
ATOM   645  O  OD2 B ASP A 1 84  ? 13.132  6.366   -6.074  0.50 32.26 ? 84  ASP A OD2 1 
ATOM   646  N  N   . ALA A 1 85  ? 10.992  2.361   -3.812  1.00 12.28 ? 85  ALA A N   1 
ATOM   647  C  CA  . ALA A 1 85  ? 10.649  2.100   -2.423  1.00 13.55 ? 85  ALA A CA  1 
ATOM   648  C  C   . ALA A 1 85  ? 11.505  0.950   -1.910  1.00 16.50 ? 85  ALA A C   1 
ATOM   649  O  O   . ALA A 1 85  ? 12.002  0.990   -0.786  1.00 15.20 ? 85  ALA A O   1 
ATOM   650  C  CB  . ALA A 1 85  ? 9.167   1.756   -2.301  1.00 12.58 ? 85  ALA A CB  1 
ATOM   651  N  N   . ASP A 1 86  ? 11.679  -0.072  -2.746  1.00 15.03 ? 86  ASP A N   1 
ATOM   652  C  CA  . ASP A 1 86  ? 12.478  -1.236  -2.387  1.00 17.14 ? 86  ASP A CA  1 
ATOM   653  C  C   . ASP A 1 86  ? 13.908  -0.808  -2.053  1.00 18.40 ? 86  ASP A C   1 
ATOM   654  O  O   . ASP A 1 86  ? 14.475  -1.227  -1.044  1.00 18.07 ? 86  ASP A O   1 
ATOM   655  C  CB  . ASP A 1 86  ? 12.498  -2.229  -3.557  1.00 17.79 ? 86  ASP A CB  1 
ATOM   656  C  CG  . ASP A 1 86  ? 13.177  -3.543  -3.208  1.00 22.18 ? 86  ASP A CG  1 
ATOM   657  O  OD1 . ASP A 1 86  ? 13.382  -4.365  -4.127  1.00 33.17 ? 86  ASP A OD1 1 
ATOM   658  O  OD2 . ASP A 1 86  ? 13.494  -3.765  -2.022  1.00 30.22 ? 86  ASP A OD2 1 
ATOM   659  N  N   . ASN A 1 87  ? 14.480  0.045   -2.895  1.00 19.25 ? 87  ASN A N   1 
ATOM   660  C  CA  . ASN A 1 87  ? 15.850  0.498   -2.689  1.00 22.35 ? 87  ASN A CA  1 
ATOM   661  C  C   . ASN A 1 87  ? 16.040  1.563   -1.621  1.00 23.16 ? 87  ASN A C   1 
ATOM   662  O  O   . ASN A 1 87  ? 17.064  1.582   -0.941  1.00 24.84 ? 87  ASN A O   1 
ATOM   663  C  CB  . ASN A 1 87  ? 16.443  0.994   -4.007  1.00 22.26 ? 87  ASN A CB  1 
ATOM   664  C  CG  . ASN A 1 87  ? 16.592  -0.115  -5.025  1.00 25.12 ? 87  ASN A CG  1 
ATOM   665  O  OD1 . ASN A 1 87  ? 17.147  -1.176  -4.727  1.00 28.10 ? 87  ASN A OD1 1 
ATOM   666  N  ND2 . ASN A 1 87  ? 16.112  0.124   -6.237  1.00 25.52 ? 87  ASN A ND2 1 
ATOM   667  N  N   . ASN A 1 88  ? 15.060  2.446   -1.463  1.00 23.46 ? 88  ASN A N   1 
ATOM   668  C  CA  . ASN A 1 88  ? 15.174  3.504   -0.469  1.00 22.18 ? 88  ASN A CA  1 
ATOM   669  C  C   . ASN A 1 88  ? 14.601  3.165   0.900   1.00 22.25 ? 88  ASN A C   1 
ATOM   670  O  O   . ASN A 1 88  ? 14.722  3.952   1.835   1.00 23.94 ? 88  ASN A O   1 
ATOM   671  C  CB  . ASN A 1 88  ? 14.541  4.791   -0.998  1.00 21.63 ? 88  ASN A CB  1 
ATOM   672  C  CG  . ASN A 1 88  ? 15.339  5.401   -2.133  1.00 24.95 ? 88  ASN A CG  1 
ATOM   673  O  OD1 . ASN A 1 88  ? 16.517  5.717   -1.971  1.00 31.67 ? 88  ASN A OD1 1 
ATOM   674  N  ND2 . ASN A 1 88  ? 14.705  5.571   -3.284  1.00 29.00 ? 88  ASN A ND2 1 
ATOM   675  N  N   . CYS A 1 89  ? 13.985  1.995   1.023   1.00 19.62 ? 89  CYS A N   1 
ATOM   676  C  CA  . CYS A 1 89  ? 13.422  1.583   2.300   1.00 24.26 ? 89  CYS A CA  1 
ATOM   677  C  C   . CYS A 1 89  ? 14.540  1.453   3.328   1.00 24.46 ? 89  CYS A C   1 
ATOM   678  O  O   . CYS A 1 89  ? 15.586  0.869   3.051   1.00 24.80 ? 89  CYS A O   1 
ATOM   679  C  CB  . CYS A 1 89  ? 12.703  0.242   2.161   1.00 24.27 ? 89  CYS A CB  1 
ATOM   680  S  SG  . CYS A 1 89  ? 11.978  -0.356  3.704   1.00 22.59 ? 89  CYS A SG  1 
ATOM   681  N  N   . PRO A 1 90  ? 14.328  1.991   4.538   1.00 24.12 ? 90  PRO A N   1 
ATOM   682  C  CA  . PRO A 1 90  ? 15.335  1.924   5.597   1.00 25.78 ? 90  PRO A CA  1 
ATOM   683  C  C   . PRO A 1 90  ? 15.673  0.484   5.955   1.00 24.01 ? 90  PRO A C   1 
ATOM   684  O  O   . PRO A 1 90  ? 14.853  -0.418  5.768   1.00 23.06 ? 90  PRO A O   1 
ATOM   685  C  CB  . PRO A 1 90  ? 14.649  2.650   6.753   1.00 27.53 ? 90  PRO A CB  1 
ATOM   686  C  CG  . PRO A 1 90  ? 13.752  3.637   6.029   1.00 29.83 ? 90  PRO A CG  1 
ATOM   687  C  CD  . PRO A 1 90  ? 13.133  2.693   5.032   1.00 24.89 ? 90  PRO A CD  1 
ATOM   688  N  N   . ILE A 1 91  ? 16.885  0.263   6.456   1.00 24.35 ? 91  ILE A N   1 
ATOM   689  C  CA  . ILE A 1 91  ? 17.283  -1.076  6.867   1.00 25.53 ? 91  ILE A CA  1 
ATOM   690  C  C   . ILE A 1 91  ? 16.314  -1.429  7.986   1.00 23.81 ? 91  ILE A C   1 
ATOM   691  O  O   . ILE A 1 91  ? 16.205  -0.704  8.976   1.00 25.42 ? 91  ILE A O   1 
ATOM   692  C  CB  . ILE A 1 91  ? 18.732  -1.113  7.415   1.00 30.71 ? 91  ILE A CB  1 
ATOM   693  C  CG1 . ILE A 1 91  ? 19.732  -0.782  6.300   1.00 33.78 ? 91  ILE A CG1 1 
ATOM   694  C  CG2 . ILE A 1 91  ? 19.030  -2.485  8.000   1.00 31.13 ? 91  ILE A CG2 1 
ATOM   695  C  CD1 . ILE A 1 91  ? 19.615  0.625   5.745   1.00 38.29 ? 91  ILE A CD1 1 
ATOM   696  N  N   . LEU A 1 92  ? 15.612  -2.541  7.819   1.00 24.55 ? 92  LEU A N   1 
ATOM   697  C  CA  . LEU A 1 92  ? 14.615  -2.975  8.785   1.00 23.52 ? 92  LEU A CA  1 
ATOM   698  C  C   . LEU A 1 92  ? 15.158  -3.841  9.908   1.00 24.12 ? 92  LEU A C   1 
ATOM   699  O  O   . LEU A 1 92  ? 15.952  -4.752  9.677   1.00 27.51 ? 92  LEU A O   1 
ATOM   700  C  CB  . LEU A 1 92  ? 13.504  -3.740  8.065   1.00 23.40 ? 92  LEU A CB  1 
ATOM   701  C  CG  . LEU A 1 92  ? 12.798  -3.021  6.913   1.00 21.74 ? 92  LEU A CG  1 
ATOM   702  C  CD1 . LEU A 1 92  ? 11.776  -3.955  6.288   1.00 23.23 ? 92  LEU A CD1 1 
ATOM   703  C  CD2 . LEU A 1 92  ? 12.135  -1.751  7.421   1.00 23.15 ? 92  LEU A CD2 1 
ATOM   704  N  N   . PRO A 1 93  ? 14.732  -3.561  11.150  1.00 22.26 ? 93  PRO A N   1 
ATOM   705  C  CA  . PRO A 1 93  ? 15.180  -4.339  12.305  1.00 21.91 ? 93  PRO A CA  1 
ATOM   706  C  C   . PRO A 1 93  ? 14.815  -5.802  12.056  1.00 22.42 ? 93  PRO A C   1 
ATOM   707  O  O   . PRO A 1 93  ? 13.886  -6.095  11.304  1.00 21.86 ? 93  PRO A O   1 
ATOM   708  C  CB  . PRO A 1 93  ? 14.384  -3.716  13.449  1.00 23.85 ? 93  PRO A CB  1 
ATOM   709  C  CG  . PRO A 1 93  ? 14.273  -2.273  13.005  1.00 28.62 ? 93  PRO A CG  1 
ATOM   710  C  CD  . PRO A 1 93  ? 13.800  -2.509  11.586  1.00 19.64 ? 93  PRO A CD  1 
ATOM   711  N  N   . PRO A 1 94  ? 15.535  -6.737  12.690  1.00 21.80 ? 94  PRO A N   1 
ATOM   712  C  CA  . PRO A 1 94  ? 15.319  -8.180  12.556  1.00 19.72 ? 94  PRO A CA  1 
ATOM   713  C  C   . PRO A 1 94  ? 13.895  -8.696  12.752  1.00 22.27 ? 94  PRO A C   1 
ATOM   714  O  O   . PRO A 1 94  ? 13.546  -9.762  12.240  1.00 27.02 ? 94  PRO A O   1 
ATOM   715  C  CB  . PRO A 1 94  ? 16.290  -8.752  13.586  1.00 21.00 ? 94  PRO A CB  1 
ATOM   716  C  CG  . PRO A 1 94  ? 17.424  -7.761  13.519  1.00 25.93 ? 94  PRO A CG  1 
ATOM   717  C  CD  . PRO A 1 94  ? 16.629  -6.489  13.645  1.00 19.54 ? 94  PRO A CD  1 
ATOM   718  N  N   . ASN A 1 95  ? 13.070  -7.952  13.485  1.00 19.28 ? 95  ASN A N   1 
ATOM   719  C  CA  . ASN A 1 95  ? 11.697  -8.387  13.734  1.00 20.28 ? 95  ASN A CA  1 
ATOM   720  C  C   . ASN A 1 95  ? 10.731  -8.064  12.596  1.00 20.30 ? 95  ASN A C   1 
ATOM   721  O  O   . ASN A 1 95  ? 9.575   -8.483  12.624  1.00 18.86 ? 95  ASN A O   1 
ATOM   722  C  CB  . ASN A 1 95  ? 11.164  -7.769  15.032  1.00 16.73 ? 95  ASN A CB  1 
ATOM   723  C  CG  . ASN A 1 95  ? 11.115  -6.249  14.987  1.00 20.49 ? 95  ASN A CG  1 
ATOM   724  O  OD1 . ASN A 1 95  ? 12.150  -5.582  14.929  1.00 20.03 ? 95  ASN A OD1 1 
ATOM   725  N  ND2 . ASN A 1 95  ? 9.905   -5.693  15.008  1.00 21.14 ? 95  ASN A ND2 1 
ATOM   726  N  N   . VAL A 1 96  ? 11.208  -7.331  11.596  1.00 18.58 ? 96  VAL A N   1 
ATOM   727  C  CA  . VAL A 1 96  ? 10.367  -6.947  10.466  1.00 17.23 ? 96  VAL A CA  1 
ATOM   728  C  C   . VAL A 1 96  ? 10.738  -7.702  9.194   1.00 19.46 ? 96  VAL A C   1 
ATOM   729  O  O   . VAL A 1 96  ? 11.907  -7.741  8.809   1.00 21.92 ? 96  VAL A O   1 
ATOM   730  C  CB  . VAL A 1 96  ? 10.496  -5.433  10.177  1.00 14.75 ? 96  VAL A CB  1 
ATOM   731  C  CG1 . VAL A 1 96  ? 9.544   -5.029  9.059   1.00 16.02 ? 96  VAL A CG1 1 
ATOM   732  C  CG2 . VAL A 1 96  ? 10.202  -4.633  11.441  1.00 19.68 ? 96  VAL A CG2 1 
ATOM   733  N  N   . LYS A 1 97  ? 9.747   -8.311  8.549   1.00 16.21 ? 97  LYS A N   1 
ATOM   734  C  CA  . LYS A 1 97  ? 9.985   -9.025  7.297   1.00 16.51 ? 97  LYS A CA  1 
ATOM   735  C  C   . LYS A 1 97  ? 9.724   -8.068  6.136   1.00 14.95 ? 97  LYS A C   1 
ATOM   736  O  O   . LYS A 1 97  ? 8.947   -7.124  6.271   1.00 15.82 ? 97  LYS A O   1 
ATOM   737  C  CB  . LYS A 1 97  ? 9.067   -10.243 7.187   1.00 16.00 ? 97  LYS A CB  1 
ATOM   738  C  CG  . LYS A 1 97  ? 9.369   -11.333 8.204   1.00 23.17 ? 97  LYS A CG  1 
ATOM   739  C  CD  . LYS A 1 97  ? 8.457   -12.531 8.006   1.00 21.90 ? 97  LYS A CD  1 
ATOM   740  N  N   . LYS A 1 98  ? 10.366  -8.312  5.000   1.00 15.04 ? 98  LYS A N   1 
ATOM   741  C  CA  . LYS A 1 98  ? 10.211  -7.444  3.839   1.00 15.71 ? 98  LYS A CA  1 
ATOM   742  C  C   . LYS A 1 98  ? 10.006  -8.197  2.530   1.00 16.89 ? 98  LYS A C   1 
ATOM   743  O  O   . LYS A 1 98  ? 10.723  -9.155  2.240   1.00 19.30 ? 98  LYS A O   1 
ATOM   744  C  CB  . LYS A 1 98  ? 11.450  -6.556  3.701   1.00 17.31 ? 98  LYS A CB  1 
ATOM   745  C  CG  . LYS A 1 98  ? 11.397  -5.551  2.563   1.00 20.03 ? 98  LYS A CG  1 
ATOM   746  C  CD  . LYS A 1 98  ? 12.733  -4.828  2.430   1.00 23.00 ? 98  LYS A CD  1 
ATOM   747  C  CE  . LYS A 1 98  ? 12.709  -3.794  1.320   1.00 28.42 ? 98  LYS A CE  1 
ATOM   748  N  NZ  . LYS A 1 98  ? 14.035  -3.137  1.155   1.00 28.33 ? 98  LYS A NZ  1 
ATOM   749  N  N   . GLU A 1 99  ? 9.031   -7.746  1.745   1.00 14.45 ? 99  GLU A N   1 
ATOM   750  C  CA  . GLU A 1 99  ? 8.746   -8.323  0.432   1.00 13.17 ? 99  GLU A CA  1 
ATOM   751  C  C   . GLU A 1 99  ? 8.537   -7.232  -0.602  1.00 14.04 ? 99  GLU A C   1 
ATOM   752  O  O   . GLU A 1 99  ? 8.116   -6.121  -0.273  1.00 14.79 ? 99  GLU A O   1 
ATOM   753  C  CB  . GLU A 1 99  ? 7.499   -9.195  0.463   1.00 12.75 ? 99  GLU A CB  1 
ATOM   754  C  CG  . GLU A 1 99  ? 7.696   -10.531 1.140   1.00 14.52 ? 99  GLU A CG  1 
ATOM   755  C  CD  . GLU A 1 99  ? 6.427   -11.353 1.157   1.00 17.90 ? 99  GLU A CD  1 
ATOM   756  O  OE1 . GLU A 1 99  ? 5.736   -11.415 0.116   1.00 21.34 ? 99  GLU A OE1 1 
ATOM   757  O  OE2 . GLU A 1 99  ? 6.123   -11.951 2.207   1.00 26.07 ? 99  GLU A OE2 1 
ATOM   758  N  N   . HIS A 1 100 ? 8.839   -7.555  -1.856  1.00 12.68 ? 100 HIS A N   1 
ATOM   759  C  CA  . HIS A 1 100 ? 8.655   -6.610  -2.946  1.00 12.00 ? 100 HIS A CA  1 
ATOM   760  C  C   . HIS A 1 100 ? 7.596   -7.084  -3.933  1.00 13.12 ? 100 HIS A C   1 
ATOM   761  O  O   . HIS A 1 100 ? 7.731   -8.148  -4.538  1.00 13.59 ? 100 HIS A O   1 
ATOM   762  C  CB  . HIS A 1 100 ? 9.960   -6.377  -3.708  1.00 12.70 ? 100 HIS A CB  1 
ATOM   763  C  CG  . HIS A 1 100 ? 9.816   -5.407  -4.836  1.00 11.13 ? 100 HIS A CG  1 
ATOM   764  N  ND1 . HIS A 1 100 ? 9.441   -4.095  -4.636  1.00 14.38 ? 100 HIS A ND1 1 
ATOM   765  C  CD2 . HIS A 1 100 ? 9.927   -5.565  -6.176  1.00 15.75 ? 100 HIS A CD2 1 
ATOM   766  C  CE1 . HIS A 1 100 ? 9.327   -3.488  -5.805  1.00 14.09 ? 100 HIS A CE1 1 
ATOM   767  N  NE2 . HIS A 1 100 ? 9.616   -4.357  -6.754  1.00 15.56 ? 100 HIS A NE2 1 
ATOM   768  N  N   . TRP A 1 101 ? 6.539   -6.292  -4.082  1.00 11.61 ? 101 TRP A N   1 
ATOM   769  C  CA  . TRP A 1 101 ? 5.461   -6.587  -5.027  1.00 11.55 ? 101 TRP A CA  1 
ATOM   770  C  C   . TRP A 1 101 ? 5.400   -5.352  -5.918  1.00 10.59 ? 101 TRP A C   1 
ATOM   771  O  O   . TRP A 1 101 ? 4.732   -4.371  -5.581  1.00 10.52 ? 101 TRP A O   1 
ATOM   772  C  CB  . TRP A 1 101 ? 4.100   -6.721  -4.335  1.00 11.34 ? 101 TRP A CB  1 
ATOM   773  C  CG  . TRP A 1 101 ? 3.984   -7.710  -3.216  1.00 13.27 ? 101 TRP A CG  1 
ATOM   774  C  CD1 . TRP A 1 101 ? 4.933   -8.583  -2.768  1.00 15.33 ? 101 TRP A CD1 1 
ATOM   775  C  CD2 . TRP A 1 101 ? 2.844   -7.883  -2.368  1.00 11.85 ? 101 TRP A CD2 1 
ATOM   776  N  NE1 . TRP A 1 101 ? 4.452   -9.287  -1.682  1.00 15.53 ? 101 TRP A NE1 1 
ATOM   777  C  CE2 . TRP A 1 101 ? 3.173   -8.874  -1.419  1.00 13.08 ? 101 TRP A CE2 1 
ATOM   778  C  CE3 . TRP A 1 101 ? 1.575   -7.291  -2.318  1.00 12.99 ? 101 TRP A CE3 1 
ATOM   779  C  CZ2 . TRP A 1 101 ? 2.272   -9.287  -0.427  1.00 13.76 ? 101 TRP A CZ2 1 
ATOM   780  C  CZ3 . TRP A 1 101 ? 0.683   -7.701  -1.333  1.00 12.27 ? 101 TRP A CZ3 1 
ATOM   781  C  CH2 . TRP A 1 101 ? 1.039   -8.689  -0.403  1.00 14.13 ? 101 TRP A CH2 1 
ATOM   782  N  N   . GLY A 1 102 ? 6.077   -5.392  -7.058  1.00 10.83 ? 102 GLY A N   1 
ATOM   783  C  CA  . GLY A 1 102 ? 6.077   -4.228  -7.924  1.00 11.01 ? 102 GLY A CA  1 
ATOM   784  C  C   . GLY A 1 102 ? 4.853   -4.034  -8.799  1.00 10.38 ? 102 GLY A C   1 
ATOM   785  O  O   . GLY A 1 102 ? 4.262   -5.001  -9.292  1.00 12.55 ? 102 GLY A O   1 
ATOM   786  N  N   . PHE A 1 103 ? 4.471   -2.771  -8.985  1.00 10.32 ? 103 PHE A N   1 
ATOM   787  C  CA  . PHE A 1 103 ? 3.340   -2.402  -9.830  1.00 10.35 ? 103 PHE A CA  1 
ATOM   788  C  C   . PHE A 1 103 ? 3.699   -1.135  -10.595 1.00 10.71 ? 103 PHE A C   1 
ATOM   789  O  O   . PHE A 1 103 ? 4.486   -0.318  -10.114 1.00 11.66 ? 103 PHE A O   1 
ATOM   790  C  CB  . PHE A 1 103 ? 2.072   -2.141  -9.005  1.00 10.26 ? 103 PHE A CB  1 
ATOM   791  C  CG  . PHE A 1 103 ? 1.607   -3.331  -8.218  1.00 9.70  ? 103 PHE A CG  1 
ATOM   792  C  CD1 . PHE A 1 103 ? 2.053   -3.543  -6.920  1.00 9.60  ? 103 PHE A CD1 1 
ATOM   793  C  CD2 . PHE A 1 103 ? 0.758   -4.268  -8.801  1.00 9.46  ? 103 PHE A CD2 1 
ATOM   794  C  CE1 . PHE A 1 103 ? 1.659   -4.678  -6.205  1.00 9.06  ? 103 PHE A CE1 1 
ATOM   795  C  CE2 . PHE A 1 103 ? 0.361   -5.403  -8.102  1.00 12.49 ? 103 PHE A CE2 1 
ATOM   796  C  CZ  . PHE A 1 103 ? 0.814   -5.611  -6.800  1.00 11.29 ? 103 PHE A CZ  1 
ATOM   797  N  N   . ASP A 1 104 ? 3.137   -0.977  -11.790 1.00 11.37 ? 104 ASP A N   1 
ATOM   798  C  CA  . ASP A 1 104 ? 3.415   0.216   -12.583 1.00 9.13  ? 104 ASP A CA  1 
ATOM   799  C  C   . ASP A 1 104 ? 2.833   1.452   -11.910 1.00 11.25 ? 104 ASP A C   1 
ATOM   800  O  O   . ASP A 1 104 ? 1.826   1.377   -11.206 1.00 10.56 ? 104 ASP A O   1 
ATOM   801  C  CB  . ASP A 1 104 ? 2.805   0.129   -13.984 1.00 11.40 ? 104 ASP A CB  1 
ATOM   802  C  CG  . ASP A 1 104 ? 3.389   -0.989  -14.820 1.00 10.94 ? 104 ASP A CG  1 
ATOM   803  O  OD1 . ASP A 1 104 ? 4.566   -1.350  -14.618 1.00 12.84 ? 104 ASP A OD1 1 
ATOM   804  O  OD2 . ASP A 1 104 ? 2.674   -1.482  -15.718 1.00 12.75 ? 104 ASP A OD2 1 
ATOM   805  N  N   . ASP A 1 105 ? 3.471   2.592   -12.148 1.00 12.23 ? 105 ASP A N   1 
ATOM   806  C  CA  . ASP A 1 105 ? 3.017   3.862   -11.594 1.00 10.48 ? 105 ASP A CA  1 
ATOM   807  C  C   . ASP A 1 105 ? 1.941   4.401   -12.534 1.00 11.27 ? 105 ASP A C   1 
ATOM   808  O  O   . ASP A 1 105 ? 2.221   4.696   -13.688 1.00 12.17 ? 105 ASP A O   1 
ATOM   809  C  CB  . ASP A 1 105 ? 4.189   4.843   -11.535 1.00 12.15 ? 105 ASP A CB  1 
ATOM   810  C  CG  . ASP A 1 105 ? 3.821   6.151   -10.875 1.00 13.11 ? 105 ASP A CG  1 
ATOM   811  O  OD1 . ASP A 1 105 ? 2.632   6.354   -10.566 1.00 12.87 ? 105 ASP A OD1 1 
ATOM   812  O  OD2 . ASP A 1 105 ? 4.734   6.985   -10.676 1.00 14.78 ? 105 ASP A OD2 1 
ATOM   813  N  N   . PRO A 1 106 ? 0.689   4.500   -12.067 1.00 10.83 ? 106 PRO A N   1 
ATOM   814  C  CA  . PRO A 1 106 ? -0.379  5.011   -12.930 1.00 11.90 ? 106 PRO A CA  1 
ATOM   815  C  C   . PRO A 1 106 ? -0.395  6.532   -13.090 1.00 11.53 ? 106 PRO A C   1 
ATOM   816  O  O   . PRO A 1 106 ? -1.168  7.061   -13.890 1.00 11.72 ? 106 PRO A O   1 
ATOM   817  C  CB  . PRO A 1 106 ? -1.630  4.494   -12.233 1.00 10.16 ? 106 PRO A CB  1 
ATOM   818  C  CG  . PRO A 1 106 ? -1.251  4.698   -10.785 1.00 12.45 ? 106 PRO A CG  1 
ATOM   819  C  CD  . PRO A 1 106 ? 0.143   4.080   -10.764 1.00 11.80 ? 106 PRO A CD  1 
ATOM   820  N  N   . ALA A 1 107 ? 0.450   7.232   -12.340 1.00 12.09 ? 107 ALA A N   1 
ATOM   821  C  CA  . ALA A 1 107 ? 0.477   8.694   -12.412 1.00 13.22 ? 107 ALA A CA  1 
ATOM   822  C  C   . ALA A 1 107 ? 0.563   9.242   -13.831 1.00 13.88 ? 107 ALA A C   1 
ATOM   823  O  O   . ALA A 1 107 ? 1.421   8.839   -14.616 1.00 15.01 ? 107 ALA A O   1 
ATOM   824  C  CB  . ALA A 1 107 ? 1.630   9.240   -11.581 1.00 15.23 ? 107 ALA A CB  1 
ATOM   825  N  N   . GLY A 1 108 ? -0.340  10.165  -14.147 1.00 14.19 ? 108 GLY A N   1 
ATOM   826  C  CA  . GLY A 1 108 ? -0.353  10.785  -15.459 1.00 16.32 ? 108 GLY A CA  1 
ATOM   827  C  C   . GLY A 1 108 ? -0.872  9.924   -16.591 1.00 16.77 ? 108 GLY A C   1 
ATOM   828  O  O   . GLY A 1 108 ? -0.894  10.365  -17.740 1.00 19.35 ? 108 GLY A O   1 
ATOM   829  N  N   . LYS A 1 109 ? -1.296  8.702   -16.279 1.00 13.68 ? 109 LYS A N   1 
ATOM   830  C  CA  . LYS A 1 109 ? -1.803  7.801   -17.305 1.00 13.54 ? 109 LYS A CA  1 
ATOM   831  C  C   . LYS A 1 109 ? -3.321  7.848   -17.404 1.00 11.25 ? 109 LYS A C   1 
ATOM   832  O  O   . LYS A 1 109 ? -3.995  8.464   -16.570 1.00 14.32 ? 109 LYS A O   1 
ATOM   833  C  CB  . LYS A 1 109 ? -1.343  6.366   -17.025 1.00 15.39 ? 109 LYS A CB  1 
ATOM   834  C  CG  . LYS A 1 109 ? 0.165   6.220   -16.921 1.00 16.49 ? 109 LYS A CG  1 
ATOM   835  C  CD  . LYS A 1 109 ? 0.860   6.734   -18.172 1.00 21.29 ? 109 LYS A CD  1 
ATOM   836  C  CE  . LYS A 1 109 ? 2.376   6.655   -18.029 1.00 27.58 ? 109 LYS A CE  1 
ATOM   837  N  NZ  . LYS A 1 109 ? 3.069   7.255   -19.203 1.00 28.38 ? 109 LYS A NZ  1 
ATOM   838  N  N   . GLU A 1 110 ? -3.855  7.186   -18.425 1.00 13.92 ? 110 GLU A N   1 
ATOM   839  C  CA  . GLU A 1 110 ? -5.291  7.172   -18.640 1.00 13.78 ? 110 GLU A CA  1 
ATOM   840  C  C   . GLU A 1 110 ? -6.015  6.428   -17.527 1.00 14.12 ? 110 GLU A C   1 
ATOM   841  O  O   . GLU A 1 110 ? -5.435  5.594   -16.825 1.00 13.94 ? 110 GLU A O   1 
ATOM   842  C  CB  . GLU A 1 110 ? -5.633  6.537   -19.991 1.00 13.34 ? 110 GLU A CB  1 
ATOM   843  C  CG  . GLU A 1 110 ? -5.379  5.040   -20.055 1.00 12.95 ? 110 GLU A CG  1 
ATOM   844  C  CD  . GLU A 1 110 ? -5.793  4.442   -21.389 1.00 15.85 ? 110 GLU A CD  1 
ATOM   845  O  OE1 . GLU A 1 110 ? -6.950  4.670   -21.804 1.00 16.43 ? 110 GLU A OE1 1 
ATOM   846  O  OE2 . GLU A 1 110 ? -4.970  3.740   -22.013 1.00 20.85 ? 110 GLU A OE2 1 
ATOM   847  N  N   . TRP A 1 111 ? -7.293  6.744   -17.383 1.00 13.48 ? 111 TRP A N   1 
ATOM   848  C  CA  . TRP A 1 111 ? -8.153  6.150   -16.373 1.00 12.69 ? 111 TRP A CA  1 
ATOM   849  C  C   . TRP A 1 111 ? -8.065  4.627   -16.259 1.00 13.93 ? 111 TRP A C   1 
ATOM   850  O  O   . TRP A 1 111 ? -7.962  4.094   -15.150 1.00 13.52 ? 111 TRP A O   1 
ATOM   851  C  CB  . TRP A 1 111 ? -9.597  6.573   -16.654 1.00 14.31 ? 111 TRP A CB  1 
ATOM   852  C  CG  . TRP A 1 111 ? -10.632 5.917   -15.794 1.00 12.12 ? 111 TRP A CG  1 
ATOM   853  C  CD1 . TRP A 1 111 ? -11.724 5.224   -16.228 1.00 18.32 ? 111 TRP A CD1 1 
ATOM   854  C  CD2 . TRP A 1 111 ? -10.695 5.910   -14.362 1.00 15.18 ? 111 TRP A CD2 1 
ATOM   855  N  NE1 . TRP A 1 111 ? -12.465 4.785   -15.156 1.00 18.29 ? 111 TRP A NE1 1 
ATOM   856  C  CE2 . TRP A 1 111 ? -11.857 5.192   -13.999 1.00 16.09 ? 111 TRP A CE2 1 
ATOM   857  C  CE3 . TRP A 1 111 ? -9.882  6.441   -13.350 1.00 15.93 ? 111 TRP A CE3 1 
ATOM   858  C  CZ2 . TRP A 1 111 ? -12.230 4.990   -12.664 1.00 17.37 ? 111 TRP A CZ2 1 
ATOM   859  C  CZ3 . TRP A 1 111 ? -10.254 6.240   -12.020 1.00 18.55 ? 111 TRP A CZ3 1 
ATOM   860  C  CH2 . TRP A 1 111 ? -11.418 5.520   -11.693 1.00 17.77 ? 111 TRP A CH2 1 
ATOM   861  N  N   . SER A 1 112 ? -8.090  3.919   -17.387 1.00 14.96 ? 112 SER A N   1 
ATOM   862  C  CA  . SER A 1 112 ? -8.045  2.459   -17.339 1.00 12.53 ? 112 SER A CA  1 
ATOM   863  C  C   . SER A 1 112 ? -6.783  1.899   -16.693 1.00 14.57 ? 112 SER A C   1 
ATOM   864  O  O   . SER A 1 112 ? -6.778  0.760   -16.228 1.00 13.00 ? 112 SER A O   1 
ATOM   865  C  CB  . SER A 1 112 ? -8.230  1.852   -18.739 1.00 16.19 ? 112 SER A CB  1 
ATOM   866  O  OG  . SER A 1 112 ? -7.199  2.229   -19.632 1.00 14.64 ? 112 SER A OG  1 
ATOM   867  N  N   . GLU A 1 113 ? -5.712  2.685   -16.658 1.00 11.27 ? 113 GLU A N   1 
ATOM   868  C  CA  . GLU A 1 113 ? -4.485  2.213   -16.025 1.00 11.78 ? 113 GLU A CA  1 
ATOM   869  C  C   . GLU A 1 113 ? -4.633  2.255   -14.514 1.00 11.98 ? 113 GLU A C   1 
ATOM   870  O  O   . GLU A 1 113 ? -4.019  1.456   -13.809 1.00 10.56 ? 113 GLU A O   1 
ATOM   871  C  CB  . GLU A 1 113 ? -3.289  3.040   -16.490 1.00 12.44 ? 113 GLU A CB  1 
ATOM   872  C  CG  . GLU A 1 113 ? -2.914  2.729   -17.927 1.00 12.34 ? 113 GLU A CG  1 
ATOM   873  C  CD  . GLU A 1 113 ? -2.281  1.353   -18.074 1.00 15.48 ? 113 GLU A CD  1 
ATOM   874  O  OE1 . GLU A 1 113 ? -1.041  1.267   -17.985 1.00 17.67 ? 113 GLU A OE1 1 
ATOM   875  O  OE2 . GLU A 1 113 ? -3.020  0.359   -18.251 1.00 16.07 ? 113 GLU A OE2 1 
ATOM   876  N  N   . PHE A 1 114 ? -5.438  3.182   -14.001 1.00 13.09 ? 114 PHE A N   1 
ATOM   877  C  CA  . PHE A 1 114 ? -5.662  3.216   -12.561 1.00 10.39 ? 114 PHE A CA  1 
ATOM   878  C  C   . PHE A 1 114 ? -6.509  2.003   -12.207 1.00 11.35 ? 114 PHE A C   1 
ATOM   879  O  O   . PHE A 1 114 ? -6.289  1.365   -11.179 1.00 11.14 ? 114 PHE A O   1 
ATOM   880  C  CB  . PHE A 1 114 ? -6.367  4.504   -12.116 1.00 10.94 ? 114 PHE A CB  1 
ATOM   881  C  CG  . PHE A 1 114 ? -5.453  5.692   -12.019 1.00 9.26  ? 114 PHE A CG  1 
ATOM   882  C  CD1 . PHE A 1 114 ? -5.065  6.389   -13.158 1.00 12.17 ? 114 PHE A CD1 1 
ATOM   883  C  CD2 . PHE A 1 114 ? -4.942  6.086   -10.784 1.00 10.74 ? 114 PHE A CD2 1 
ATOM   884  C  CE1 . PHE A 1 114 ? -4.179  7.463   -13.068 1.00 11.56 ? 114 PHE A CE1 1 
ATOM   885  C  CE2 . PHE A 1 114 ? -4.053  7.160   -10.686 1.00 10.70 ? 114 PHE A CE2 1 
ATOM   886  C  CZ  . PHE A 1 114 ? -3.673  7.846   -11.834 1.00 15.03 ? 114 PHE A CZ  1 
ATOM   887  N  N   . GLN A 1 115 ? -7.469  1.673   -13.068 1.00 10.54 ? 115 GLN A N   1 
ATOM   888  C  CA  . GLN A 1 115 ? -8.313  0.513   -12.825 1.00 11.83 ? 115 GLN A CA  1 
ATOM   889  C  C   . GLN A 1 115 ? -7.458  -0.752  -12.887 1.00 12.56 ? 115 GLN A C   1 
ATOM   890  O  O   . GLN A 1 115 ? -7.583  -1.634  -12.036 1.00 11.78 ? 115 GLN A O   1 
ATOM   891  C  CB  . GLN A 1 115 ? -9.441  0.443   -13.858 1.00 12.49 ? 115 GLN A CB  1 
ATOM   892  C  CG  . GLN A 1 115 ? -10.417 1.607   -13.783 1.00 11.70 ? 115 GLN A CG  1 
ATOM   893  C  CD  . GLN A 1 115 ? -11.491 1.518   -14.846 1.00 13.98 ? 115 GLN A CD  1 
ATOM   894  O  OE1 . GLN A 1 115 ? -12.684 1.510   -14.542 1.00 18.07 ? 115 GLN A OE1 1 
ATOM   895  N  NE2 . GLN A 1 115 ? -11.074 1.451   -16.100 1.00 13.02 ? 115 GLN A NE2 1 
ATOM   896  N  N   . ARG A 1 116 ? -6.571  -0.832  -13.877 1.00 10.58 ? 116 ARG A N   1 
ATOM   897  C  CA  . ARG A 1 116 ? -5.709  -2.002  -14.022 1.00 10.61 ? 116 ARG A CA  1 
ATOM   898  C  C   . ARG A 1 116 ? -4.807  -2.228  -12.820 1.00 11.47 ? 116 ARG A C   1 
ATOM   899  O  O   . ARG A 1 116 ? -4.744  -3.335  -12.289 1.00 11.52 ? 116 ARG A O   1 
ATOM   900  C  CB  . ARG A 1 116 ? -4.835  -1.892  -15.273 1.00 12.18 ? 116 ARG A CB  1 
ATOM   901  C  CG  . ARG A 1 116 ? -3.829  -3.037  -15.398 1.00 12.51 ? 116 ARG A CG  1 
ATOM   902  C  CD  . ARG A 1 116 ? -3.025  -2.974  -16.681 1.00 11.56 ? 116 ARG A CD  1 
ATOM   903  N  NE  . ARG A 1 116 ? -2.090  -1.847  -16.761 1.00 14.63 ? 116 ARG A NE  1 
ATOM   904  C  CZ  . ARG A 1 116 ? -0.922  -1.779  -16.126 1.00 16.24 ? 116 ARG A CZ  1 
ATOM   905  N  NH1 . ARG A 1 116 ? -0.514  -2.770  -15.342 1.00 14.41 ? 116 ARG A NH1 1 
ATOM   906  N  NH2 . ARG A 1 116 ? -0.139  -0.722  -16.304 1.00 14.92 ? 116 ARG A NH2 1 
ATOM   907  N  N   . VAL A 1 117 ? -4.096  -1.187  -12.401 1.00 10.15 ? 117 VAL A N   1 
ATOM   908  C  CA  . VAL A 1 117 ? -3.202  -1.333  -11.263 1.00 10.34 ? 117 VAL A CA  1 
ATOM   909  C  C   . VAL A 1 117 ? -4.007  -1.620  -10.000 1.00 11.07 ? 117 VAL A C   1 
ATOM   910  O  O   . VAL A 1 117 ? -3.580  -2.396  -9.151  1.00 10.68 ? 117 VAL A O   1 
ATOM   911  C  CB  . VAL A 1 117 ? -2.309  -0.081  -11.090 1.00 11.85 ? 117 VAL A CB  1 
ATOM   912  C  CG1 . VAL A 1 117 ? -1.514  -0.180  -9.805  1.00 15.45 ? 117 VAL A CG1 1 
ATOM   913  C  CG2 . VAL A 1 117 ? -1.353  0.030   -12.266 1.00 13.70 ? 117 VAL A CG2 1 
ATOM   914  N  N   . ARG A 1 118 ? -5.182  -1.013  -9.892  1.00 9.60  ? 118 ARG A N   1 
ATOM   915  C  CA  . ARG A 1 118 ? -6.055  -1.234  -8.746  1.00 10.38 ? 118 ARG A CA  1 
ATOM   916  C  C   . ARG A 1 118 ? -6.351  -2.720  -8.610  1.00 12.72 ? 118 ARG A C   1 
ATOM   917  O  O   . ARG A 1 118 ? -6.224  -3.297  -7.530  1.00 11.50 ? 118 ARG A O   1 
ATOM   918  C  CB  . ARG A 1 118 ? -7.378  -0.498  -8.945  1.00 10.10 ? 118 ARG A CB  1 
ATOM   919  C  CG  . ARG A 1 118 ? -8.419  -0.768  -7.856  1.00 12.02 ? 118 ARG A CG  1 
ATOM   920  C  CD  . ARG A 1 118 ? -9.778  -0.273  -8.316  1.00 13.77 ? 118 ARG A CD  1 
ATOM   921  N  NE  . ARG A 1 118 ? -10.238 -1.037  -9.473  1.00 14.29 ? 118 ARG A NE  1 
ATOM   922  C  CZ  . ARG A 1 118 ? -11.203 -0.645  -10.299 1.00 14.93 ? 118 ARG A CZ  1 
ATOM   923  N  NH1 . ARG A 1 118 ? -11.824 0.510   -10.107 1.00 13.29 ? 118 ARG A NH1 1 
ATOM   924  N  NH2 . ARG A 1 118 ? -11.531 -1.406  -11.334 1.00 17.62 ? 118 ARG A NH2 1 
ATOM   925  N  N   . ASP A 1 119 ? -6.737  -3.339  -9.718  1.00 12.20 ? 119 ASP A N   1 
ATOM   926  C  CA  . ASP A 1 119 ? -7.090  -4.746  -9.685  1.00 11.62 ? 119 ASP A CA  1 
ATOM   927  C  C   . ASP A 1 119 ? -5.910  -5.696  -9.567  1.00 11.73 ? 119 ASP A C   1 
ATOM   928  O  O   . ASP A 1 119 ? -6.065  -6.807  -9.067  1.00 14.45 ? 119 ASP A O   1 
ATOM   929  C  CB  . ASP A 1 119 ? -7.983  -5.079  -10.883 1.00 12.17 ? 119 ASP A CB  1 
ATOM   930  C  CG  . ASP A 1 119 ? -9.263  -4.265  -10.879 1.00 11.34 ? 119 ASP A CG  1 
ATOM   931  O  OD1 . ASP A 1 119 ? -9.790  -4.007  -9.776  1.00 18.20 ? 119 ASP A OD1 1 
ATOM   932  O  OD2 . ASP A 1 119 ? -9.750  -3.896  -11.968 1.00 18.27 ? 119 ASP A OD2 1 
ATOM   933  N  N   . GLU A 1 120 ? -4.731  -5.272  -10.017 1.00 10.13 ? 120 GLU A N   1 
ATOM   934  C  CA  . GLU A 1 120 ? -3.554  -6.124  -9.871  1.00 11.83 ? 120 GLU A CA  1 
ATOM   935  C  C   . GLU A 1 120 ? -3.198  -6.149  -8.387  1.00 12.55 ? 120 GLU A C   1 
ATOM   936  O  O   . GLU A 1 120 ? -2.799  -7.177  -7.845  1.00 11.98 ? 120 GLU A O   1 
ATOM   937  C  CB  . GLU A 1 120 ? -2.371  -5.571  -10.665 1.00 11.07 ? 120 GLU A CB  1 
ATOM   938  C  CG  . GLU A 1 120 ? -2.542  -5.658  -12.170 1.00 13.11 ? 120 GLU A CG  1 
ATOM   939  C  CD  . GLU A 1 120 ? -1.353  -5.102  -12.922 1.00 13.33 ? 120 GLU A CD  1 
ATOM   940  O  OE1 . GLU A 1 120 ? -1.355  -5.170  -14.167 1.00 16.89 ? 120 GLU A OE1 1 
ATOM   941  O  OE2 . GLU A 1 120 ? -0.414  -4.593  -12.273 1.00 17.27 ? 120 GLU A OE2 1 
ATOM   942  N  N   . ILE A 1 121 ? -3.340  -5.005  -7.725  1.00 12.07 ? 121 ILE A N   1 
ATOM   943  C  CA  . ILE A 1 121 ? -3.034  -4.926  -6.305  1.00 12.74 ? 121 ILE A CA  1 
ATOM   944  C  C   . ILE A 1 121 ? -4.044  -5.762  -5.523  1.00 13.15 ? 121 ILE A C   1 
ATOM   945  O  O   . ILE A 1 121 ? -3.690  -6.438  -4.557  1.00 13.91 ? 121 ILE A O   1 
ATOM   946  C  CB  . ILE A 1 121 ? -3.021  -3.454  -5.834  1.00 11.63 ? 121 ILE A CB  1 
ATOM   947  C  CG1 . ILE A 1 121 ? -1.820  -2.740  -6.463  1.00 11.53 ? 121 ILE A CG1 1 
ATOM   948  C  CG2 . ILE A 1 121 ? -2.958  -3.380  -4.318  1.00 11.66 ? 121 ILE A CG2 1 
ATOM   949  C  CD1 . ILE A 1 121 ? -1.759  -1.249  -6.182  1.00 13.86 ? 121 ILE A CD1 1 
ATOM   950  N  N   . LYS A 1 122 ? -5.298  -5.732  -5.964  1.00 12.92 ? 122 LYS A N   1 
ATOM   951  C  CA  . LYS A 1 122 ? -6.364  -6.517  -5.343  1.00 13.25 ? 122 LYS A CA  1 
ATOM   952  C  C   . LYS A 1 122 ? -5.986  -8.001  -5.377  1.00 12.90 ? 122 LYS A C   1 
ATOM   953  O  O   . LYS A 1 122 ? -6.066  -8.699  -4.365  1.00 15.00 ? 122 LYS A O   1 
ATOM   954  C  CB  . LYS A 1 122 ? -7.668  -6.300  -6.113  1.00 13.51 ? 122 LYS A CB  1 
ATOM   955  C  CG  . LYS A 1 122 ? -8.841  -7.181  -5.692  1.00 13.89 ? 122 LYS A CG  1 
ATOM   956  C  CD  . LYS A 1 122 ? -10.028 -6.919  -6.611  1.00 20.84 ? 122 LYS A CD  1 
ATOM   957  C  CE  . LYS A 1 122 ? -11.216 -7.799  -6.290  1.00 28.24 ? 122 LYS A CE  1 
ATOM   958  N  NZ  . LYS A 1 122 ? -11.720 -7.596  -4.907  1.00 33.06 ? 122 LYS A NZ  1 
ATOM   959  N  N   . LEU A 1 123 ? -5.576  -8.471  -6.551  1.00 12.58 ? 123 LEU A N   1 
ATOM   960  C  CA  . LEU A 1 123 ? -5.187  -9.864  -6.721  1.00 12.32 ? 123 LEU A CA  1 
ATOM   961  C  C   . LEU A 1 123 ? -4.030  -10.246 -5.814  1.00 13.63 ? 123 LEU A C   1 
ATOM   962  O  O   . LEU A 1 123 ? -4.046  -11.309 -5.197  1.00 14.05 ? 123 LEU A O   1 
ATOM   963  C  CB  A LEU A 1 123 ? -4.784  -10.133 -8.172  0.50 13.74 ? 123 LEU A CB  1 
ATOM   964  C  CB  B LEU A 1 123 ? -4.806  -10.122 -8.182  0.50 15.82 ? 123 LEU A CB  1 
ATOM   965  C  CG  A LEU A 1 123 ? -5.869  -10.040 -9.241  0.50 13.63 ? 123 LEU A CG  1 
ATOM   966  C  CG  B LEU A 1 123 ? -4.415  -11.552 -8.566  0.50 16.69 ? 123 LEU A CG  1 
ATOM   967  C  CD1 A LEU A 1 123 ? -5.232  -10.168 -10.614 0.50 12.99 ? 123 LEU A CD1 1 
ATOM   968  C  CD1 B LEU A 1 123 ? -5.576  -12.498 -8.293  0.50 22.38 ? 123 LEU A CD1 1 
ATOM   969  C  CD2 A LEU A 1 123 ? -6.899  -11.140 -9.026  0.50 16.18 ? 123 LEU A CD2 1 
ATOM   970  C  CD2 B LEU A 1 123 ? -4.031  -11.590 -10.035 0.50 21.53 ? 123 LEU A CD2 1 
ATOM   971  N  N   . ALA A 1 124 ? -3.015  -9.388  -5.736  1.00 12.69 ? 124 ALA A N   1 
ATOM   972  C  CA  . ALA A 1 124 ? -1.853  -9.683  -4.905  1.00 13.47 ? 124 ALA A CA  1 
ATOM   973  C  C   . ALA A 1 124 ? -2.219  -9.819  -3.436  1.00 13.32 ? 124 ALA A C   1 
ATOM   974  O  O   . ALA A 1 124 ? -1.693  -10.683 -2.735  1.00 14.86 ? 124 ALA A O   1 
ATOM   975  C  CB  . ALA A 1 124 ? -0.793  -8.605  -5.077  1.00 11.94 ? 124 ALA A CB  1 
ATOM   976  N  N   . ILE A 1 125 ? -3.107  -8.957  -2.960  1.00 13.04 ? 125 ILE A N   1 
ATOM   977  C  CA  . ILE A 1 125 ? -3.516  -9.015  -1.569  1.00 11.55 ? 125 ILE A CA  1 
ATOM   978  C  C   . ILE A 1 125 ? -4.390  -10.245 -1.310  1.00 12.56 ? 125 ILE A C   1 
ATOM   979  O  O   . ILE A 1 125 ? -4.268  -10.871 -0.261  1.00 13.43 ? 125 ILE A O   1 
ATOM   980  C  CB  . ILE A 1 125 ? -4.229  -7.708  -1.157  1.00 12.24 ? 125 ILE A CB  1 
ATOM   981  C  CG1 . ILE A 1 125 ? -3.213  -6.558  -1.225  1.00 12.88 ? 125 ILE A CG1 1 
ATOM   982  C  CG2 . ILE A 1 125 ? -4.808  -7.830  0.253   1.00 13.29 ? 125 ILE A CG2 1 
ATOM   983  C  CD1 . ILE A 1 125 ? -3.770  -5.198  -0.889  1.00 13.92 ? 125 ILE A CD1 1 
ATOM   984  N  N   . GLU A 1 126 ? -5.253  -10.598 -2.261  1.00 13.04 ? 126 GLU A N   1 
ATOM   985  C  CA  . GLU A 1 126 ? -6.101  -11.784 -2.103  1.00 14.84 ? 126 GLU A CA  1 
ATOM   986  C  C   . GLU A 1 126 ? -5.212  -13.023 -2.003  1.00 17.89 ? 126 GLU A C   1 
ATOM   987  O  O   . GLU A 1 126 ? -5.472  -13.914 -1.191  1.00 18.50 ? 126 GLU A O   1 
ATOM   988  C  CB  . GLU A 1 126 ? -7.073  -11.919 -3.283  1.00 13.31 ? 126 GLU A CB  1 
ATOM   989  C  CG  . GLU A 1 126 ? -8.079  -10.775 -3.358  1.00 15.12 ? 126 GLU A CG  1 
ATOM   990  C  CD  . GLU A 1 126 ? -8.968  -10.835 -4.585  1.00 13.63 ? 126 GLU A CD  1 
ATOM   991  O  OE1 . GLU A 1 126 ? -8.446  -11.063 -5.693  1.00 13.80 ? 126 GLU A OE1 1 
ATOM   992  O  OE2 . GLU A 1 126 ? -10.191 -10.621 -4.443  1.00 21.33 ? 126 GLU A OE2 1 
ATOM   993  N  N   . LYS A 1 127 ? -4.163  -13.075 -2.819  1.00 14.83 ? 127 LYS A N   1 
ATOM   994  C  CA  . LYS A 1 127 ? -3.242  -14.206 -2.784  1.00 16.03 ? 127 LYS A CA  1 
ATOM   995  C  C   . LYS A 1 127 ? -2.477  -14.230 -1.471  1.00 16.14 ? 127 LYS A C   1 
ATOM   996  O  O   . LYS A 1 127 ? -2.258  -15.291 -0.883  1.00 17.72 ? 127 LYS A O   1 
ATOM   997  C  CB  A LYS A 1 127 ? -2.251  -14.121 -3.948  0.50 14.65 ? 127 LYS A CB  1 
ATOM   998  C  CB  B LYS A 1 127 ? -2.262  -14.156 -3.963  0.50 16.13 ? 127 LYS A CB  1 
ATOM   999  C  CG  A LYS A 1 127 ? -1.211  -15.229 -3.947  0.50 14.45 ? 127 LYS A CG  1 
ATOM   1000 C  CG  B LYS A 1 127 ? -2.912  -14.410 -5.315  0.50 16.94 ? 127 LYS A CG  1 
ATOM   1001 C  CD  A LYS A 1 127 ? -0.235  -15.062 -5.099  0.50 15.91 ? 127 LYS A CD  1 
ATOM   1002 C  CD  B LYS A 1 127 ? -1.873  -14.502 -6.420  0.50 26.33 ? 127 LYS A CD  1 
ATOM   1003 N  N   . PHE A 1 128 ? -2.067  -13.060 -1.003  1.00 14.82 ? 128 PHE A N   1 
ATOM   1004 C  CA  . PHE A 1 128 ? -1.339  -12.982 0.252   1.00 14.87 ? 128 PHE A CA  1 
ATOM   1005 C  C   . PHE A 1 128 ? -2.163  -13.576 1.393   1.00 17.74 ? 128 PHE A C   1 
ATOM   1006 O  O   . PHE A 1 128 ? -1.642  -14.303 2.237   1.00 16.85 ? 128 PHE A O   1 
ATOM   1007 C  CB  . PHE A 1 128 ? -1.009  -11.526 0.577   1.00 14.48 ? 128 PHE A CB  1 
ATOM   1008 C  CG  . PHE A 1 128 ? -0.369  -11.345 1.915   1.00 14.26 ? 128 PHE A CG  1 
ATOM   1009 C  CD1 . PHE A 1 128 ? 0.949   -11.732 2.132   1.00 14.52 ? 128 PHE A CD1 1 
ATOM   1010 C  CD2 . PHE A 1 128 ? -1.103  -10.831 2.976   1.00 15.04 ? 128 PHE A CD2 1 
ATOM   1011 C  CE1 . PHE A 1 128 ? 1.522   -11.611 3.390   1.00 14.19 ? 128 PHE A CE1 1 
ATOM   1012 C  CE2 . PHE A 1 128 ? -0.541  -10.707 4.237   1.00 13.20 ? 128 PHE A CE2 1 
ATOM   1013 C  CZ  . PHE A 1 128 ? 0.778   -11.098 4.446   1.00 15.05 ? 128 PHE A CZ  1 
ATOM   1014 N  N   . LYS A 1 129 ? -3.455  -13.268 1.409   1.00 16.60 ? 129 LYS A N   1 
ATOM   1015 C  CA  . LYS A 1 129 ? -4.345  -13.750 2.457   1.00 17.32 ? 129 LYS A CA  1 
ATOM   1016 C  C   . LYS A 1 129 ? -4.418  -15.271 2.514   1.00 17.21 ? 129 LYS A C   1 
ATOM   1017 O  O   . LYS A 1 129 ? -4.659  -15.840 3.573   1.00 20.22 ? 129 LYS A O   1 
ATOM   1018 C  CB  . LYS A 1 129 ? -5.752  -13.181 2.250   1.00 20.80 ? 129 LYS A CB  1 
ATOM   1019 C  CG  . LYS A 1 129 ? -6.758  -13.616 3.310   1.00 26.68 ? 129 LYS A CG  1 
ATOM   1020 C  CD  . LYS A 1 129 ? -8.124  -12.991 3.064   1.00 31.66 ? 129 LYS A CD  1 
ATOM   1021 N  N   . LEU A 1 130 ? -4.192  -15.923 1.381   1.00 19.93 ? 130 LEU A N   1 
ATOM   1022 C  CA  . LEU A 1 130 ? -4.265  -17.377 1.329   1.00 23.25 ? 130 LEU A CA  1 
ATOM   1023 C  C   . LEU A 1 130 ? -3.045  -18.114 1.868   1.00 27.20 ? 130 LEU A C   1 
ATOM   1024 O  O   . LEU A 1 130 ? -3.041  -19.341 1.935   1.00 30.45 ? 130 LEU A O   1 
ATOM   1025 C  CB  . LEU A 1 130 ? -4.557  -17.838 -0.100  1.00 21.18 ? 130 LEU A CB  1 
ATOM   1026 C  CG  . LEU A 1 130 ? -5.922  -17.397 -0.637  1.00 22.22 ? 130 LEU A CG  1 
ATOM   1027 C  CD1 . LEU A 1 130 ? -6.121  -17.934 -2.044  1.00 26.30 ? 130 LEU A CD1 1 
ATOM   1028 C  CD2 . LEU A 1 130 ? -7.022  -17.905 0.286   1.00 24.12 ? 130 LEU A CD2 1 
ATOM   1029 N  N   . ARG A 1 131 ? -2.007  -17.380 2.252   1.00 26.72 ? 131 ARG A N   1 
ATOM   1030 C  CA  . ARG A 1 131 ? -0.815  -18.026 2.791   1.00 29.20 ? 131 ARG A CA  1 
ATOM   1031 C  C   . ARG A 1 131 ? -1.130  -18.725 4.109   1.00 33.09 ? 131 ARG A C   1 
ATOM   1032 O  O   . ARG A 1 131 ? -0.849  -19.938 4.209   1.00 37.40 ? 131 ARG A O   1 
ATOM   1033 C  CB  . ARG A 1 131 ? 0.302   -17.008 3.008   1.00 24.91 ? 131 ARG A CB  1 
ATOM   1034 C  CG  . ARG A 1 131 ? 0.823   -16.382 1.734   1.00 20.05 ? 131 ARG A CG  1 
ATOM   1035 C  CD  . ARG A 1 131 ? 1.960   -15.423 2.038   1.00 25.91 ? 131 ARG A CD  1 
ATOM   1036 N  NE  . ARG A 1 131 ? 2.432   -14.738 0.841   1.00 22.24 ? 131 ARG A NE  1 
ATOM   1037 C  CZ  . ARG A 1 131 ? 3.432   -13.864 0.834   1.00 20.42 ? 131 ARG A CZ  1 
ATOM   1038 N  NH1 . ARG A 1 131 ? 4.062   -13.573 1.964   1.00 23.80 ? 131 ARG A NH1 1 
ATOM   1039 N  NH2 . ARG A 1 131 ? 3.790   -13.272 -0.296  1.00 18.45 ? 131 ARG A NH2 1 
ATOM   1040 O  OXT . ARG A 1 131 ? -1.645  -18.049 5.024   1.00 36.99 ? 131 ARG A OXT 1 
HETATM 1041 K  K   . K   B 2 .   ? -0.883  6.760   4.641   1.00 15.82 ? 151 K   A K   1 
HETATM 1042 CL CL  . LCP C 3 .   ? 2.462   5.658   -5.380  1.00 13.13 ? 152 LCP A CL  1 
HETATM 1043 O  O1  . LCP C 3 .   ? 3.911   5.433   -5.501  1.00 11.51 ? 152 LCP A O1  1 
HETATM 1044 O  O2  . LCP C 3 .   ? 1.850   5.061   -4.186  1.00 13.98 ? 152 LCP A O2  1 
HETATM 1045 O  O3  . LCP C 3 .   ? 1.802   5.281   -6.636  1.00 10.91 ? 152 LCP A O3  1 
HETATM 1046 O  O4  . LCP C 3 .   ? 2.074   7.071   -5.164  1.00 15.85 ? 152 LCP A O4  1 
HETATM 1047 CL CL  . CL  D 4 .   ? -7.140  -12.152 7.692   1.00 63.39 ? 153 CL  A CL  1 
HETATM 1048 O  O   . HOH E 5 .   ? 1.671   -3.091  -13.101 1.00 13.11 ? 201 HOH A O   1 
HETATM 1049 O  O   . HOH E 5 .   ? -2.461  11.134  -12.383 1.00 12.43 ? 202 HOH A O   1 
HETATM 1050 O  O   . HOH E 5 .   ? 1.533   7.495   -8.346  1.00 15.07 ? 203 HOH A O   1 
HETATM 1051 O  O   . HOH E 5 .   ? -1.258  4.703   6.742   1.00 14.86 ? 204 HOH A O   1 
HETATM 1052 O  O   . HOH E 5 .   ? -12.492 5.876   -2.484  1.00 13.98 ? 205 HOH A O   1 
HETATM 1053 O  O   . HOH E 5 .   ? -5.574  0.097   -19.464 1.00 20.68 ? 206 HOH A O   1 
HETATM 1054 O  O   . HOH E 5 .   ? 5.942   2.601   -13.715 1.00 16.67 ? 207 HOH A O   1 
HETATM 1055 O  O   . HOH E 5 .   ? 9.297   7.907   3.944   1.00 17.71 ? 208 HOH A O   1 
HETATM 1056 O  O   . HOH E 5 .   ? -1.090  -9.032  -9.040  1.00 16.25 ? 209 HOH A O   1 
HETATM 1057 O  O   . HOH E 5 .   ? -8.838  5.236   -19.849 1.00 19.30 ? 210 HOH A O   1 
HETATM 1058 O  O   . HOH E 5 .   ? -10.116 2.592   3.528   1.00 22.14 ? 211 HOH A O   1 
HETATM 1059 O  O   . HOH E 5 .   ? 10.350  2.836   -8.834  1.00 16.94 ? 212 HOH A O   1 
HETATM 1060 O  O   . HOH E 5 .   ? 7.777   2.529   -10.156 1.00 18.68 ? 213 HOH A O   1 
HETATM 1061 O  O   . HOH E 5 .   ? -14.412 7.707   -1.737  1.00 21.33 ? 214 HOH A O   1 
HETATM 1062 O  O   . HOH E 5 .   ? 6.854   -0.039  -13.804 1.00 15.83 ? 215 HOH A O   1 
HETATM 1063 O  O   . HOH E 5 .   ? -5.667  -0.806  9.956   1.00 20.92 ? 216 HOH A O   1 
HETATM 1064 O  O   . HOH E 5 .   ? -1.109  -14.376 4.924   1.00 25.50 ? 217 HOH A O   1 
HETATM 1065 O  O   . HOH E 5 .   ? 7.540   -7.608  -8.454  1.00 23.28 ? 218 HOH A O   1 
HETATM 1066 O  O   . HOH E 5 .   ? -12.365 2.229   -18.457 1.00 24.47 ? 219 HOH A O   1 
HETATM 1067 O  O   . HOH E 5 .   ? -11.407 4.311   -20.114 1.00 21.98 ? 220 HOH A O   1 
HETATM 1068 O  O   . HOH E 5 .   ? 7.770   4.238   -12.602 1.00 21.27 ? 221 HOH A O   1 
HETATM 1069 O  O   . HOH E 5 .   ? -1.854  6.194   -20.457 1.00 20.62 ? 222 HOH A O   1 
HETATM 1070 O  O   . HOH E 5 .   ? 3.391   7.042   -14.416 1.00 19.87 ? 223 HOH A O   1 
HETATM 1071 O  O   . HOH E 5 .   ? -10.736 -0.111  3.036   1.00 21.39 ? 224 HOH A O   1 
HETATM 1072 O  O   . HOH E 5 .   ? -1.736  -9.672  -11.685 1.00 23.50 ? 225 HOH A O   1 
HETATM 1073 O  O   . HOH E 5 .   ? -0.357  9.465   -8.330  1.00 16.52 ? 226 HOH A O   1 
HETATM 1074 O  O   . HOH E 5 .   ? 7.420   -6.863  14.378  1.00 26.19 ? 227 HOH A O   1 
HETATM 1075 O  O   . HOH E 5 .   ? 0.691   -11.882 -3.362  1.00 23.23 ? 228 HOH A O   1 
HETATM 1076 O  O   . HOH E 5 .   ? 3.590   -7.601  -8.181  1.00 22.59 ? 229 HOH A O   1 
HETATM 1077 O  O   . HOH E 5 .   ? 7.060   -0.637  -11.150 1.00 19.30 ? 230 HOH A O   1 
HETATM 1078 O  O   . HOH E 5 .   ? -5.766  -5.656  -13.774 1.00 20.01 ? 231 HOH A O   1 
HETATM 1079 O  O   . HOH E 5 .   ? 4.689   9.731   8.791   1.00 27.42 ? 232 HOH A O   1 
HETATM 1080 O  O   . HOH E 5 .   ? -7.506  6.975   -23.194 1.00 22.78 ? 233 HOH A O   1 
HETATM 1081 O  O   . HOH E 5 .   ? -1.940  -6.954  17.901  1.00 26.28 ? 234 HOH A O   1 
HETATM 1082 O  O   . HOH E 5 .   ? 9.399   -3.634  -9.433  1.00 22.07 ? 235 HOH A O   1 
HETATM 1083 O  O   . HOH E 5 .   ? -3.349  -6.635  -15.352 1.00 24.40 ? 236 HOH A O   1 
HETATM 1084 O  O   . HOH E 5 .   ? -13.892 9.792   -6.022  1.00 21.40 ? 237 HOH A O   1 
HETATM 1085 O  O   . HOH E 5 .   ? 7.773   -10.151 11.278  1.00 22.47 ? 238 HOH A O   1 
HETATM 1086 O  O   . HOH E 5 .   ? 2.367   3.118   -15.951 1.00 20.23 ? 239 HOH A O   1 
HETATM 1087 O  O   . HOH E 5 .   ? -12.307 -5.055  -9.208  1.00 22.59 ? 240 HOH A O   1 
HETATM 1088 O  O   . HOH E 5 .   ? 1.433   -8.497  -9.446  1.00 24.35 ? 241 HOH A O   1 
HETATM 1089 O  O   . HOH E 5 .   ? 1.026   3.040   -18.335 1.00 26.86 ? 242 HOH A O   1 
HETATM 1090 O  O   . HOH E 5 .   ? 2.670   9.919   -16.863 1.00 29.36 ? 243 HOH A O   1 
HETATM 1091 O  O   . HOH E 5 .   ? -3.426  3.526   7.864   1.00 34.63 ? 244 HOH A O   1 
HETATM 1092 O  O   . HOH E 5 .   ? -5.838  -7.848  -12.343 1.00 28.64 ? 245 HOH A O   1 
HETATM 1093 O  O   . HOH E 5 .   ? -8.599  -8.120  -9.590  1.00 22.32 ? 246 HOH A O   1 
HETATM 1094 O  O   . HOH E 5 .   ? -3.603  -9.013  -13.565 1.00 28.83 ? 247 HOH A O   1 
HETATM 1095 O  O   . HOH E 5 .   ? -16.741 6.513   -0.986  1.00 27.12 ? 248 HOH A O   1 
HETATM 1096 O  O   . HOH E 5 .   ? -3.645  14.343  0.085   1.00 24.83 ? 249 HOH A O   1 
HETATM 1097 O  O   . HOH E 5 .   ? 2.581   5.965   7.335   1.00 29.75 ? 250 HOH A O   1 
HETATM 1098 O  O   . HOH E 5 .   ? 16.092  -4.148  5.574   1.00 29.08 ? 251 HOH A O   1 
HETATM 1099 O  O   . HOH E 5 .   ? -6.540  9.562   -16.150 1.00 29.81 ? 252 HOH A O   1 
HETATM 1100 O  O   . HOH E 5 .   ? 10.967  -9.740  -2.206  1.00 23.43 ? 253 HOH A O   1 
HETATM 1101 O  O   . HOH E 5 .   ? 3.669   8.931   -6.688  1.00 24.47 ? 254 HOH A O   1 
HETATM 1102 O  O   . HOH E 5 .   ? 7.708   5.203   -8.857  1.00 27.45 ? 255 HOH A O   1 
HETATM 1103 O  O   . HOH E 5 .   ? -11.000 -6.931  -10.300 1.00 34.36 ? 256 HOH A O   1 
HETATM 1104 O  O   . HOH E 5 .   ? -2.765  -4.328  17.188  1.00 26.10 ? 257 HOH A O   1 
HETATM 1105 O  O   . HOH E 5 .   ? -13.676 -5.513  -6.984  1.00 25.39 ? 258 HOH A O   1 
HETATM 1106 O  O   . HOH E 5 .   ? -10.822 -1.220  -17.007 1.00 24.91 ? 259 HOH A O   1 
HETATM 1107 O  O   . HOH E 5 .   ? -5.842  1.331   -23.353 1.00 24.29 ? 260 HOH A O   1 
HETATM 1108 O  O   . HOH E 5 .   ? 11.370  -5.096  -0.927  1.00 30.25 ? 261 HOH A O   1 
HETATM 1109 O  O   . HOH E 5 .   ? -13.781 -1.707  -13.111 1.00 29.08 ? 262 HOH A O   1 
HETATM 1110 O  O   . HOH E 5 .   ? -9.820  -3.050  8.452   1.00 31.89 ? 263 HOH A O   1 
HETATM 1111 O  O   . HOH E 5 .   ? -2.711  -13.480 6.904   1.00 26.15 ? 264 HOH A O   1 
HETATM 1112 O  O   . HOH E 5 .   ? -11.863 11.425  -6.764  1.00 27.27 ? 265 HOH A O   1 
HETATM 1113 O  O   . HOH E 5 .   ? -7.993  -1.934  -16.843 1.00 31.81 ? 266 HOH A O   1 
HETATM 1114 O  O   . HOH E 5 .   ? 11.248  9.876   3.261   1.00 27.77 ? 267 HOH A O   1 
HETATM 1115 O  O   . HOH E 5 .   ? 0.739   -5.960  15.078  1.00 26.46 ? 268 HOH A O   1 
HETATM 1116 O  O   . HOH E 5 .   ? 5.736   7.681   -8.136  1.00 24.24 ? 269 HOH A O   1 
HETATM 1117 O  O   . HOH E 5 .   ? 7.700   -12.529 4.323   1.00 26.36 ? 270 HOH A O   1 
HETATM 1118 O  O   . HOH E 5 .   ? 1.182   -14.674 6.273   1.00 30.10 ? 271 HOH A O   1 
HETATM 1119 O  O   . HOH E 5 .   ? -3.936  6.928   5.475   1.00 33.17 ? 272 HOH A O   1 
HETATM 1120 O  O   . HOH E 5 .   ? -5.023  -15.006 6.156   1.00 36.24 ? 273 HOH A O   1 
HETATM 1121 O  O   . HOH E 5 .   ? 12.171  -7.687  -0.525  1.00 29.52 ? 274 HOH A O   1 
HETATM 1122 O  O   . HOH E 5 .   ? -17.368 10.222  -7.724  1.00 29.62 ? 275 HOH A O   1 
HETATM 1123 O  O   . HOH E 5 .   ? -15.232 3.708   -14.977 1.00 29.55 ? 276 HOH A O   1 
HETATM 1124 O  O   . HOH E 5 .   ? -6.341  -2.835  15.737  1.00 30.84 ? 277 HOH A O   1 
HETATM 1125 O  O   . HOH E 5 .   ? 4.778   12.706  6.345   1.00 28.42 ? 278 HOH A O   1 
HETATM 1126 O  O   . HOH E 5 .   ? 14.010  -6.806  -2.715  1.00 33.04 ? 279 HOH A O   1 
HETATM 1127 O  O   . HOH E 5 .   ? -13.519 11.465  4.045   1.00 29.82 ? 280 HOH A O   1 
HETATM 1128 O  O   . HOH E 5 .   ? -1.052  -11.541 -7.731  1.00 24.54 ? 281 HOH A O   1 
HETATM 1129 O  O   . HOH E 5 .   ? -10.217 -9.730  7.151   1.00 24.63 ? 282 HOH A O   1 
HETATM 1130 O  O   . HOH E 5 .   ? 9.811   14.688  -2.849  1.00 23.75 ? 283 HOH A O   1 
HETATM 1131 O  O   . HOH E 5 .   ? -14.731 1.555   2.469   1.00 26.98 ? 284 HOH A O   1 
HETATM 1132 O  O   . HOH E 5 .   ? 10.152  10.079  -7.560  1.00 28.97 ? 285 HOH A O   1 
HETATM 1133 O  O   . HOH E 5 .   ? 3.615   -14.401 4.905   1.00 28.82 ? 286 HOH A O   1 
HETATM 1134 O  O   . HOH E 5 .   ? 5.783   6.622   -18.449 1.00 32.93 ? 287 HOH A O   1 
HETATM 1135 O  O   . HOH E 5 .   ? 12.638  -3.083  16.896  1.00 32.97 ? 288 HOH A O   1 
HETATM 1136 O  O   . HOH E 5 .   ? 1.318   -6.654  -11.672 1.00 30.38 ? 289 HOH A O   1 
HETATM 1137 O  O   . HOH E 5 .   ? 14.576  -6.995  8.650   1.00 28.39 ? 290 HOH A O   1 
HETATM 1138 O  O   . HOH E 5 .   ? 1.679   -14.015 -2.294  1.00 28.38 ? 291 HOH A O   1 
HETATM 1139 O  O   . HOH E 5 .   ? 10.380  -12.276 4.216   1.00 31.04 ? 292 HOH A O   1 
HETATM 1140 O  O   . HOH E 5 .   ? -11.622 13.089  -4.708  1.00 35.85 ? 293 HOH A O   1 
HETATM 1141 O  O   . HOH E 5 .   ? -1.268  -21.471 1.769   1.00 34.95 ? 294 HOH A O   1 
HETATM 1142 O  O   . HOH E 5 .   ? 5.378   -12.900 6.119   1.00 32.49 ? 295 HOH A O   1 
HETATM 1143 O  O   . HOH E 5 .   ? -7.229  13.308  4.484   1.00 33.37 ? 296 HOH A O   1 
HETATM 1144 O  O   . HOH E 5 .   ? -15.100 -4.698  -4.345  1.00 36.42 ? 297 HOH A O   1 
HETATM 1145 O  O   . HOH E 5 .   ? -10.883 2.808   -22.495 1.00 34.72 ? 298 HOH A O   1 
HETATM 1146 O  O   . HOH E 5 .   ? -4.743  -0.663  -21.852 1.00 32.15 ? 299 HOH A O   1 
HETATM 1147 O  O   . HOH E 5 .   ? 15.616  2.013   10.463  1.00 35.94 ? 300 HOH A O   1 
HETATM 1148 O  O   . HOH E 5 .   ? -10.311 11.502  7.142   1.00 32.90 ? 301 HOH A O   1 
HETATM 1149 O  O   . HOH E 5 .   ? 2.380   -10.447 -4.748  1.00 37.47 ? 302 HOH A O   1 
HETATM 1150 O  O   . HOH E 5 .   ? -8.509  1.537   -22.034 1.00 24.81 ? 303 HOH A O   1 
HETATM 1151 O  O   . HOH E 5 .   ? 5.300   4.033   -19.399 1.00 30.97 ? 304 HOH A O   1 
HETATM 1152 O  O   . HOH E 5 .   ? -6.723  14.140  -2.537  1.00 30.79 ? 305 HOH A O   1 
HETATM 1153 O  O   . HOH E 5 .   ? -4.691  1.878   9.622   1.00 36.55 ? 306 HOH A O   1 
HETATM 1154 O  O   . HOH E 5 .   ? -9.657  14.620  -3.758  1.00 37.20 ? 307 HOH A O   1 
HETATM 1155 O  O   . HOH E 5 .   ? 5.795   6.483   -15.790 1.00 28.85 ? 308 HOH A O   1 
HETATM 1156 O  O   . HOH E 5 .   ? -1.070  -17.655 -1.816  1.00 31.06 ? 309 HOH A O   1 
HETATM 1157 O  O   . HOH E 5 .   ? -5.030  -13.792 -6.031  1.00 29.42 ? 310 HOH A O   1 
HETATM 1158 O  O   . HOH E 5 .   ? 7.738   9.399   -9.074  1.00 29.01 ? 311 HOH A O   1 
HETATM 1159 O  O   . HOH E 5 .   ? 12.251  -10.553 5.206   1.00 30.51 ? 312 HOH A O   1 
HETATM 1160 O  O   . HOH E 5 .   ? 14.135  4.248   9.607   1.00 41.20 ? 313 HOH A O   1 
HETATM 1161 O  O   . HOH E 5 .   ? -7.010  5.663   6.782   1.00 43.22 ? 314 HOH A O   1 
HETATM 1162 O  O   . HOH E 5 .   ? -16.085 -4.619  -7.402  1.00 31.70 ? 315 HOH A O   1 
HETATM 1163 O  O   . HOH E 5 .   ? -13.395 12.973  -2.759  1.00 39.01 ? 316 HOH A O   1 
HETATM 1164 O  O   . HOH E 5 .   ? 5.748   -7.762  16.439  1.00 44.31 ? 317 HOH A O   1 
HETATM 1165 O  O   . HOH E 5 .   ? -5.084  13.262  -10.557 1.00 37.89 ? 318 HOH A O   1 
HETATM 1166 O  O   . HOH E 5 .   ? 4.148   -11.776 8.103   1.00 32.26 ? 319 HOH A O   1 
HETATM 1167 O  O   . HOH E 5 .   ? -2.683  13.935  3.005   1.00 31.70 ? 320 HOH A O   1 
HETATM 1168 O  O   . HOH E 5 .   ? 6.413   -10.313 -5.904  1.00 33.14 ? 321 HOH A O   1 
HETATM 1169 O  O   . HOH E 5 .   ? -17.829 5.429   -8.342  1.00 40.60 ? 322 HOH A O   1 
HETATM 1170 O  O   . HOH E 5 .   ? 2.181   12.946  7.404   1.00 42.11 ? 323 HOH A O   1 
HETATM 1171 O  O   . HOH E 5 .   ? -0.694  -0.863  -19.745 1.00 31.71 ? 324 HOH A O   1 
HETATM 1172 O  O   . HOH E 5 .   ? -7.425  10.817  0.893   1.00 34.58 ? 325 HOH A O   1 
HETATM 1173 O  O   . HOH E 5 .   ? 0.949   -12.402 -6.293  1.00 39.27 ? 326 HOH A O   1 
HETATM 1174 O  O   . HOH E 5 .   ? 13.466  -3.248  -7.067  1.00 37.94 ? 327 HOH A O   1 
HETATM 1175 O  O   . HOH E 5 .   ? -17.201 11.830  -5.503  1.00 38.05 ? 328 HOH A O   1 
HETATM 1176 O  O   . HOH E 5 .   ? 4.544   -6.146  -11.901 1.00 41.30 ? 329 HOH A O   1 
HETATM 1177 O  O   . HOH E 5 .   ? -20.387 1.390   -6.641  1.00 36.24 ? 330 HOH A O   1 
HETATM 1178 O  O   . HOH E 5 .   ? 2.674   14.319  4.619   1.00 31.14 ? 331 HOH A O   1 
HETATM 1179 O  O   . HOH E 5 .   ? 19.416  -0.006  -1.508  1.00 42.59 ? 332 HOH A O   1 
HETATM 1180 O  O   . HOH E 5 .   ? 4.974   2.956   -16.428 1.00 35.31 ? 333 HOH A O   1 
HETATM 1181 O  O   . HOH E 5 .   ? 9.940   -6.734  18.188  1.00 38.53 ? 334 HOH A O   1 
HETATM 1182 O  O   . HOH E 5 .   ? 3.289   -10.347 15.567  1.00 30.45 ? 335 HOH A O   1 
HETATM 1183 O  O   . HOH E 5 .   ? -10.742 8.142   8.601   1.00 36.30 ? 336 HOH A O   1 
HETATM 1184 O  O   . HOH E 5 .   ? 15.456  -2.169  3.447   1.00 28.23 ? 337 HOH A O   1 
HETATM 1185 O  O   . HOH E 5 .   ? 0.625   -9.029  -13.084 1.00 33.77 ? 338 HOH A O   1 
HETATM 1186 O  O   . HOH E 5 .   ? -10.096 3.753   6.254   1.00 38.39 ? 339 HOH A O   1 
HETATM 1187 O  O   . HOH E 5 .   ? 3.435   3.212   -21.173 1.00 39.61 ? 340 HOH A O   1 
HETATM 1188 O  O   . HOH E 5 .   ? -0.145  -3.573  -19.088 1.00 35.68 ? 341 HOH A O   1 
HETATM 1189 O  O   . HOH E 5 .   ? -7.674  -5.656  -15.493 1.00 42.69 ? 342 HOH A O   1 
HETATM 1190 O  O   . HOH E 5 .   ? -6.088  -1.369  12.561  1.00 35.91 ? 343 HOH A O   1 
HETATM 1191 O  O   . HOH E 5 .   ? -14.788 3.731   -17.555 1.00 32.42 ? 344 HOH A O   1 
HETATM 1192 O  O   . HOH E 5 .   ? -3.954  7.652   8.232   1.00 38.18 ? 345 HOH A O   1 
HETATM 1193 O  O   . HOH E 5 .   ? -1.473  -14.127 9.170   1.00 37.70 ? 346 HOH A O   1 
HETATM 1194 O  O   . HOH E 5 .   ? 7.253   -14.521 1.602   1.00 37.71 ? 347 HOH A O   1 
HETATM 1195 O  O   . HOH E 5 .   ? -9.983  -0.528  -20.822 1.00 39.19 ? 348 HOH A O   1 
HETATM 1196 O  O   . HOH E 5 .   ? 17.635  -3.287  1.606   1.00 41.93 ? 349 HOH A O   1 
HETATM 1197 O  O   . HOH E 5 .   ? -5.462  -3.931  18.098  1.00 36.75 ? 350 HOH A O   1 
HETATM 1198 O  O   . HOH E 5 .   ? -3.421  15.419  -4.562  1.00 35.78 ? 351 HOH A O   1 
HETATM 1199 O  O   . HOH E 5 .   ? -17.533 4.014   -1.844  1.00 39.88 ? 352 HOH A O   1 
HETATM 1200 O  O   . HOH E 5 .   ? 6.951   11.817  -5.609  1.00 29.24 ? 353 HOH A O   1 
HETATM 1201 O  O   . HOH E 5 .   ? -7.518  -13.376 -6.079  1.00 29.17 ? 354 HOH A O   1 
HETATM 1202 O  O   . HOH E 5 .   ? 17.099  -0.733  0.896   1.00 42.72 ? 355 HOH A O   1 
HETATM 1203 O  O   . HOH E 5 .   ? -3.060  -11.919 11.640  1.00 36.33 ? 356 HOH A O   1 
HETATM 1204 O  O   . HOH E 5 .   ? 7.832   -9.544  14.445  1.00 35.76 ? 357 HOH A O   1 
HETATM 1205 O  O   . HOH E 5 .   ? 9.132   8.826   11.837  1.00 34.39 ? 358 HOH A O   1 
HETATM 1206 O  O   . HOH E 5 .   ? 12.304  8.140   -4.455  1.00 36.87 ? 359 HOH A O   1 
HETATM 1207 O  O   . HOH E 5 .   ? 1.595   -16.432 -1.300  1.00 40.98 ? 360 HOH A O   1 
HETATM 1208 O  O   . HOH E 5 .   ? 5.611   -16.888 0.212   1.00 46.86 ? 361 HOH A O   1 
HETATM 1209 O  O   . HOH E 5 .   ? -12.990 -6.999  8.690   1.00 40.40 ? 362 HOH A O   1 
HETATM 1210 O  O   . HOH E 5 .   ? -11.290 -12.199 7.349   1.00 36.19 ? 363 HOH A O   1 
HETATM 1211 O  O   . HOH E 5 .   ? -7.934  -3.832  11.847  1.00 36.90 ? 364 HOH A O   1 
HETATM 1212 O  O   . HOH E 5 .   ? -8.928  -15.617 2.021   1.00 39.66 ? 365 HOH A O   1 
HETATM 1213 O  O   . HOH E 5 .   ? -11.979 -10.463 -6.182  1.00 38.79 ? 366 HOH A O   1 
HETATM 1214 O  O   . HOH E 5 .   ? -8.208  -9.048  -12.082 1.00 30.97 ? 367 HOH A O   1 
HETATM 1215 O  O   . HOH E 5 .   ? -10.127 -10.063 -10.548 1.00 39.87 ? 368 HOH A O   1 
HETATM 1216 O  O   . HOH E 5 .   ? -7.669  -11.659 -12.299 1.00 40.29 ? 369 HOH A O   1 
HETATM 1217 O  O   . HOH E 5 .   ? 0.839   -6.237  -15.248 1.00 37.29 ? 370 HOH A O   1 
HETATM 1218 O  O   . HOH E 5 .   ? -9.619  -5.257  -18.499 1.00 42.58 ? 371 HOH A O   1 
HETATM 1219 O  O   . HOH E 5 .   ? -1.107  13.252  -18.175 1.00 33.75 ? 372 HOH A O   1 
HETATM 1220 O  O   . HOH E 5 .   ? -3.798  10.890  -15.024 1.00 23.32 ? 373 HOH A O   1 
HETATM 1221 O  O   . HOH E 5 .   ? -5.597  -4.783  -18.262 1.00 40.49 ? 374 HOH A O   1 
HETATM 1222 O  O   . HOH E 5 .   ? -14.093 -4.140  -11.136 1.00 38.65 ? 375 HOH A O   1 
HETATM 1223 O  O   . HOH E 5 .   ? 3.947   -9.613  -6.591  1.00 37.11 ? 376 HOH A O   1 
HETATM 1224 O  O   . HOH E 5 .   ? 7.067   -15.240 7.631   1.00 45.30 ? 377 HOH A O   1 
HETATM 1225 O  O   . HOH E 5 .   ? 9.392   -12.080 11.313  1.00 42.95 ? 378 HOH A O   1 
HETATM 1226 O  O   . HOH E 5 .   ? 11.678  -11.523 12.174  1.00 51.35 ? 379 HOH A O   1 
HETATM 1227 O  O   . HOH E 5 .   ? 13.194  1.170   11.971  1.00 40.91 ? 380 HOH A O   1 
HETATM 1228 O  O   . HOH E 5 .   ? 14.257  0.880   14.406  1.00 36.64 ? 381 HOH A O   1 
HETATM 1229 O  O   . HOH E 5 .   ? 10.564  2.101   16.930  1.00 44.37 ? 382 HOH A O   1 
HETATM 1230 O  O   . HOH E 5 .   ? -4.023  -8.424  19.005  1.00 46.84 ? 383 HOH A O   1 
HETATM 1231 O  O   . HOH E 5 .   ? 15.477  -7.673  2.888   1.00 41.32 ? 384 HOH A O   1 
HETATM 1232 O  O   . HOH E 5 .   ? 16.609  -3.647  -3.056  1.00 49.18 ? 385 HOH A O   1 
HETATM 1233 O  O   . HOH E 5 .   ? 17.694  -6.586  -0.063  1.00 46.74 ? 386 HOH A O   1 
HETATM 1234 O  O   . HOH E 5 .   ? 12.049  -9.121  -6.529  1.00 36.87 ? 387 HOH A O   1 
HETATM 1235 O  O   . HOH E 5 .   ? 14.795  1.890   -8.221  1.00 36.63 ? 388 HOH A O   1 
HETATM 1236 O  O   . HOH E 5 .   ? 17.429  1.484   -8.665  1.00 37.90 ? 389 HOH A O   1 
HETATM 1237 O  O   . HOH E 5 .   ? 3.284   -6.673  15.329  1.00 33.67 ? 390 HOH A O   1 
HETATM 1238 O  O   . HOH E 5 .   ? 1.229   15.241  1.054   1.00 30.98 ? 391 HOH A O   1 
HETATM 1239 O  O   . HOH E 5 .   ? -11.104 6.498   4.066   1.00 21.73 ? 392 HOH A O   1 
HETATM 1240 O  O   . HOH E 5 .   ? -13.477 7.537   5.398   1.00 44.57 ? 393 HOH A O   1 
HETATM 1241 O  O   . HOH E 5 .   ? -13.123 -1.030  3.361   1.00 44.15 ? 394 HOH A O   1 
HETATM 1242 O  O   . HOH E 5 .   ? -14.305 -2.656  6.678   1.00 40.08 ? 395 HOH A O   1 
HETATM 1243 O  O   . HOH E 5 .   ? -15.884 6.330   -11.919 1.00 38.66 ? 396 HOH A O   1 
HETATM 1244 O  O   . HOH E 5 .   ? 2.896   10.958  -3.091  1.00 23.92 ? 397 HOH A O   1 
HETATM 1245 O  O   . HOH E 5 .   ? 3.203   15.372  -7.441  1.00 44.97 ? 398 HOH A O   1 
HETATM 1246 O  O   . HOH E 5 .   ? 4.380   11.184  -5.460  1.00 32.93 ? 399 HOH A O   1 
# 
